data_5V5X
#
_entry.id   5V5X
#
_cell.length_a   68.242
_cell.length_b   91.762
_cell.length_c   452.991
_cell.angle_alpha   90.00
_cell.angle_beta   90.00
_cell.angle_gamma   90.00
#
_symmetry.space_group_name_H-M   'P 21 21 21'
#
loop_
_entity.id
_entity.type
_entity.pdbx_description
1 polymer 'MCG133388, isoform CRA_y'
2 branched 2-acetamido-2-deoxy-beta-D-glucopyranose-(1-4)-[alpha-L-fucopyranose-(1-6)]2-acetamido-2-deoxy-beta-D-glucopyranose
3 branched 2-acetamido-2-deoxy-beta-D-glucopyranose-(1-4)-2-acetamido-2-deoxy-beta-D-glucopyranose
4 branched beta-D-mannopyranose-(1-4)-2-acetamido-2-deoxy-beta-D-glucopyranose-(1-4)-2-acetamido-2-deoxy-beta-D-glucopyranose
5 branched alpha-L-fucopyranose-(1-6)-2-acetamido-2-deoxy-beta-D-glucopyranose
6 non-polymer 'CALCIUM ION'
7 non-polymer alpha-D-mannopyranose
8 non-polymer 2-acetamido-2-deoxy-beta-D-glucopyranose
#
_entity_poly.entity_id   1
_entity_poly.type   'polypeptide(L)'
_entity_poly.pdbx_seq_one_letter_code
;NRPVFSQDVYRVRLPEDLPPGTTVLRLKAMDQDEGINAEFTYSFLGVANKAQFSLDPITGDIVTRQSLDFEEVEQYTIDV
EAKDRGSLSSQCKVIIEVLDENDNRPEIIITSLSDQISEDSPSGTVVALFKVRDRDSGENAEVMCSLSGNNPFKIHSSSN
NYYKLVTDSILDREQTPGYNVTITATDRGKPPLSSSTTITLNVADVNDNAPVFQQQAYLINVAENNQPGTSITQVKAWDP
DVGSNGLVSYSIIASDLEPKALSSFVSVNQDSGVVYAQRAFDHEQIRSFQLTLQARDQGSPALSANVSMRVLVDDRNDNA
PRVLYPTLEPDGSALFDMVPRAAEPGYLVTKVVAVDADSGHNAWLSYHVLQASDPGLFSLGLRTGEVRTARALSDKDAAR
QRLLVAVRDGGQPPLSATATLLLVFADSLQEHHHHHHHH
;
_entity_poly.pdbx_strand_id   A,B,C,D
#
loop_
_chem_comp.id
_chem_comp.type
_chem_comp.name
_chem_comp.formula
BMA D-saccharide, beta linking beta-D-mannopyranose 'C6 H12 O6'
CA non-polymer 'CALCIUM ION' 'Ca 2'
FUC L-saccharide, alpha linking alpha-L-fucopyranose 'C6 H12 O5'
MAN D-saccharide, alpha linking alpha-D-mannopyranose 'C6 H12 O6'
NAG D-saccharide, beta linking 2-acetamido-2-deoxy-beta-D-glucopyranose 'C8 H15 N O6'
#
# COMPACT_ATOMS: atom_id res chain seq x y z
N ASN A 1 60.39 13.66 21.60
CA ASN A 1 59.56 14.18 20.51
C ASN A 1 58.29 14.80 21.07
N ARG A 2 57.70 15.73 20.32
CA ARG A 2 56.48 16.41 20.72
C ARG A 2 55.36 16.10 19.75
N PRO A 3 54.18 15.76 20.23
CA PRO A 3 53.05 15.56 19.31
C PRO A 3 52.56 16.88 18.75
N VAL A 4 52.22 16.87 17.46
CA VAL A 4 51.62 18.02 16.81
C VAL A 4 50.43 17.54 15.98
N PHE A 5 49.28 18.18 16.18
CA PHE A 5 48.08 17.83 15.45
C PHE A 5 48.04 18.54 14.10
N SER A 6 47.41 17.89 13.12
CA SER A 6 47.29 18.49 11.80
C SER A 6 46.55 19.81 11.85
N GLN A 7 45.51 19.89 12.68
CA GLN A 7 44.70 21.10 12.82
C GLN A 7 44.42 21.34 14.29
N ASP A 8 44.27 22.61 14.64
CA ASP A 8 43.86 22.95 16.01
C ASP A 8 42.37 22.73 16.21
N VAL A 9 41.58 22.62 15.15
CA VAL A 9 40.15 22.38 15.26
C VAL A 9 39.71 21.51 14.08
N TYR A 10 39.02 20.42 14.37
CA TYR A 10 38.48 19.52 13.37
C TYR A 10 36.97 19.65 13.31
N ARG A 11 36.43 19.73 12.10
CA ARG A 11 34.99 19.87 11.90
C ARG A 11 34.49 18.70 11.09
N VAL A 12 33.53 17.95 11.64
CA VAL A 12 32.89 16.84 10.97
C VAL A 12 31.39 17.06 10.99
N ARG A 13 30.70 16.55 9.98
CA ARG A 13 29.27 16.75 9.80
C ARG A 13 28.60 15.40 9.68
N LEU A 14 27.68 15.10 10.60
CA LEU A 14 27.07 13.78 10.70
C LEU A 14 25.56 13.90 10.51
N PRO A 15 24.97 13.19 9.55
CA PRO A 15 23.51 13.10 9.50
C PRO A 15 22.98 12.39 10.74
N GLU A 16 21.83 12.85 11.24
CA GLU A 16 21.31 12.33 12.49
C GLU A 16 20.92 10.87 12.41
N ASP A 17 20.76 10.30 11.21
CA ASP A 17 20.46 8.89 11.04
C ASP A 17 21.72 8.04 10.95
N LEU A 18 22.86 8.58 11.33
CA LEU A 18 24.12 7.86 11.28
C LEU A 18 24.07 6.66 12.22
N PRO A 19 24.37 5.45 11.74
CA PRO A 19 24.28 4.29 12.62
C PRO A 19 25.26 4.41 13.76
N PRO A 20 24.92 3.89 14.94
CA PRO A 20 25.86 3.93 16.06
C PRO A 20 26.98 2.93 15.83
N GLY A 21 28.16 3.27 16.34
CA GLY A 21 29.33 2.44 16.14
C GLY A 21 30.14 2.76 14.91
N THR A 22 29.70 3.73 14.09
CA THR A 22 30.47 4.12 12.93
C THR A 22 31.59 5.07 13.32
N THR A 23 32.70 4.99 12.60
CA THR A 23 33.90 5.76 12.91
C THR A 23 33.72 7.19 12.46
N VAL A 24 33.60 8.11 13.43
CA VAL A 24 33.43 9.52 13.10
C VAL A 24 34.72 10.11 12.55
N LEU A 25 35.82 9.95 13.29
CA LEU A 25 37.05 10.60 12.87
C LEU A 25 38.22 9.79 13.39
N ARG A 26 39.33 9.79 12.65
CA ARG A 26 40.56 9.16 13.12
C ARG A 26 41.61 10.25 13.32
N LEU A 27 41.82 10.65 14.57
CA LEU A 27 42.90 11.58 14.90
C LEU A 27 44.21 10.84 14.95
N LYS A 28 45.20 11.31 14.19
CA LYS A 28 46.54 10.75 14.22
C LYS A 28 47.52 11.90 14.44
N ALA A 29 47.91 12.12 15.69
CA ALA A 29 49.03 13.01 15.97
C ALA A 29 50.31 12.42 15.40
N MET A 30 51.26 13.29 15.06
CA MET A 30 52.51 12.86 14.50
C MET A 30 53.65 13.68 15.09
N ASP A 31 54.87 13.18 14.91
CA ASP A 31 56.06 13.96 15.22
C ASP A 31 56.30 14.96 14.09
N GLN A 32 57.04 16.03 14.41
CA GLN A 32 57.23 17.11 13.44
C GLN A 32 58.09 16.65 12.26
N ASP A 33 59.08 15.79 12.50
CA ASP A 33 59.90 15.27 11.41
C ASP A 33 59.05 14.40 10.49
N GLU A 34 59.13 14.68 9.19
CA GLU A 34 58.37 13.88 8.22
C GLU A 34 58.87 12.44 8.18
N GLY A 35 60.18 12.25 8.38
CA GLY A 35 60.73 10.91 8.34
C GLY A 35 60.42 10.11 9.60
N ILE A 36 60.45 10.77 10.76
CA ILE A 36 60.19 10.08 12.01
C ILE A 36 58.73 9.66 12.09
N ASN A 37 58.50 8.39 12.41
CA ASN A 37 57.17 7.86 12.68
C ASN A 37 57.06 7.54 14.16
N ALA A 38 56.02 8.05 14.81
CA ALA A 38 55.82 7.86 16.24
C ALA A 38 54.34 7.63 16.51
N GLU A 39 54.06 7.15 17.73
CA GLU A 39 52.70 6.91 18.17
C GLU A 39 52.50 7.56 19.53
N PHE A 40 51.25 7.94 19.81
CA PHE A 40 50.88 8.63 21.04
C PHE A 40 49.62 8.01 21.62
N THR A 41 49.34 8.38 22.86
CA THR A 41 48.13 7.95 23.56
C THR A 41 47.18 9.13 23.68
N TYR A 42 45.95 8.94 23.21
CA TYR A 42 44.95 9.99 23.19
C TYR A 42 43.96 9.80 24.34
N SER A 43 43.29 10.90 24.71
CA SER A 43 42.37 10.88 25.82
C SER A 43 41.48 12.11 25.77
N PHE A 44 40.26 11.97 26.28
CA PHE A 44 39.36 13.11 26.42
C PHE A 44 39.90 14.08 27.46
N LEU A 45 39.86 15.37 27.14
CA LEU A 45 40.32 16.42 28.03
C LEU A 45 39.15 17.33 28.36
N GLY A 46 39.06 17.72 29.63
CA GLY A 46 37.97 18.59 30.06
C GLY A 46 36.62 17.91 29.93
N VAL A 47 35.58 18.77 29.90
CA VAL A 47 34.22 18.27 29.79
C VAL A 47 34.00 17.66 28.40
N ALA A 48 33.35 16.51 28.37
CA ALA A 48 33.02 15.84 27.10
C ALA A 48 31.86 14.88 27.35
N ASN A 49 31.04 14.71 26.32
CA ASN A 49 29.90 13.79 26.39
C ASN A 49 30.40 12.39 26.07
N LYS A 50 30.92 11.72 27.09
CA LYS A 50 31.42 10.36 26.91
C LYS A 50 30.32 9.37 26.56
N ALA A 51 29.05 9.76 26.70
CA ALA A 51 27.95 8.84 26.44
C ALA A 51 27.67 8.66 24.95
N GLN A 52 27.89 9.72 24.14
CA GLN A 52 27.60 9.65 22.72
C GLN A 52 28.82 9.30 21.87
N PHE A 53 30.03 9.61 22.35
CA PHE A 53 31.24 9.33 21.59
C PHE A 53 32.26 8.62 22.47
N SER A 54 33.02 7.72 21.86
CA SER A 54 34.10 7.01 22.50
C SER A 54 35.39 7.24 21.73
N LEU A 55 36.49 7.39 22.47
CA LEU A 55 37.81 7.66 21.89
C LEU A 55 38.75 6.53 22.23
N ASP A 56 39.36 5.94 21.21
CA ASP A 56 40.35 4.88 21.42
C ASP A 56 41.70 5.51 21.73
N PRO A 57 42.31 5.21 22.89
CA PRO A 57 43.57 5.87 23.25
C PRO A 57 44.75 5.51 22.34
N ILE A 58 44.63 4.45 21.53
CA ILE A 58 45.73 4.00 20.65
C ILE A 58 45.45 4.40 19.20
N THR A 59 44.34 3.91 18.63
CA THR A 59 44.01 4.29 17.25
C THR A 59 43.67 5.78 17.15
N GLY A 60 43.21 6.38 18.24
CA GLY A 60 42.90 7.79 18.25
C GLY A 60 41.68 8.18 17.47
N ASP A 61 40.72 7.28 17.31
CA ASP A 61 39.52 7.54 16.51
C ASP A 61 38.31 7.70 17.42
N ILE A 62 37.55 8.77 17.18
CA ILE A 62 36.26 9.00 17.83
C ILE A 62 35.19 8.27 17.05
N VAL A 63 34.33 7.54 17.77
CA VAL A 63 33.28 6.69 17.22
C VAL A 63 32.00 6.93 18.01
N THR A 64 30.87 6.99 17.32
CA THR A 64 29.57 7.16 17.97
C THR A 64 29.17 5.91 18.74
N ARG A 65 28.61 6.12 19.93
CA ARG A 65 28.15 5.01 20.77
C ARG A 65 26.65 4.76 20.68
N GLN A 66 25.84 5.82 20.75
CA GLN A 66 24.39 5.73 20.63
C GLN A 66 23.95 6.34 19.30
N SER A 67 22.65 6.25 19.03
CA SER A 67 22.09 6.87 17.84
C SER A 67 21.94 8.38 18.06
N LEU A 68 22.08 9.13 16.98
CA LEU A 68 22.05 10.59 17.04
C LEU A 68 20.64 11.13 16.81
N ASP A 69 20.40 12.33 17.34
CA ASP A 69 19.10 12.98 17.22
C ASP A 69 19.32 14.49 17.14
N PHE A 70 18.94 15.09 16.01
CA PHE A 70 19.14 16.53 15.86
C PHE A 70 18.24 17.33 16.79
N GLU A 71 17.02 16.84 17.01
CA GLU A 71 16.06 17.57 17.83
C GLU A 71 16.51 17.71 19.28
N GLU A 72 17.37 16.80 19.75
CA GLU A 72 17.86 16.86 21.13
C GLU A 72 19.08 17.77 21.24
N VAL A 73 20.18 17.41 20.57
CA VAL A 73 21.42 18.18 20.60
C VAL A 73 21.91 18.35 19.16
N GLU A 74 22.22 19.59 18.79
CA GLU A 74 22.59 19.88 17.41
C GLU A 74 24.08 19.75 17.14
N GLN A 75 24.92 19.99 18.14
CA GLN A 75 26.35 19.88 17.95
C GLN A 75 27.03 19.55 19.28
N TYR A 76 28.17 18.88 19.19
CA TYR A 76 28.99 18.54 20.33
C TYR A 76 30.40 19.12 20.14
N THR A 77 31.09 19.32 21.25
CA THR A 77 32.46 19.83 21.27
C THR A 77 33.31 18.90 22.12
N ILE A 78 34.46 18.51 21.58
CA ILE A 78 35.37 17.57 22.24
C ILE A 78 36.75 18.21 22.34
N ASP A 79 37.42 18.03 23.47
CA ASP A 79 38.81 18.45 23.65
C ASP A 79 39.66 17.19 23.80
N VAL A 80 40.45 16.88 22.77
CA VAL A 80 41.30 15.69 22.77
C VAL A 80 42.72 16.10 23.09
N GLU A 81 43.41 15.27 23.88
CA GLU A 81 44.81 15.48 24.25
C GLU A 81 45.64 14.30 23.78
N ALA A 82 46.68 14.58 23.00
CA ALA A 82 47.64 13.57 22.60
C ALA A 82 48.90 13.72 23.44
N LYS A 83 49.34 12.61 24.03
CA LYS A 83 50.55 12.59 24.84
C LYS A 83 51.44 11.44 24.38
N ASP A 84 52.75 11.67 24.44
CA ASP A 84 53.71 10.62 24.15
C ASP A 84 54.06 9.90 25.45
N ARG A 85 55.12 9.09 25.43
CA ARG A 85 55.57 8.39 26.62
C ARG A 85 56.16 9.35 27.64
N GLY A 86 56.60 10.52 27.22
CA GLY A 86 57.11 11.54 28.12
C GLY A 86 56.02 12.46 28.61
N SER A 87 56.44 13.61 29.13
CA SER A 87 55.52 14.60 29.66
C SER A 87 55.04 15.60 28.61
N LEU A 88 55.64 15.60 27.42
CA LEU A 88 55.22 16.50 26.36
C LEU A 88 53.80 16.16 25.92
N SER A 89 53.00 17.20 25.67
CA SER A 89 51.60 17.01 25.34
C SER A 89 51.17 18.02 24.28
N SER A 90 50.10 17.65 23.57
CA SER A 90 49.44 18.53 22.63
C SER A 90 47.94 18.34 22.79
N GLN A 91 47.17 19.33 22.34
CA GLN A 91 45.73 19.27 22.46
C GLN A 91 45.07 19.89 21.22
N CYS A 92 43.93 19.33 20.85
CA CYS A 92 43.12 19.85 19.75
C CYS A 92 41.65 19.73 20.12
N LYS A 93 40.79 20.29 19.28
CA LYS A 93 39.36 20.37 19.56
C LYS A 93 38.56 19.93 18.34
N VAL A 94 37.67 18.97 18.53
CA VAL A 94 36.80 18.45 17.47
C VAL A 94 35.41 19.03 17.67
N ILE A 95 34.92 19.75 16.66
CA ILE A 95 33.57 20.30 16.66
C ILE A 95 32.71 19.40 15.76
N ILE A 96 31.84 18.62 16.38
CA ILE A 96 30.96 17.71 15.67
C ILE A 96 29.61 18.39 15.49
N GLU A 97 29.12 18.40 14.25
CA GLU A 97 27.88 19.09 13.91
C GLU A 97 26.91 18.09 13.29
N VAL A 98 25.71 18.02 13.85
CA VAL A 98 24.69 17.10 13.36
C VAL A 98 23.82 17.82 12.34
N LEU A 99 23.47 17.11 11.27
CA LEU A 99 22.63 17.65 10.20
C LEU A 99 21.21 17.15 10.38
N ASP A 100 20.26 18.09 10.38
CA ASP A 100 18.86 17.73 10.57
C ASP A 100 18.35 16.91 9.39
N GLU A 101 17.59 15.87 9.69
CA GLU A 101 17.00 15.01 8.68
C GLU A 101 15.48 15.03 8.80
N ASN A 102 14.82 14.62 7.74
CA ASN A 102 13.36 14.63 7.67
C ASN A 102 12.82 13.31 8.24
N ASP A 103 13.00 13.14 9.54
CA ASP A 103 12.60 11.93 10.24
C ASP A 103 11.37 12.11 11.11
N ASN A 104 10.82 13.33 11.19
CA ASN A 104 9.59 13.59 11.93
C ASN A 104 8.56 14.17 10.98
N ARG A 105 7.36 13.59 10.96
CA ARG A 105 6.29 14.06 10.10
C ARG A 105 5.42 15.05 10.85
N PRO A 106 4.69 15.92 10.14
CA PRO A 106 3.90 16.94 10.82
C PRO A 106 2.58 16.41 11.35
N GLU A 107 2.21 16.88 12.54
CA GLU A 107 1.00 16.49 13.22
C GLU A 107 -0.01 17.62 13.18
N ILE A 108 -1.28 17.26 12.99
CA ILE A 108 -2.38 18.22 12.97
C ILE A 108 -3.06 18.21 14.33
N ILE A 109 -3.40 19.41 14.82
CA ILE A 109 -4.05 19.58 16.11
C ILE A 109 -5.27 20.47 15.85
N ILE A 110 -6.46 19.87 15.92
CA ILE A 110 -7.69 20.63 15.72
C ILE A 110 -7.96 21.45 16.98
N THR A 111 -7.49 22.70 16.98
CA THR A 111 -7.65 23.57 18.15
C THR A 111 -9.11 23.69 18.57
N SER A 112 -9.95 24.19 17.67
CA SER A 112 -11.37 24.39 17.96
C SER A 112 -12.18 24.08 16.72
N LEU A 113 -13.30 23.39 16.92
CA LEU A 113 -14.20 23.01 15.86
C LEU A 113 -15.57 23.61 16.16
N SER A 114 -16.18 24.23 15.17
CA SER A 114 -17.47 24.88 15.36
C SER A 114 -18.55 23.85 15.74
N ASP A 115 -19.46 24.27 16.62
CA ASP A 115 -20.53 23.38 17.06
C ASP A 115 -21.44 23.02 15.89
N GLN A 116 -21.98 24.03 15.21
CA GLN A 116 -22.72 23.83 13.97
C GLN A 116 -22.75 25.16 13.24
N ILE A 117 -22.86 25.08 11.91
CA ILE A 117 -22.89 26.26 11.06
C ILE A 117 -24.26 26.31 10.37
N SER A 118 -24.93 27.45 10.49
CA SER A 118 -26.21 27.61 9.80
C SER A 118 -25.98 27.79 8.31
N GLU A 119 -26.95 27.34 7.52
CA GLU A 119 -26.80 27.42 6.07
C GLU A 119 -26.81 28.83 5.54
N ASP A 120 -27.24 29.81 6.35
CA ASP A 120 -27.19 31.21 5.96
C ASP A 120 -25.89 31.89 6.34
N SER A 121 -24.97 31.17 6.98
CA SER A 121 -23.70 31.73 7.42
C SER A 121 -22.99 32.37 6.22
N PRO A 122 -22.47 33.59 6.36
CA PRO A 122 -21.87 34.27 5.21
C PRO A 122 -20.71 33.47 4.63
N SER A 123 -20.38 33.78 3.38
CA SER A 123 -19.18 33.23 2.79
C SER A 123 -17.97 33.79 3.51
N GLY A 124 -17.08 32.91 3.96
CA GLY A 124 -15.92 33.31 4.72
C GLY A 124 -15.99 33.08 6.21
N THR A 125 -17.04 32.43 6.70
CA THR A 125 -17.11 32.09 8.11
C THR A 125 -16.05 31.03 8.45
N VAL A 126 -15.50 31.14 9.65
CA VAL A 126 -14.46 30.24 10.11
C VAL A 126 -15.12 29.10 10.89
N VAL A 127 -15.01 27.88 10.38
CA VAL A 127 -15.64 26.71 10.99
C VAL A 127 -14.68 25.96 11.89
N ALA A 128 -13.40 25.85 11.53
CA ALA A 128 -12.44 25.11 12.32
C ALA A 128 -11.14 25.89 12.45
N LEU A 129 -10.55 25.83 13.63
CA LEU A 129 -9.19 26.30 13.88
C LEU A 129 -8.31 25.08 14.15
N PHE A 130 -7.13 25.05 13.53
CA PHE A 130 -6.21 23.95 13.74
C PHE A 130 -4.79 24.45 13.46
N LYS A 131 -3.82 23.77 14.08
CA LYS A 131 -2.41 24.09 13.89
C LYS A 131 -1.66 22.85 13.46
N VAL A 132 -0.52 23.06 12.82
CA VAL A 132 0.34 21.96 12.35
C VAL A 132 1.72 22.13 12.97
N ARG A 133 2.21 21.08 13.60
CA ARG A 133 3.51 21.10 14.27
C ARG A 133 4.45 20.10 13.63
N ASP A 134 5.70 20.51 13.44
CA ASP A 134 6.73 19.62 12.91
C ASP A 134 7.97 19.77 13.77
N ARG A 135 8.42 18.67 14.38
CA ARG A 135 9.55 18.74 15.31
C ARG A 135 10.88 18.98 14.60
N ASP A 136 10.95 18.72 13.30
CA ASP A 136 12.15 19.03 12.55
C ASP A 136 12.37 20.53 12.50
N SER A 137 13.54 20.92 12.00
CA SER A 137 13.87 22.31 11.80
C SER A 137 14.27 22.52 10.35
N GLY A 138 14.12 23.76 9.88
CA GLY A 138 14.48 24.07 8.51
C GLY A 138 13.36 23.75 7.54
N GLU A 139 13.74 23.42 6.31
CA GLU A 139 12.76 23.15 5.27
C GLU A 139 12.00 21.84 5.48
N ASN A 140 12.29 21.10 6.54
CA ASN A 140 11.49 19.95 6.94
C ASN A 140 10.42 20.33 7.95
N ALA A 141 10.36 21.60 8.36
CA ALA A 141 9.34 22.11 9.26
C ALA A 141 8.37 23.05 8.56
N GLU A 142 8.58 23.35 7.29
CA GLU A 142 7.65 24.13 6.49
C GLU A 142 6.68 23.17 5.80
N VAL A 143 5.39 23.32 6.10
CA VAL A 143 4.38 22.35 5.70
C VAL A 143 3.37 23.01 4.78
N MET A 144 2.87 22.24 3.81
CA MET A 144 1.77 22.63 2.95
C MET A 144 0.53 21.83 3.36
N CYS A 145 -0.54 22.54 3.69
CA CYS A 145 -1.80 21.92 4.10
C CYS A 145 -2.79 22.03 2.96
N SER A 146 -3.30 20.88 2.52
CA SER A 146 -4.30 20.83 1.45
C SER A 146 -5.40 19.88 1.88
N LEU A 147 -6.64 20.31 1.72
CA LEU A 147 -7.79 19.46 2.04
C LEU A 147 -8.32 18.81 0.77
N SER A 148 -8.80 17.59 0.92
CA SER A 148 -9.34 16.84 -0.20
C SER A 148 -10.84 17.06 -0.32
N GLY A 149 -11.34 16.89 -1.53
CA GLY A 149 -12.77 16.83 -1.76
C GLY A 149 -13.31 18.08 -2.44
N ASN A 150 -14.60 18.01 -2.72
CA ASN A 150 -15.37 19.06 -3.37
C ASN A 150 -16.00 20.03 -2.37
N ASN A 151 -15.88 19.76 -1.08
CA ASN A 151 -16.52 20.55 -0.04
C ASN A 151 -16.25 22.04 -0.23
N PRO A 152 -17.27 22.92 0.06
CA PRO A 152 -17.16 24.37 -0.05
C PRO A 152 -16.33 24.99 1.06
N PHE A 153 -15.17 24.40 1.33
CA PHE A 153 -14.22 24.91 2.29
C PHE A 153 -12.86 25.07 1.64
N LYS A 154 -12.10 26.05 2.11
CA LYS A 154 -10.71 26.22 1.70
C LYS A 154 -9.88 26.57 2.93
N ILE A 155 -8.59 26.23 2.88
CA ILE A 155 -7.70 26.45 4.00
C ILE A 155 -7.13 27.87 3.88
N HIS A 156 -7.51 28.74 4.80
CA HIS A 156 -6.89 30.05 4.93
C HIS A 156 -5.86 29.95 6.03
N SER A 157 -4.60 30.10 5.66
CA SER A 157 -3.52 30.10 6.63
C SER A 157 -3.68 31.29 7.57
N SER A 158 -3.20 31.09 8.80
CA SER A 158 -3.12 32.15 9.77
C SER A 158 -1.66 32.56 9.91
N SER A 159 -1.30 33.10 11.07
CA SER A 159 0.02 33.73 11.21
C SER A 159 1.16 32.72 11.24
N ASN A 160 1.26 31.93 12.30
CA ASN A 160 2.47 31.17 12.63
C ASN A 160 2.15 29.69 12.81
N ASN A 161 2.01 28.97 11.70
CA ASN A 161 1.64 27.56 11.69
C ASN A 161 0.33 27.32 12.45
N TYR A 162 -0.45 28.37 12.64
CA TYR A 162 -1.87 28.27 12.97
C TYR A 162 -2.65 28.36 11.66
N TYR A 163 -3.75 27.61 11.55
CA TYR A 163 -4.49 27.53 10.30
C TYR A 163 -5.98 27.66 10.57
N LYS A 164 -6.71 28.15 9.56
CA LYS A 164 -8.15 28.36 9.64
C LYS A 164 -8.86 27.61 8.52
N LEU A 165 -9.93 26.91 8.89
CA LEU A 165 -10.78 26.22 7.94
C LEU A 165 -12.00 27.11 7.71
N VAL A 166 -12.10 27.71 6.53
CA VAL A 166 -13.15 28.68 6.25
C VAL A 166 -13.93 28.28 5.01
N THR A 167 -15.09 28.88 4.86
CA THR A 167 -15.98 28.62 3.73
C THR A 167 -15.68 29.57 2.58
N ASP A 168 -15.95 29.08 1.36
CA ASP A 168 -15.80 29.89 0.15
C ASP A 168 -17.07 29.90 -0.70
N SER A 169 -18.16 29.30 -0.22
CA SER A 169 -19.41 29.24 -0.97
C SER A 169 -20.57 29.39 0.00
N ILE A 170 -21.79 29.38 -0.54
CA ILE A 170 -22.99 29.39 0.27
C ILE A 170 -23.38 27.95 0.59
N LEU A 171 -24.04 27.77 1.73
CA LEU A 171 -24.46 26.46 2.18
C LEU A 171 -25.96 26.27 1.92
N ASP A 172 -26.36 25.00 1.79
CA ASP A 172 -27.76 24.66 1.53
C ASP A 172 -28.02 23.31 2.18
N ARG A 173 -28.61 23.32 3.38
CA ARG A 173 -28.82 22.08 4.11
C ARG A 173 -29.71 21.12 3.33
N GLU A 174 -30.66 21.64 2.54
CA GLU A 174 -31.55 20.80 1.76
C GLU A 174 -30.84 20.13 0.59
N GLN A 175 -29.62 20.56 0.27
CA GLN A 175 -28.80 19.91 -0.76
C GLN A 175 -27.66 19.07 -0.20
N THR A 176 -27.00 19.51 0.88
CA THR A 176 -25.91 18.75 1.48
C THR A 176 -25.87 19.03 2.98
N PRO A 177 -26.31 18.10 3.80
CA PRO A 177 -26.45 18.38 5.23
C PRO A 177 -25.14 18.24 5.99
N GLY A 178 -24.23 17.42 5.44
CA GLY A 178 -23.00 17.09 6.12
C GLY A 178 -21.80 17.14 5.18
N TYR A 179 -20.61 17.15 5.78
CA TYR A 179 -19.36 17.21 5.04
C TYR A 179 -18.28 16.40 5.73
N ASN A 180 -17.56 15.59 4.93
CA ASN A 180 -16.40 14.81 5.36
C ASN A 180 -15.14 15.55 4.89
N VAL A 181 -14.55 16.35 5.77
CA VAL A 181 -13.36 17.14 5.43
C VAL A 181 -12.12 16.36 5.83
N THR A 182 -11.25 16.11 4.86
CA THR A 182 -9.98 15.41 5.10
C THR A 182 -8.84 16.39 4.86
N ILE A 183 -8.07 16.65 5.91
CA ILE A 183 -6.94 17.58 5.86
C ILE A 183 -5.65 16.77 5.76
N THR A 184 -4.86 17.05 4.72
CA THR A 184 -3.56 16.40 4.53
C THR A 184 -2.47 17.45 4.63
N ALA A 185 -1.53 17.24 5.54
CA ALA A 185 -0.36 18.11 5.73
C ALA A 185 0.88 17.40 5.22
N THR A 186 1.70 18.12 4.44
CA THR A 186 2.89 17.56 3.81
C THR A 186 4.04 18.54 3.96
N ASP A 187 5.09 18.17 4.69
CA ASP A 187 6.26 19.01 4.78
C ASP A 187 7.02 19.00 3.45
N ARG A 188 7.83 20.04 3.23
CA ARG A 188 8.50 20.24 1.96
C ARG A 188 9.93 19.74 1.95
N GLY A 189 10.30 18.87 2.89
CA GLY A 189 11.60 18.24 2.86
C GLY A 189 11.67 17.11 1.85
N LYS A 190 12.90 16.68 1.56
CA LYS A 190 13.15 15.60 0.62
C LYS A 190 13.86 14.46 1.33
N PRO A 191 13.24 13.27 1.47
CA PRO A 191 11.88 12.95 1.01
C PRO A 191 10.81 13.53 1.92
N PRO A 192 9.61 13.74 1.40
CA PRO A 192 8.54 14.33 2.20
C PRO A 192 7.73 13.30 2.97
N LEU A 193 7.18 13.75 4.08
CA LEU A 193 6.32 12.94 4.95
C LEU A 193 5.00 13.66 5.16
N SER A 194 3.91 12.95 4.96
CA SER A 194 2.58 13.54 5.03
C SER A 194 1.72 12.80 6.03
N SER A 195 0.74 13.51 6.59
CA SER A 195 -0.27 12.92 7.46
C SER A 195 -1.61 13.56 7.14
N SER A 196 -2.67 13.04 7.76
CA SER A 196 -4.01 13.56 7.48
C SER A 196 -4.93 13.27 8.66
N THR A 197 -5.84 14.21 8.92
CA THR A 197 -6.86 14.08 9.95
C THR A 197 -8.20 14.46 9.34
N THR A 198 -9.24 13.73 9.73
CA THR A 198 -10.57 13.91 9.15
C THR A 198 -11.55 14.42 10.20
N ILE A 199 -12.36 15.40 9.81
CA ILE A 199 -13.40 15.97 10.65
C ILE A 199 -14.71 16.00 9.88
N THR A 200 -15.81 16.01 10.65
CA THR A 200 -17.16 16.01 10.10
C THR A 200 -17.86 17.31 10.48
N LEU A 201 -18.54 17.92 9.50
CA LEU A 201 -19.23 19.18 9.72
C LEU A 201 -20.70 19.05 9.34
N ASN A 202 -21.57 19.61 10.17
CA ASN A 202 -23.01 19.56 9.93
C ASN A 202 -23.54 20.97 9.76
N VAL A 203 -24.31 21.19 8.70
CA VAL A 203 -24.87 22.49 8.42
C VAL A 203 -26.28 22.55 9.02
N ALA A 204 -26.57 23.65 9.71
CA ALA A 204 -27.82 23.80 10.43
C ALA A 204 -28.93 24.28 9.51
N ASP A 205 -30.17 24.06 9.94
CA ASP A 205 -31.33 24.44 9.16
C ASP A 205 -31.74 25.87 9.47
N VAL A 206 -32.13 26.59 8.43
CA VAL A 206 -32.69 27.94 8.53
C VAL A 206 -33.97 27.98 7.71
N ASN A 207 -34.99 28.66 8.24
CA ASN A 207 -36.27 28.72 7.55
C ASN A 207 -36.17 29.57 6.29
N ASP A 208 -35.51 29.04 5.25
CA ASP A 208 -35.36 29.73 3.99
C ASP A 208 -36.29 29.21 2.91
N ASN A 209 -37.02 28.12 3.17
CA ASN A 209 -37.94 27.54 2.22
C ASN A 209 -39.38 27.76 2.69
N ALA A 210 -40.22 28.21 1.78
CA ALA A 210 -41.65 28.30 2.06
C ALA A 210 -42.35 27.04 1.56
N PRO A 211 -43.39 26.59 2.27
CA PRO A 211 -44.12 25.41 1.81
C PRO A 211 -44.82 25.66 0.48
N VAL A 212 -45.09 24.58 -0.24
CA VAL A 212 -45.82 24.62 -1.49
C VAL A 212 -46.90 23.55 -1.47
N PHE A 213 -48.03 23.85 -2.10
CA PHE A 213 -49.13 22.89 -2.18
C PHE A 213 -48.87 21.88 -3.29
N GLN A 214 -49.46 20.69 -3.15
CA GLN A 214 -49.27 19.64 -4.15
C GLN A 214 -49.89 20.01 -5.49
N GLN A 215 -50.81 20.96 -5.53
CA GLN A 215 -51.41 21.44 -6.77
C GLN A 215 -51.41 22.95 -6.79
N GLN A 216 -51.21 23.52 -7.99
CA GLN A 216 -51.26 24.96 -8.15
C GLN A 216 -52.65 25.50 -7.84
N ALA A 217 -53.67 24.91 -8.45
CA ALA A 217 -55.06 25.26 -8.19
C ALA A 217 -55.82 24.00 -7.78
N TYR A 218 -56.73 24.14 -6.83
CA TYR A 218 -57.53 23.04 -6.34
C TYR A 218 -58.97 23.17 -6.81
N LEU A 219 -59.56 22.04 -7.18
CA LEU A 219 -60.93 21.97 -7.66
C LEU A 219 -61.57 20.72 -7.10
N ILE A 220 -62.74 20.84 -6.50
CA ILE A 220 -63.39 19.71 -5.85
C ILE A 220 -64.90 19.81 -6.07
N ASN A 221 -65.53 18.66 -6.29
CA ASN A 221 -66.96 18.56 -6.48
C ASN A 221 -67.59 17.84 -5.29
N VAL A 222 -68.67 18.40 -4.77
CA VAL A 222 -69.39 17.80 -3.66
C VAL A 222 -70.89 17.88 -3.96
N ALA A 223 -71.61 16.81 -3.61
CA ALA A 223 -73.05 16.79 -3.82
C ALA A 223 -73.76 17.60 -2.75
N GLU A 224 -74.89 18.19 -3.13
CA GLU A 224 -75.68 18.98 -2.20
C GLU A 224 -76.42 18.05 -1.23
N ASN A 225 -77.13 18.66 -0.28
CA ASN A 225 -77.87 17.94 0.75
C ASN A 225 -76.98 17.01 1.57
N ASN A 226 -75.71 17.38 1.73
CA ASN A 226 -74.75 16.57 2.46
C ASN A 226 -74.82 16.85 3.96
N GLN A 227 -74.39 15.87 4.74
CA GLN A 227 -74.38 16.05 6.18
C GLN A 227 -73.34 17.10 6.57
N PRO A 228 -73.62 17.92 7.58
CA PRO A 228 -72.63 18.92 8.01
C PRO A 228 -71.47 18.26 8.75
N GLY A 229 -70.29 18.85 8.60
CA GLY A 229 -69.09 18.29 9.20
C GLY A 229 -68.54 17.09 8.49
N THR A 230 -68.56 17.10 7.15
CA THR A 230 -68.11 15.96 6.36
C THR A 230 -66.88 16.36 5.54
N SER A 231 -65.89 15.49 5.51
CA SER A 231 -64.73 15.70 4.67
C SER A 231 -65.14 15.79 3.21
N ILE A 232 -64.82 16.90 2.56
CA ILE A 232 -65.13 17.08 1.15
C ILE A 232 -63.87 16.86 0.32
N THR A 233 -62.72 17.26 0.87
CA THR A 233 -61.42 17.09 0.22
C THR A 233 -60.33 17.35 1.26
N GLN A 234 -59.08 17.24 0.81
CA GLN A 234 -57.92 17.41 1.69
C GLN A 234 -56.79 18.03 0.89
N VAL A 235 -56.10 18.99 1.49
CA VAL A 235 -54.95 19.66 0.88
C VAL A 235 -53.70 19.32 1.67
N LYS A 236 -52.59 19.17 0.96
CA LYS A 236 -51.31 18.84 1.58
C LYS A 236 -50.23 19.76 1.02
N ALA A 237 -49.35 20.22 1.90
CA ALA A 237 -48.22 21.06 1.51
C ALA A 237 -46.94 20.46 2.07
N TRP A 238 -45.88 20.49 1.26
CA TRP A 238 -44.57 20.00 1.66
C TRP A 238 -43.64 21.15 2.00
N ASP A 239 -42.74 20.91 2.94
CA ASP A 239 -41.74 21.90 3.33
C ASP A 239 -40.38 21.22 3.35
N PRO A 240 -39.45 21.61 2.47
CA PRO A 240 -38.11 21.02 2.50
C PRO A 240 -37.38 21.26 3.82
N ASP A 241 -37.73 22.31 4.54
CA ASP A 241 -37.10 22.59 5.83
C ASP A 241 -37.44 21.47 6.82
N VAL A 242 -36.68 21.44 7.92
CA VAL A 242 -36.80 20.39 8.92
C VAL A 242 -36.99 21.04 10.29
N GLY A 243 -37.87 20.46 11.10
CA GLY A 243 -38.13 20.95 12.43
C GLY A 243 -39.32 21.88 12.49
N SER A 244 -39.26 22.85 13.40
CA SER A 244 -40.33 23.85 13.49
C SER A 244 -40.52 24.58 12.17
N ASN A 245 -39.44 24.78 11.41
CA ASN A 245 -39.50 25.44 10.12
C ASN A 245 -40.04 24.55 9.02
N GLY A 246 -40.36 23.29 9.31
CA GLY A 246 -40.86 22.39 8.29
C GLY A 246 -42.20 21.77 8.63
N LEU A 247 -42.88 22.32 9.63
CA LEU A 247 -44.18 21.82 10.06
C LEU A 247 -45.26 22.75 9.53
N VAL A 248 -46.11 22.23 8.64
CA VAL A 248 -47.11 23.04 7.97
C VAL A 248 -48.34 23.21 8.86
N SER A 249 -48.86 24.43 8.89
CA SER A 249 -50.09 24.75 9.59
C SER A 249 -51.07 25.33 8.59
N TYR A 250 -52.26 24.75 8.51
CA TYR A 250 -53.24 25.12 7.50
C TYR A 250 -54.28 26.05 8.09
N SER A 251 -54.73 27.00 7.27
CA SER A 251 -55.75 27.96 7.69
C SER A 251 -56.40 28.56 6.45
N ILE A 252 -57.68 28.87 6.56
CA ILE A 252 -58.43 29.55 5.51
C ILE A 252 -58.47 31.03 5.85
N ILE A 253 -58.06 31.85 4.88
CA ILE A 253 -57.98 33.30 5.09
C ILE A 253 -58.97 34.05 4.20
N ALA A 254 -59.13 33.65 2.94
CA ALA A 254 -59.98 34.42 2.05
C ALA A 254 -61.08 33.55 1.46
N SER A 255 -62.16 34.21 1.04
CA SER A 255 -63.28 33.58 0.37
C SER A 255 -64.20 34.66 -0.16
N ASP A 256 -64.97 34.31 -1.19
CA ASP A 256 -65.90 35.28 -1.77
C ASP A 256 -67.18 35.40 -0.95
N LEU A 257 -67.49 34.43 -0.11
CA LEU A 257 -68.72 34.46 0.67
C LEU A 257 -68.66 35.56 1.73
N GLU A 258 -69.78 35.74 2.43
CA GLU A 258 -69.84 36.68 3.54
C GLU A 258 -68.84 36.25 4.62
N PRO A 259 -67.99 37.16 5.10
CA PRO A 259 -67.00 36.75 6.12
C PRO A 259 -67.62 36.20 7.39
N LYS A 260 -68.74 36.78 7.84
CA LYS A 260 -69.42 36.25 9.02
C LYS A 260 -70.07 34.91 8.73
N ALA A 261 -70.43 34.65 7.48
CA ALA A 261 -71.05 33.39 7.10
C ALA A 261 -70.05 32.29 6.76
N LEU A 262 -68.80 32.67 6.44
CA LEU A 262 -67.80 31.70 6.03
C LEU A 262 -67.61 30.62 7.09
N SER A 263 -67.66 31.00 8.37
CA SER A 263 -67.44 30.04 9.45
C SER A 263 -68.50 28.94 9.43
N SER A 264 -69.73 29.28 9.04
CA SER A 264 -70.81 28.31 9.03
C SER A 264 -70.88 27.52 7.73
N PHE A 265 -70.07 27.84 6.73
CA PHE A 265 -70.07 27.14 5.46
C PHE A 265 -68.95 26.12 5.34
N VAL A 266 -67.74 26.46 5.76
CA VAL A 266 -66.60 25.58 5.55
C VAL A 266 -65.52 25.94 6.57
N SER A 267 -64.79 24.91 7.02
CA SER A 267 -63.65 25.09 7.91
C SER A 267 -62.53 24.18 7.44
N VAL A 268 -61.37 24.29 8.09
CA VAL A 268 -60.21 23.46 7.75
C VAL A 268 -59.54 23.04 9.04
N ASN A 269 -58.99 21.83 9.04
CA ASN A 269 -58.24 21.33 10.19
C ASN A 269 -56.80 21.82 10.07
N GLN A 270 -56.33 22.53 11.10
CA GLN A 270 -55.04 23.21 11.00
C GLN A 270 -53.89 22.22 10.84
N ASP A 271 -53.96 21.09 11.53
CA ASP A 271 -52.84 20.16 11.56
C ASP A 271 -52.87 19.16 10.41
N SER A 272 -54.05 18.71 9.99
CA SER A 272 -54.15 17.69 8.95
C SER A 272 -54.42 18.25 7.56
N GLY A 273 -55.12 19.38 7.46
CA GLY A 273 -55.43 19.97 6.17
C GLY A 273 -56.71 19.49 5.54
N VAL A 274 -57.53 18.72 6.26
CA VAL A 274 -58.81 18.28 5.73
C VAL A 274 -59.79 19.45 5.71
N VAL A 275 -60.56 19.55 4.63
CA VAL A 275 -61.55 20.60 4.47
C VAL A 275 -62.90 20.06 4.91
N TYR A 276 -63.47 20.67 5.95
CA TYR A 276 -64.75 20.24 6.50
C TYR A 276 -65.88 21.15 6.03
N ALA A 277 -67.00 20.54 5.67
CA ALA A 277 -68.20 21.26 5.28
C ALA A 277 -69.02 21.55 6.54
N GLN A 278 -69.16 22.82 6.88
CA GLN A 278 -69.80 23.21 8.15
C GLN A 278 -71.32 23.27 8.06
N ARG A 279 -71.91 22.96 6.91
CA ARG A 279 -73.37 22.98 6.79
C ARG A 279 -73.78 22.14 5.59
N ALA A 280 -75.08 21.96 5.45
CA ALA A 280 -75.64 21.26 4.30
C ALA A 280 -75.77 22.24 3.13
N PHE A 281 -74.96 22.02 2.10
CA PHE A 281 -74.96 22.93 0.96
C PHE A 281 -76.23 22.78 0.15
N ASP A 282 -76.71 23.90 -0.40
CA ASP A 282 -77.89 23.93 -1.26
C ASP A 282 -77.46 24.43 -2.63
N HIS A 283 -77.61 23.57 -3.65
CA HIS A 283 -77.23 23.96 -5.00
C HIS A 283 -78.07 25.14 -5.50
N GLU A 284 -79.35 25.17 -5.13
CA GLU A 284 -80.23 26.24 -5.55
C GLU A 284 -79.97 27.55 -4.83
N GLN A 285 -79.23 27.52 -3.72
CA GLN A 285 -78.88 28.74 -2.99
C GLN A 285 -77.57 29.33 -3.52
N ILE A 286 -76.50 28.52 -3.55
CA ILE A 286 -75.22 28.92 -4.10
C ILE A 286 -74.76 27.83 -5.06
N ARG A 287 -74.24 28.26 -6.22
CA ARG A 287 -73.81 27.32 -7.25
C ARG A 287 -72.37 26.86 -7.05
N SER A 288 -71.51 27.76 -6.59
CA SER A 288 -70.10 27.47 -6.39
C SER A 288 -69.48 28.65 -5.66
N PHE A 289 -68.38 28.40 -4.97
CA PHE A 289 -67.67 29.47 -4.29
C PHE A 289 -66.17 29.21 -4.36
N GLN A 290 -65.40 30.24 -4.06
CA GLN A 290 -63.94 30.18 -4.12
C GLN A 290 -63.36 30.41 -2.74
N LEU A 291 -62.47 29.50 -2.33
CA LEU A 291 -61.71 29.62 -1.10
C LEU A 291 -60.25 29.92 -1.43
N THR A 292 -59.63 30.76 -0.63
CA THR A 292 -58.21 31.03 -0.71
C THR A 292 -57.57 30.62 0.60
N LEU A 293 -56.83 29.51 0.56
CA LEU A 293 -56.16 28.86 1.69
C LEU A 293 -54.72 29.32 1.82
N GLN A 294 -54.14 29.05 2.99
CA GLN A 294 -52.77 29.42 3.28
C GLN A 294 -52.13 28.34 4.13
N ALA A 295 -50.99 27.83 3.67
CA ALA A 295 -50.14 26.96 4.47
C ALA A 295 -48.94 27.75 4.96
N ARG A 296 -48.54 27.50 6.21
CA ARG A 296 -47.48 28.25 6.86
C ARG A 296 -46.71 27.34 7.79
N ASP A 297 -45.40 27.52 7.83
CA ASP A 297 -44.58 26.82 8.81
C ASP A 297 -44.51 27.63 10.10
N GLN A 298 -44.08 26.97 11.17
CA GLN A 298 -44.07 27.56 12.50
C GLN A 298 -42.63 27.88 12.90
N GLY A 299 -42.06 28.89 12.22
CA GLY A 299 -40.74 29.39 12.55
C GLY A 299 -40.71 30.90 12.48
N SER A 300 -39.56 31.46 12.83
CA SER A 300 -39.33 32.89 12.76
C SER A 300 -38.21 33.17 11.77
N PRO A 301 -38.46 33.87 10.65
CA PRO A 301 -39.79 34.38 10.28
C PRO A 301 -40.61 33.34 9.51
N ALA A 302 -41.89 33.23 9.85
CA ALA A 302 -42.74 32.23 9.21
C ALA A 302 -42.94 32.56 7.74
N LEU A 303 -42.82 31.55 6.90
CA LEU A 303 -43.09 31.66 5.48
C LEU A 303 -44.42 31.00 5.16
N SER A 304 -45.13 31.55 4.18
CA SER A 304 -46.48 31.11 3.86
C SER A 304 -46.64 30.91 2.37
N ALA A 305 -47.80 30.36 1.99
CA ALA A 305 -48.17 30.18 0.60
C ALA A 305 -49.68 30.03 0.51
N ASN A 306 -50.29 30.72 -0.45
CA ASN A 306 -51.73 30.71 -0.63
C ASN A 306 -52.09 29.89 -1.87
N VAL A 307 -53.26 29.26 -1.82
CA VAL A 307 -53.74 28.43 -2.92
C VAL A 307 -55.23 28.69 -3.09
N SER A 308 -55.70 28.56 -4.34
CA SER A 308 -57.11 28.77 -4.67
C SER A 308 -57.80 27.43 -4.86
N MET A 309 -58.89 27.22 -4.13
CA MET A 309 -59.71 26.02 -4.23
C MET A 309 -61.14 26.43 -4.53
N ARG A 310 -61.64 26.05 -5.69
CA ARG A 310 -63.02 26.34 -6.06
C ARG A 310 -63.89 25.13 -5.78
N VAL A 311 -65.00 25.36 -5.07
CA VAL A 311 -65.93 24.31 -4.68
C VAL A 311 -67.20 24.47 -5.52
N LEU A 312 -67.54 23.42 -6.27
CA LEU A 312 -68.75 23.37 -7.07
C LEU A 312 -69.70 22.35 -6.44
N VAL A 313 -70.92 22.77 -6.12
CA VAL A 313 -71.92 21.87 -5.59
C VAL A 313 -72.69 21.25 -6.75
N ASP A 314 -72.75 19.92 -6.76
CA ASP A 314 -73.40 19.20 -7.84
C ASP A 314 -74.89 19.06 -7.55
N ASP A 315 -75.71 19.19 -8.59
CA ASP A 315 -77.15 19.23 -8.45
C ASP A 315 -77.73 17.84 -8.29
N ARG A 316 -78.58 17.66 -7.28
CA ARG A 316 -79.36 16.46 -7.09
C ARG A 316 -80.84 16.80 -7.25
N ASN A 317 -81.63 15.77 -7.60
CA ASN A 317 -83.05 15.96 -7.85
C ASN A 317 -83.82 15.99 -6.52
N ASP A 318 -83.64 17.10 -5.81
CA ASP A 318 -84.25 17.28 -4.50
C ASP A 318 -85.46 18.21 -4.53
N ASN A 319 -85.72 18.87 -5.65
CA ASN A 319 -86.87 19.77 -5.79
C ASN A 319 -87.78 19.23 -6.88
N ALA A 320 -89.08 19.16 -6.58
CA ALA A 320 -90.11 18.66 -7.47
C ALA A 320 -90.63 19.75 -8.38
N PRO A 321 -91.18 19.39 -9.54
CA PRO A 321 -91.78 20.40 -10.41
C PRO A 321 -93.00 21.04 -9.77
N ARG A 322 -93.23 22.30 -10.10
CA ARG A 322 -94.41 23.02 -9.65
C ARG A 322 -95.21 23.50 -10.85
N VAL A 323 -96.52 23.36 -10.76
CA VAL A 323 -97.44 23.69 -11.84
C VAL A 323 -97.80 25.16 -11.72
N LEU A 324 -97.43 25.96 -12.73
CA LEU A 324 -97.75 27.39 -12.70
C LEU A 324 -99.19 27.60 -13.16
N TYR A 325 -99.45 27.38 -14.45
CA TYR A 325 -100.78 27.54 -15.02
C TYR A 325 -101.32 26.19 -15.47
N PRO A 326 -102.57 25.86 -15.14
CA PRO A 326 -103.50 26.71 -14.39
C PRO A 326 -103.35 26.59 -12.89
N THR A 327 -103.82 27.59 -12.15
CA THR A 327 -103.84 27.52 -10.69
C THR A 327 -104.85 26.46 -10.26
N LEU A 328 -104.46 25.61 -9.32
CA LEU A 328 -105.28 24.48 -8.89
C LEU A 328 -105.93 24.77 -7.55
N GLU A 329 -107.18 24.35 -7.41
CA GLU A 329 -107.87 24.36 -6.13
C GLU A 329 -107.40 23.18 -5.30
N PRO A 330 -107.74 23.15 -3.98
CA PRO A 330 -107.32 22.02 -3.14
C PRO A 330 -107.69 20.64 -3.69
N ASP A 331 -108.68 20.61 -4.59
CA ASP A 331 -109.01 19.36 -5.28
C ASP A 331 -107.90 18.89 -6.20
N GLY A 332 -106.89 19.73 -6.46
CA GLY A 332 -105.95 19.42 -7.52
C GLY A 332 -106.59 19.46 -8.89
N SER A 333 -107.62 20.28 -9.06
CA SER A 333 -108.43 20.30 -10.27
C SER A 333 -108.56 21.72 -10.82
N ALA A 334 -108.76 21.80 -12.12
CA ALA A 334 -109.02 23.06 -12.82
C ALA A 334 -110.16 22.86 -13.79
N LEU A 335 -111.00 23.88 -13.95
CA LEU A 335 -112.22 23.77 -14.76
C LEU A 335 -112.12 24.74 -15.94
N PHE A 336 -112.05 24.20 -17.15
CA PHE A 336 -112.11 24.97 -18.39
C PHE A 336 -113.35 24.49 -19.15
N ASP A 337 -114.44 25.24 -19.04
CA ASP A 337 -115.68 24.88 -19.70
C ASP A 337 -115.92 25.80 -20.91
N MET A 338 -117.15 25.80 -21.42
CA MET A 338 -117.53 26.58 -22.59
C MET A 338 -116.66 26.24 -23.80
N VAL A 339 -116.18 25.00 -23.86
CA VAL A 339 -115.41 24.53 -25.01
C VAL A 339 -116.38 24.24 -26.16
N PRO A 340 -116.09 24.67 -27.38
CA PRO A 340 -117.01 24.42 -28.50
C PRO A 340 -117.11 22.92 -28.78
N ARG A 341 -118.35 22.44 -28.85
CA ARG A 341 -118.57 21.02 -29.17
C ARG A 341 -118.11 20.71 -30.59
N ALA A 342 -118.30 21.66 -31.52
CA ALA A 342 -117.82 21.50 -32.88
C ALA A 342 -116.35 21.89 -32.97
N ALA A 343 -115.52 21.33 -32.09
CA ALA A 343 -114.10 21.69 -32.06
C ALA A 343 -113.37 21.03 -33.21
N GLU A 344 -112.63 21.83 -33.98
CA GLU A 344 -111.80 21.30 -35.03
C GLU A 344 -110.67 20.46 -34.44
N PRO A 345 -110.09 19.55 -35.21
CA PRO A 345 -108.97 18.77 -34.69
C PRO A 345 -107.77 19.66 -34.41
N GLY A 346 -107.03 19.31 -33.37
CA GLY A 346 -105.92 20.16 -32.96
C GLY A 346 -106.33 21.47 -32.34
N TYR A 347 -107.60 21.61 -31.94
CA TYR A 347 -108.04 22.80 -31.24
C TYR A 347 -107.38 22.87 -29.87
N LEU A 348 -106.60 23.92 -29.65
CA LEU A 348 -105.82 24.05 -28.42
C LEU A 348 -106.76 24.32 -27.25
N VAL A 349 -106.95 23.32 -26.39
CA VAL A 349 -107.76 23.52 -25.19
C VAL A 349 -107.00 24.37 -24.19
N THR A 350 -105.81 23.93 -23.79
CA THR A 350 -105.01 24.68 -22.83
C THR A 350 -103.54 24.34 -23.05
N LYS A 351 -102.67 25.23 -22.58
CA LYS A 351 -101.23 24.96 -22.55
C LYS A 351 -100.78 25.00 -21.10
N VAL A 352 -100.38 23.85 -20.57
CA VAL A 352 -99.89 23.77 -19.21
C VAL A 352 -98.46 24.29 -19.16
N VAL A 353 -98.16 25.12 -18.16
CA VAL A 353 -96.80 25.59 -17.91
C VAL A 353 -96.40 25.22 -16.49
N ALA A 354 -95.18 24.73 -16.35
CA ALA A 354 -94.63 24.31 -15.08
C ALA A 354 -93.14 24.62 -15.07
N VAL A 355 -92.56 24.69 -13.87
CA VAL A 355 -91.13 24.97 -13.73
C VAL A 355 -90.54 24.05 -12.66
N ASP A 356 -89.21 24.00 -12.64
CA ASP A 356 -88.46 23.21 -11.68
C ASP A 356 -87.21 23.99 -11.29
N ALA A 357 -86.98 24.14 -9.98
CA ALA A 357 -85.88 24.94 -9.48
C ALA A 357 -84.51 24.28 -9.66
N ASP A 358 -84.46 23.05 -10.16
CA ASP A 358 -83.18 22.35 -10.32
C ASP A 358 -82.49 22.75 -11.63
N SER A 359 -81.63 21.88 -12.13
CA SER A 359 -80.87 22.18 -13.34
C SER A 359 -80.56 20.88 -14.06
N GLY A 360 -80.42 20.97 -15.39
CA GLY A 360 -80.02 19.81 -16.18
C GLY A 360 -81.10 18.76 -16.22
N HIS A 361 -80.68 17.49 -16.09
CA HIS A 361 -81.63 16.37 -16.12
C HIS A 361 -82.73 16.53 -15.09
N ASN A 362 -82.43 17.16 -13.96
CA ASN A 362 -83.42 17.30 -12.89
C ASN A 362 -84.46 18.37 -13.19
N ALA A 363 -84.20 19.27 -14.15
CA ALA A 363 -85.12 20.34 -14.51
C ALA A 363 -85.72 20.15 -15.91
N TRP A 364 -85.43 19.02 -16.56
CA TRP A 364 -85.95 18.74 -17.91
C TRP A 364 -87.36 18.18 -17.78
N LEU A 365 -88.35 19.04 -18.00
CA LEU A 365 -89.74 18.70 -17.73
C LEU A 365 -90.40 18.02 -18.92
N SER A 366 -91.22 17.01 -18.61
CA SER A 366 -92.02 16.28 -19.60
C SER A 366 -93.44 16.15 -19.06
N TYR A 367 -94.42 16.23 -19.95
CA TYR A 367 -95.84 16.21 -19.58
C TYR A 367 -96.47 14.89 -20.01
N HIS A 368 -96.96 14.12 -19.04
CA HIS A 368 -97.53 12.80 -19.28
C HIS A 368 -98.99 12.79 -18.85
N VAL A 369 -99.68 11.72 -19.23
CA VAL A 369 -101.09 11.50 -18.90
C VAL A 369 -101.20 10.17 -18.17
N LEU A 370 -101.58 10.22 -16.89
CA LEU A 370 -101.68 9.01 -16.08
C LEU A 370 -103.05 8.34 -16.23
N GLN A 371 -104.12 9.12 -16.16
CA GLN A 371 -105.48 8.61 -16.27
C GLN A 371 -106.30 9.58 -17.09
N ALA A 372 -107.36 9.08 -17.72
CA ALA A 372 -108.26 9.90 -18.51
C ALA A 372 -109.61 9.22 -18.60
N SER A 373 -110.67 10.04 -18.63
CA SER A 373 -112.02 9.50 -18.79
C SER A 373 -112.23 8.96 -20.19
N ASP A 374 -111.67 9.62 -21.20
CA ASP A 374 -111.79 9.19 -22.58
C ASP A 374 -110.41 9.24 -23.25
N PRO A 375 -109.76 8.10 -23.47
CA PRO A 375 -108.49 8.11 -24.19
C PRO A 375 -108.70 8.28 -25.69
N GLY A 376 -107.83 9.09 -26.29
CA GLY A 376 -107.90 9.38 -27.69
C GLY A 376 -108.67 10.63 -28.07
N LEU A 377 -109.36 11.26 -27.12
CA LEU A 377 -110.12 12.46 -27.45
C LEU A 377 -109.24 13.70 -27.35
N PHE A 378 -108.34 13.73 -26.38
CA PHE A 378 -107.45 14.86 -26.15
C PHE A 378 -106.00 14.38 -26.29
N SER A 379 -105.17 15.19 -26.94
CA SER A 379 -103.77 14.88 -27.15
C SER A 379 -102.91 15.91 -26.44
N LEU A 380 -101.95 15.45 -25.64
CA LEU A 380 -101.09 16.30 -24.86
C LEU A 380 -99.67 16.23 -25.39
N GLY A 381 -99.08 17.40 -25.65
CA GLY A 381 -97.71 17.43 -26.15
C GLY A 381 -96.73 16.99 -25.08
N LEU A 382 -95.88 16.03 -25.42
CA LEU A 382 -94.94 15.49 -24.44
C LEU A 382 -93.94 16.54 -23.99
N ARG A 383 -93.59 17.49 -24.87
CA ARG A 383 -92.65 18.55 -24.53
C ARG A 383 -93.29 19.93 -24.46
N THR A 384 -94.40 20.16 -25.16
CA THR A 384 -95.01 21.47 -25.18
C THR A 384 -95.97 21.69 -24.03
N GLY A 385 -96.60 20.64 -23.52
CA GLY A 385 -97.62 20.77 -22.51
C GLY A 385 -98.97 21.20 -23.04
N GLU A 386 -99.18 21.16 -24.35
CA GLU A 386 -100.42 21.60 -24.97
C GLU A 386 -101.42 20.46 -24.94
N VAL A 387 -102.46 20.59 -24.13
CA VAL A 387 -103.61 19.69 -24.19
C VAL A 387 -104.58 20.23 -25.23
N ARG A 388 -104.77 19.46 -26.30
CA ARG A 388 -105.61 19.78 -27.44
C ARG A 388 -106.66 18.69 -27.63
N THR A 389 -107.52 18.90 -28.63
CA THR A 389 -108.48 17.89 -29.05
C THR A 389 -107.85 17.04 -30.15
N ALA A 390 -107.82 15.72 -29.92
CA ALA A 390 -107.18 14.82 -30.87
C ALA A 390 -108.11 14.44 -32.02
N ARG A 391 -109.40 14.34 -31.75
CA ARG A 391 -110.39 14.00 -32.76
C ARG A 391 -111.57 14.96 -32.64
N ALA A 392 -112.49 14.85 -33.60
CA ALA A 392 -113.73 15.62 -33.56
C ALA A 392 -114.70 14.97 -32.59
N LEU A 393 -115.42 15.79 -31.85
CA LEU A 393 -116.29 15.30 -30.79
C LEU A 393 -117.48 14.56 -31.37
N SER A 394 -117.73 13.35 -30.86
CA SER A 394 -118.87 12.56 -31.27
C SER A 394 -120.10 12.94 -30.44
N ASP A 395 -121.28 12.71 -31.03
CA ASP A 395 -122.54 12.94 -30.32
C ASP A 395 -122.71 11.97 -29.15
N LYS A 396 -122.09 10.79 -29.20
CA LYS A 396 -122.21 9.83 -28.10
C LYS A 396 -121.35 10.19 -26.90
N ASP A 397 -120.26 10.93 -27.13
CA ASP A 397 -119.36 11.28 -26.04
C ASP A 397 -120.03 12.25 -25.07
N ALA A 398 -119.74 12.06 -23.78
CA ALA A 398 -120.25 12.96 -22.76
C ALA A 398 -119.54 14.30 -22.80
N ALA A 399 -120.22 15.34 -22.34
CA ALA A 399 -119.66 16.68 -22.39
C ALA A 399 -118.62 16.91 -21.31
N ARG A 400 -118.80 16.31 -20.14
CA ARG A 400 -117.88 16.50 -19.01
C ARG A 400 -116.79 15.44 -19.07
N GLN A 401 -115.57 15.87 -19.38
CA GLN A 401 -114.42 14.97 -19.45
C GLN A 401 -113.35 15.43 -18.47
N ARG A 402 -112.58 14.47 -17.94
CA ARG A 402 -111.51 14.73 -17.00
C ARG A 402 -110.22 14.12 -17.51
N LEU A 403 -109.11 14.85 -17.37
CA LEU A 403 -107.81 14.43 -17.86
C LEU A 403 -106.79 14.59 -16.74
N LEU A 404 -106.27 13.47 -16.23
CA LEU A 404 -105.26 13.48 -15.18
C LEU A 404 -103.89 13.61 -15.83
N VAL A 405 -103.32 14.81 -15.76
CA VAL A 405 -102.03 15.11 -16.35
C VAL A 405 -100.99 15.18 -15.24
N ALA A 406 -99.83 14.59 -15.49
CA ALA A 406 -98.68 14.70 -14.60
C ALA A 406 -97.50 15.28 -15.39
N VAL A 407 -96.70 16.08 -14.71
CA VAL A 407 -95.47 16.63 -15.30
C VAL A 407 -94.29 16.01 -14.57
N ARG A 408 -93.34 15.47 -15.34
CA ARG A 408 -92.20 14.72 -14.82
C ARG A 408 -90.90 15.41 -15.22
N ASP A 409 -89.83 15.08 -14.49
CA ASP A 409 -88.49 15.52 -14.84
C ASP A 409 -87.61 14.31 -15.11
N GLY A 410 -86.49 14.55 -15.80
CA GLY A 410 -85.58 13.49 -16.17
C GLY A 410 -84.59 13.06 -15.12
N GLY A 411 -84.79 13.47 -13.87
CA GLY A 411 -83.87 13.12 -12.81
C GLY A 411 -83.99 11.67 -12.39
N GLN A 412 -83.09 11.26 -11.50
CA GLN A 412 -83.05 9.91 -10.97
C GLN A 412 -82.98 9.95 -9.46
N PRO A 413 -84.06 9.62 -8.74
CA PRO A 413 -85.35 9.21 -9.29
C PRO A 413 -86.18 10.41 -9.76
N PRO A 414 -87.08 10.19 -10.72
CA PRO A 414 -87.87 11.31 -11.26
C PRO A 414 -88.94 11.77 -10.28
N LEU A 415 -89.15 13.08 -10.25
CA LEU A 415 -90.20 13.70 -9.45
C LEU A 415 -91.32 14.18 -10.37
N SER A 416 -92.51 14.35 -9.78
CA SER A 416 -93.68 14.68 -10.57
C SER A 416 -94.52 15.72 -9.86
N ALA A 417 -95.35 16.41 -10.65
CA ALA A 417 -96.42 17.24 -10.13
C ALA A 417 -97.68 16.89 -10.90
N THR A 418 -98.76 16.60 -10.17
CA THR A 418 -99.99 16.12 -10.79
C THR A 418 -101.04 17.22 -10.81
N ALA A 419 -102.01 17.06 -11.70
CA ALA A 419 -103.11 17.99 -11.86
C ALA A 419 -104.23 17.28 -12.61
N THR A 420 -105.48 17.55 -12.22
CA THR A 420 -106.64 17.00 -12.88
C THR A 420 -107.38 18.11 -13.61
N LEU A 421 -107.72 17.86 -14.88
CA LEU A 421 -108.31 18.86 -15.75
C LEU A 421 -109.78 18.52 -16.00
N LEU A 422 -110.67 19.38 -15.52
CA LEU A 422 -112.10 19.25 -15.77
C LEU A 422 -112.45 20.12 -16.98
N LEU A 423 -112.81 19.48 -18.08
CA LEU A 423 -113.11 20.16 -19.34
C LEU A 423 -114.54 19.83 -19.74
N VAL A 424 -115.36 20.87 -19.90
CA VAL A 424 -116.76 20.73 -20.28
C VAL A 424 -116.96 21.41 -21.62
N PHE A 425 -117.80 20.81 -22.46
CA PHE A 425 -118.12 21.38 -23.78
C PHE A 425 -119.36 22.27 -23.72
N PRO B 3 -42.33 12.87 27.17
CA PRO B 3 -41.19 12.52 26.32
C PRO B 3 -40.24 11.50 26.96
N VAL B 4 -40.71 10.26 27.10
CA VAL B 4 -39.90 9.24 27.77
C VAL B 4 -38.72 8.84 26.89
N PHE B 5 -37.67 8.38 27.55
CA PHE B 5 -36.50 7.81 26.88
C PHE B 5 -36.48 6.31 27.06
N SER B 6 -35.86 5.61 26.11
CA SER B 6 -35.80 4.15 26.19
C SER B 6 -35.06 3.70 27.44
N GLN B 7 -33.97 4.37 27.78
CA GLN B 7 -33.20 4.08 28.98
C GLN B 7 -32.74 5.39 29.60
N ASP B 8 -32.60 5.39 30.92
CA ASP B 8 -32.15 6.61 31.61
C ASP B 8 -30.63 6.77 31.55
N VAL B 9 -29.90 5.69 31.32
CA VAL B 9 -28.45 5.73 31.19
C VAL B 9 -28.06 4.82 30.03
N TYR B 10 -27.36 5.38 29.05
CA TYR B 10 -26.85 4.62 27.92
C TYR B 10 -25.34 4.43 28.06
N ARG B 11 -24.86 3.25 27.69
CA ARG B 11 -23.43 2.96 27.69
C ARG B 11 -23.07 2.35 26.34
N VAL B 12 -21.99 2.84 25.74
CA VAL B 12 -21.54 2.39 24.44
C VAL B 12 -20.01 2.36 24.47
N ARG B 13 -19.44 1.31 23.87
CA ARG B 13 -18.00 1.10 23.85
C ARG B 13 -17.47 1.37 22.46
N LEU B 14 -16.50 2.27 22.35
CA LEU B 14 -15.95 2.70 21.07
C LEU B 14 -14.47 2.35 20.99
N PRO B 15 -14.02 1.66 19.94
CA PRO B 15 -12.58 1.54 19.72
C PRO B 15 -11.99 2.89 19.36
N GLU B 16 -10.79 3.17 19.86
CA GLU B 16 -10.21 4.48 19.63
C GLU B 16 -9.88 4.72 18.16
N ASP B 17 -9.71 3.66 17.37
CA ASP B 17 -9.50 3.79 15.93
C ASP B 17 -10.81 3.94 15.15
N LEU B 18 -11.91 4.22 15.84
CA LEU B 18 -13.20 4.40 15.19
C LEU B 18 -13.12 5.57 14.22
N PRO B 19 -13.52 5.40 12.96
CA PRO B 19 -13.43 6.49 11.97
C PRO B 19 -14.30 7.67 12.37
N PRO B 20 -13.97 8.88 11.90
CA PRO B 20 -14.84 10.02 12.19
C PRO B 20 -16.04 10.02 11.24
N GLY B 21 -17.14 10.56 11.75
CA GLY B 21 -18.38 10.58 11.00
C GLY B 21 -19.21 9.33 11.07
N THR B 22 -18.97 8.46 12.04
CA THR B 22 -19.77 7.24 12.21
C THR B 22 -20.77 7.43 13.34
N THR B 23 -21.99 6.95 13.13
CA THR B 23 -23.06 7.12 14.10
C THR B 23 -22.84 6.19 15.28
N VAL B 24 -22.69 6.76 16.47
CA VAL B 24 -22.39 5.94 17.65
C VAL B 24 -23.61 5.59 18.48
N LEU B 25 -24.71 6.32 18.32
CA LEU B 25 -25.91 6.08 19.11
C LEU B 25 -27.07 6.89 18.52
N ARG B 26 -28.24 6.25 18.49
CA ARG B 26 -29.47 6.88 18.00
C ARG B 26 -30.46 6.97 19.16
N LEU B 27 -30.89 8.19 19.48
CA LEU B 27 -31.82 8.41 20.57
C LEU B 27 -33.21 8.71 19.98
N LYS B 28 -34.13 7.76 20.14
CA LYS B 28 -35.48 7.90 19.65
C LYS B 28 -36.46 7.81 20.81
N ALA B 29 -37.33 8.80 20.93
CA ALA B 29 -38.30 8.85 22.03
C ALA B 29 -39.71 8.51 21.54
N ALA B 38 -43.53 12.84 17.44
CA ALA B 38 -42.33 12.86 16.60
C ALA B 38 -41.81 14.28 16.43
N GLU B 39 -42.42 15.23 17.13
CA GLU B 39 -42.01 16.63 17.09
C GLU B 39 -40.99 16.98 18.17
N PHE B 40 -40.06 16.07 18.47
CA PHE B 40 -39.08 16.29 19.52
C PHE B 40 -37.88 17.06 18.99
N THR B 41 -37.25 17.82 19.89
CA THR B 41 -35.96 18.45 19.61
C THR B 41 -34.98 18.03 20.69
N TYR B 42 -33.83 17.51 20.28
CA TYR B 42 -32.79 17.06 21.20
C TYR B 42 -31.69 18.10 21.29
N SER B 43 -30.98 18.10 22.41
CA SER B 43 -29.92 19.08 22.63
C SER B 43 -29.05 18.62 23.80
N PHE B 44 -27.77 18.97 23.73
CA PHE B 44 -26.88 18.76 24.86
C PHE B 44 -27.32 19.61 26.04
N LEU B 45 -27.29 19.01 27.23
CA LEU B 45 -27.60 19.72 28.46
C LEU B 45 -26.34 19.80 29.31
N GLY B 46 -26.04 20.99 29.81
CA GLY B 46 -24.81 21.17 30.56
C GLY B 46 -23.60 21.12 29.65
N VAL B 47 -22.49 20.66 30.21
CA VAL B 47 -21.23 20.59 29.48
C VAL B 47 -21.22 19.34 28.62
N ALA B 48 -20.87 19.51 27.35
CA ALA B 48 -20.70 18.39 26.44
C ALA B 48 -19.59 18.73 25.47
N ASN B 49 -18.75 17.75 25.16
CA ASN B 49 -17.67 17.96 24.21
C ASN B 49 -18.26 17.93 22.80
N LYS B 50 -18.92 19.03 22.45
CA LYS B 50 -19.55 19.16 21.13
C LYS B 50 -18.53 19.18 20.01
N ALA B 51 -17.25 19.41 20.33
CA ALA B 51 -16.19 19.34 19.33
C ALA B 51 -15.88 17.92 18.91
N GLN B 52 -16.26 16.93 19.73
CA GLN B 52 -16.02 15.53 19.43
C GLN B 52 -17.27 14.81 18.92
N PHE B 53 -18.44 15.09 19.49
CA PHE B 53 -19.67 14.45 19.08
C PHE B 53 -20.69 15.48 18.64
N SER B 54 -21.56 15.07 17.70
CA SER B 54 -22.61 15.91 17.16
C SER B 54 -23.96 15.25 17.42
N LEU B 55 -24.92 16.04 17.91
CA LEU B 55 -26.27 15.56 18.20
C LEU B 55 -27.25 16.32 17.32
N ASP B 56 -27.70 15.68 16.25
CA ASP B 56 -28.72 16.27 15.39
C ASP B 56 -30.00 16.46 16.19
N PRO B 57 -30.48 17.70 16.36
CA PRO B 57 -31.67 17.90 17.21
C PRO B 57 -32.92 17.24 16.68
N ILE B 58 -32.97 16.86 15.40
CA ILE B 58 -34.18 16.30 14.83
C ILE B 58 -34.17 14.78 14.88
N THR B 59 -33.10 14.15 14.36
CA THR B 59 -33.03 12.70 14.30
C THR B 59 -32.38 12.08 15.53
N GLY B 60 -31.81 12.88 16.42
CA GLY B 60 -31.26 12.35 17.67
C GLY B 60 -30.10 11.40 17.48
N ASP B 61 -29.22 11.69 16.53
CA ASP B 61 -28.05 10.86 16.26
C ASP B 61 -26.80 11.52 16.83
N ILE B 62 -26.06 10.77 17.63
CA ILE B 62 -24.76 11.20 18.12
C ILE B 62 -23.70 10.63 17.19
N VAL B 63 -22.80 11.49 16.70
CA VAL B 63 -21.78 11.09 15.74
C VAL B 63 -20.42 11.60 16.20
N THR B 64 -19.37 10.85 15.85
CA THR B 64 -18.00 11.31 16.11
C THR B 64 -17.58 12.25 14.99
N ARG B 65 -17.19 13.48 15.36
CA ARG B 65 -16.72 14.45 14.39
C ARG B 65 -15.20 14.49 14.28
N GLN B 66 -14.50 13.66 15.05
CA GLN B 66 -13.06 13.76 15.12
C GLN B 66 -12.50 12.40 15.51
N SER B 67 -11.22 12.20 15.25
CA SER B 67 -10.57 10.95 15.60
C SER B 67 -10.47 10.83 17.12
N LEU B 68 -10.76 9.61 17.62
CA LEU B 68 -10.66 9.34 19.04
C LEU B 68 -9.21 9.05 19.44
N ASP B 69 -8.95 9.16 20.75
CA ASP B 69 -7.61 8.88 21.26
C ASP B 69 -7.72 8.47 22.72
N PHE B 70 -7.49 7.19 22.99
CA PHE B 70 -7.60 6.67 24.36
C PHE B 70 -6.58 7.33 25.28
N GLU B 71 -5.44 7.73 24.75
CA GLU B 71 -4.40 8.35 25.57
C GLU B 71 -4.74 9.79 25.94
N GLU B 72 -5.66 10.43 25.22
CA GLU B 72 -6.04 11.82 25.49
C GLU B 72 -7.17 11.86 26.51
N VAL B 73 -8.35 11.37 26.11
CA VAL B 73 -9.50 11.25 27.01
C VAL B 73 -10.13 9.89 26.78
N GLU B 74 -10.44 9.18 27.86
CA GLU B 74 -10.91 7.81 27.76
C GLU B 74 -12.37 7.62 28.17
N GLN B 75 -13.06 8.67 28.61
CA GLN B 75 -14.47 8.56 28.97
C GLN B 75 -15.18 9.89 28.72
N TYR B 76 -16.43 9.81 28.27
CA TYR B 76 -17.26 10.97 28.05
C TYR B 76 -18.63 10.76 28.69
N THR B 77 -19.21 11.84 29.21
CA THR B 77 -20.54 11.82 29.81
C THR B 77 -21.37 12.92 29.18
N ILE B 78 -22.40 12.54 28.43
CA ILE B 78 -23.25 13.47 27.71
C ILE B 78 -24.62 13.47 28.36
N ASP B 79 -25.18 14.65 28.58
CA ASP B 79 -26.54 14.80 29.12
C ASP B 79 -27.43 15.29 27.98
N VAL B 80 -28.36 14.43 27.55
CA VAL B 80 -29.25 14.74 26.44
C VAL B 80 -30.63 15.09 26.99
N GLU B 81 -31.18 16.21 26.52
CA GLU B 81 -32.48 16.71 26.96
C GLU B 81 -33.43 16.73 25.77
N ALA B 82 -34.55 16.03 25.90
CA ALA B 82 -35.57 15.97 24.86
C ALA B 82 -36.75 16.84 25.26
N LYS B 83 -37.19 17.70 24.33
CA LYS B 83 -38.29 18.62 24.56
C LYS B 83 -39.24 18.57 23.37
N ASP B 84 -40.53 18.45 23.64
CA ASP B 84 -41.53 18.35 22.58
C ASP B 84 -41.92 19.76 22.11
N ARG B 85 -43.02 19.86 21.37
CA ARG B 85 -43.52 21.17 20.97
C ARG B 85 -43.89 22.02 22.17
N GLY B 86 -44.65 21.45 23.10
CA GLY B 86 -44.81 22.06 24.40
C GLY B 86 -43.53 21.98 25.21
N SER B 87 -43.52 22.69 26.34
CA SER B 87 -42.27 22.89 27.08
C SER B 87 -41.98 21.66 27.93
N LEU B 88 -42.58 20.53 27.56
CA LEU B 88 -42.29 19.27 28.25
C LEU B 88 -40.81 18.93 28.06
N SER B 89 -40.21 18.39 29.12
CA SER B 89 -38.77 18.14 29.11
C SER B 89 -38.48 16.78 29.73
N SER B 90 -37.39 16.19 29.25
CA SER B 90 -36.83 14.97 29.84
C SER B 90 -35.32 14.97 29.62
N GLN B 91 -34.63 14.13 30.38
CA GLN B 91 -33.17 14.08 30.32
C GLN B 91 -32.70 12.64 30.45
N CYS B 92 -31.49 12.40 29.93
CA CYS B 92 -30.85 11.11 30.02
C CYS B 92 -29.34 11.31 29.94
N LYS B 93 -28.60 10.27 30.31
CA LYS B 93 -27.15 10.31 30.32
C LYS B 93 -26.59 9.21 29.42
N VAL B 94 -25.63 9.58 28.58
CA VAL B 94 -24.93 8.66 27.70
C VAL B 94 -23.47 8.66 28.10
N ILE B 95 -22.99 7.51 28.58
CA ILE B 95 -21.59 7.37 28.99
C ILE B 95 -20.86 6.63 27.88
N ILE B 96 -19.97 7.34 27.20
CA ILE B 96 -19.18 6.81 26.09
C ILE B 96 -17.83 6.39 26.65
N GLU B 97 -17.57 5.09 26.66
CA GLU B 97 -16.28 4.53 27.02
C GLU B 97 -15.53 4.21 25.73
N VAL B 98 -14.35 4.78 25.57
CA VAL B 98 -13.52 4.49 24.42
C VAL B 98 -12.51 3.43 24.82
N LEU B 99 -12.15 2.57 23.86
CA LEU B 99 -11.33 1.40 24.12
C LEU B 99 -9.92 1.60 23.61
N ASP B 100 -8.94 1.13 24.39
CA ASP B 100 -7.54 1.31 24.04
C ASP B 100 -7.13 0.35 22.94
N GLU B 101 -6.32 0.86 22.00
CA GLU B 101 -5.78 0.05 20.91
C GLU B 101 -4.28 0.21 20.89
N ASN B 102 -3.58 -0.88 20.58
CA ASN B 102 -2.11 -0.84 20.55
C ASN B 102 -1.62 -0.08 19.32
N ASP B 103 -1.76 1.24 19.36
CA ASP B 103 -1.30 2.10 18.27
C ASP B 103 0.02 2.78 18.57
N ASN B 104 0.57 2.57 19.76
CA ASN B 104 1.84 3.16 20.16
C ASN B 104 2.86 2.05 20.42
N ARG B 105 4.04 2.19 19.85
CA ARG B 105 5.14 1.25 20.00
CA ARG B 105 5.14 1.25 20.00
C ARG B 105 6.03 1.65 21.17
N PRO B 106 6.72 0.69 21.78
CA PRO B 106 7.55 1.02 22.95
C PRO B 106 8.81 1.77 22.55
N GLU B 107 9.26 2.65 23.45
CA GLU B 107 10.46 3.43 23.24
C GLU B 107 11.45 3.13 24.35
N ILE B 108 12.74 3.18 24.00
CA ILE B 108 13.84 2.92 24.92
C ILE B 108 14.58 4.22 25.17
N ILE B 109 14.86 4.50 26.44
CA ILE B 109 15.60 5.68 26.86
C ILE B 109 16.78 5.22 27.70
N ILE B 110 17.99 5.60 27.30
CA ILE B 110 19.21 5.21 28.00
C ILE B 110 19.44 6.21 29.12
N THR B 111 19.25 5.75 30.37
CA THR B 111 19.47 6.62 31.52
C THR B 111 20.95 6.90 31.74
N SER B 112 21.77 5.84 31.72
CA SER B 112 23.19 5.99 31.96
C SER B 112 23.95 4.93 31.18
N LEU B 113 25.09 5.32 30.62
CA LEU B 113 25.94 4.43 29.85
C LEU B 113 27.37 4.59 30.35
N SER B 114 28.02 3.47 30.64
CA SER B 114 29.37 3.53 31.20
C SER B 114 30.35 4.13 30.20
N ASP B 115 31.31 4.89 30.72
CA ASP B 115 32.39 5.43 29.91
C ASP B 115 33.10 4.28 29.20
N GLN B 116 33.85 3.48 29.97
CA GLN B 116 34.48 2.26 29.49
C GLN B 116 34.45 1.23 30.59
N ILE B 117 34.31 -0.04 30.20
CA ILE B 117 34.28 -1.15 31.15
C ILE B 117 35.64 -1.83 31.13
N SER B 118 36.27 -1.93 32.29
CA SER B 118 37.60 -2.52 32.38
C SER B 118 37.55 -4.00 32.02
N GLU B 119 38.67 -4.50 31.49
CA GLU B 119 38.75 -5.91 31.10
C GLU B 119 38.54 -6.82 32.31
N ASP B 120 39.01 -6.39 33.49
CA ASP B 120 38.96 -7.19 34.70
C ASP B 120 37.68 -6.94 35.50
N SER B 121 36.66 -6.34 34.90
CA SER B 121 35.39 -6.14 35.59
C SER B 121 34.72 -7.49 35.80
N PRO B 122 34.33 -7.83 37.03
CA PRO B 122 33.79 -9.17 37.29
C PRO B 122 32.42 -9.37 36.65
N SER B 123 31.96 -10.62 36.72
CA SER B 123 30.61 -10.93 36.28
C SER B 123 29.60 -10.28 37.22
N GLY B 124 28.59 -9.65 36.64
CA GLY B 124 27.58 -8.96 37.40
C GLY B 124 27.73 -7.46 37.44
N THR B 125 28.83 -6.92 36.92
CA THR B 125 29.00 -5.48 36.83
C THR B 125 27.98 -4.89 35.86
N VAL B 126 27.55 -3.66 36.15
CA VAL B 126 26.47 -3.02 35.40
C VAL B 126 27.07 -2.09 34.36
N VAL B 127 26.80 -2.40 33.09
CA VAL B 127 27.34 -1.61 31.99
C VAL B 127 26.46 -0.39 31.73
N ALA B 128 25.15 -0.60 31.60
CA ALA B 128 24.24 0.46 31.20
C ALA B 128 22.93 0.39 31.97
N LEU B 129 22.33 1.55 32.20
CA LEU B 129 20.98 1.69 32.75
C LEU B 129 20.06 2.24 31.68
N PHE B 130 18.87 1.66 31.56
CA PHE B 130 17.90 2.14 30.58
C PHE B 130 16.50 1.79 31.05
N LYS B 131 15.54 2.61 30.63
CA LYS B 131 14.13 2.41 30.94
C LYS B 131 13.34 2.41 29.64
N VAL B 132 12.12 1.87 29.70
CA VAL B 132 11.24 1.78 28.54
C VAL B 132 9.94 2.51 28.84
N ARG B 133 9.24 2.90 27.77
CA ARG B 133 7.97 3.58 27.91
C ARG B 133 7.01 3.14 26.82
N ASP B 134 5.73 3.13 27.15
CA ASP B 134 4.68 2.84 26.18
C ASP B 134 3.43 3.59 26.61
N ARG B 135 2.96 4.51 25.75
CA ARG B 135 1.84 5.38 26.08
C ARG B 135 0.51 4.63 26.15
N ASP B 136 0.45 3.39 25.69
CA ASP B 136 -0.78 2.60 25.77
C ASP B 136 -1.05 2.22 27.22
N SER B 137 -2.10 1.42 27.43
CA SER B 137 -2.49 0.96 28.76
C SER B 137 -2.74 -0.54 28.75
N GLY B 138 -2.47 -1.18 29.90
CA GLY B 138 -2.64 -2.60 30.10
C GLY B 138 -1.70 -3.51 29.33
N GLU B 139 -2.24 -4.57 28.73
CA GLU B 139 -1.39 -5.48 27.98
C GLU B 139 -0.77 -4.82 26.76
N ASN B 140 -1.38 -3.76 26.25
CA ASN B 140 -0.77 -3.00 25.16
C ASN B 140 0.44 -2.20 25.63
N ALA B 141 0.65 -2.07 26.93
CA ALA B 141 1.79 -1.34 27.48
C ALA B 141 2.81 -2.23 28.17
N GLU B 142 2.47 -3.48 28.46
CA GLU B 142 3.46 -4.42 28.96
C GLU B 142 4.45 -4.77 27.85
N VAL B 143 5.75 -4.57 28.12
CA VAL B 143 6.78 -4.76 27.12
C VAL B 143 7.80 -5.79 27.60
N MET B 144 8.35 -6.52 26.65
CA MET B 144 9.39 -7.51 26.87
C MET B 144 10.67 -7.03 26.20
N CYS B 145 11.76 -6.97 26.98
CA CYS B 145 13.06 -6.51 26.50
C CYS B 145 13.92 -7.73 26.20
N SER B 146 14.15 -7.98 24.92
CA SER B 146 15.07 -9.02 24.47
C SER B 146 16.36 -8.36 24.02
N LEU B 147 17.47 -8.80 24.61
CA LEU B 147 18.78 -8.45 24.10
C LEU B 147 19.12 -9.36 22.92
N SER B 148 19.84 -8.81 21.95
CA SER B 148 20.10 -9.49 20.70
C SER B 148 21.58 -9.78 20.53
N GLY B 149 21.87 -10.99 20.07
CA GLY B 149 23.19 -11.33 19.57
C GLY B 149 24.02 -12.15 20.54
N ASN B 150 25.26 -12.38 20.10
CA ASN B 150 26.24 -13.16 20.85
C ASN B 150 27.11 -12.22 21.69
N ASN B 151 26.49 -11.72 22.75
CA ASN B 151 27.16 -10.81 23.66
C ASN B 151 27.21 -11.40 25.07
N PRO B 152 28.32 -11.13 25.81
CA PRO B 152 28.46 -11.51 27.23
C PRO B 152 27.65 -10.62 28.15
N PHE B 153 26.43 -10.29 27.74
CA PHE B 153 25.56 -9.35 28.42
C PHE B 153 24.21 -9.97 28.71
N LYS B 154 23.57 -9.47 29.77
CA LYS B 154 22.29 -9.97 30.24
C LYS B 154 21.46 -8.79 30.71
N ILE B 155 20.15 -8.83 30.44
CA ILE B 155 19.25 -7.76 30.84
C ILE B 155 18.60 -8.13 32.17
N HIS B 156 18.70 -7.23 33.14
CA HIS B 156 18.05 -7.40 34.44
C HIS B 156 16.98 -6.34 34.60
N SER B 157 15.87 -6.71 35.24
CA SER B 157 14.77 -5.78 35.49
C SER B 157 14.85 -5.34 36.95
N SER B 158 15.46 -4.18 37.17
CA SER B 158 15.53 -3.63 38.52
C SER B 158 14.13 -3.33 39.05
N SER B 159 13.31 -2.69 38.23
CA SER B 159 11.92 -2.42 38.59
C SER B 159 11.11 -2.38 37.29
N ASN B 160 9.81 -2.14 37.43
CA ASN B 160 8.93 -2.07 36.27
C ASN B 160 9.37 -0.98 35.31
N ASN B 161 9.83 -1.41 34.12
CA ASN B 161 10.31 -0.51 33.08
C ASN B 161 11.54 0.27 33.53
N TYR B 162 12.35 -0.31 34.42
CA TYR B 162 13.64 0.25 34.80
C TYR B 162 14.62 -0.92 34.81
N TYR B 163 15.40 -1.04 33.74
CA TYR B 163 16.22 -2.20 33.46
C TYR B 163 17.69 -1.92 33.71
N LYS B 164 18.47 -3.00 33.71
CA LYS B 164 19.92 -2.93 33.82
C LYS B 164 20.54 -3.83 32.77
N LEU B 165 21.50 -3.30 32.03
CA LEU B 165 22.37 -4.10 31.18
C LEU B 165 23.62 -4.45 31.98
N VAL B 166 23.91 -5.76 32.11
CA VAL B 166 25.01 -6.21 32.94
C VAL B 166 25.79 -7.30 32.22
N THR B 167 27.01 -7.53 32.69
CA THR B 167 27.86 -8.61 32.19
C THR B 167 27.65 -9.86 33.04
N ASP B 168 27.67 -11.02 32.39
CA ASP B 168 27.59 -12.29 33.09
C ASP B 168 28.78 -13.21 32.81
N SER B 169 29.66 -12.83 31.90
CA SER B 169 30.87 -13.58 31.58
C SER B 169 32.10 -12.76 31.91
N ILE B 170 33.27 -13.34 31.67
CA ILE B 170 34.54 -12.70 31.91
C ILE B 170 35.02 -12.07 30.62
N LEU B 171 35.45 -10.82 30.68
CA LEU B 171 35.87 -10.08 29.50
C LEU B 171 37.36 -10.24 29.26
N ASP B 172 37.75 -10.19 27.98
CA ASP B 172 39.15 -10.33 27.57
C ASP B 172 39.36 -9.42 26.37
N ARG B 173 40.01 -8.27 26.60
CA ARG B 173 40.17 -7.29 25.54
C ARG B 173 41.03 -7.82 24.40
N GLU B 174 42.03 -8.65 24.72
CA GLU B 174 42.87 -9.21 23.69
C GLU B 174 42.11 -10.19 22.79
N GLN B 175 40.98 -10.70 23.26
CA GLN B 175 40.14 -11.58 22.46
C GLN B 175 39.06 -10.79 21.70
N THR B 176 38.31 -9.95 22.41
CA THR B 176 37.28 -9.13 21.81
C THR B 176 37.32 -7.72 22.40
N PRO B 177 37.62 -6.70 21.60
CA PRO B 177 37.76 -5.35 22.15
C PRO B 177 36.44 -4.62 22.32
N GLY B 178 35.48 -4.85 21.42
CA GLY B 178 34.25 -4.10 21.41
C GLY B 178 33.04 -4.99 21.15
N TYR B 179 31.87 -4.40 21.36
CA TYR B 179 30.59 -5.08 21.24
C TYR B 179 29.53 -4.13 20.71
N ASN B 180 28.58 -4.70 19.96
CA ASN B 180 27.43 -4.00 19.38
C ASN B 180 26.16 -4.58 19.98
N VAL B 181 25.74 -4.04 21.12
CA VAL B 181 24.55 -4.51 21.81
C VAL B 181 23.33 -3.77 21.27
N THR B 182 22.29 -4.51 20.91
CA THR B 182 21.05 -3.91 20.40
C THR B 182 19.88 -4.39 21.25
N ILE B 183 19.35 -3.48 22.07
CA ILE B 183 18.20 -3.79 22.92
C ILE B 183 16.93 -3.69 22.10
N THR B 184 16.05 -4.69 22.24
CA THR B 184 14.76 -4.73 21.55
C THR B 184 13.64 -4.73 22.58
N ALA B 185 12.65 -3.88 22.37
CA ALA B 185 11.47 -3.79 23.24
C ALA B 185 10.24 -4.09 22.41
N THR B 186 9.48 -5.10 22.83
CA THR B 186 8.29 -5.55 22.11
C THR B 186 7.10 -5.59 23.06
N ASP B 187 6.07 -4.83 22.76
CA ASP B 187 4.87 -4.87 23.60
C ASP B 187 4.11 -6.17 23.39
N ARG B 188 3.25 -6.51 24.35
CA ARG B 188 2.44 -7.71 24.27
C ARG B 188 1.06 -7.43 23.69
N GLY B 189 0.90 -6.34 22.94
CA GLY B 189 -0.36 -6.04 22.32
C GLY B 189 -0.65 -6.89 21.10
N LYS B 190 -1.90 -6.86 20.67
CA LYS B 190 -2.34 -7.62 19.49
C LYS B 190 -2.92 -6.65 18.46
N PRO B 191 -2.22 -6.36 17.36
CA PRO B 191 -0.90 -6.89 17.01
C PRO B 191 0.24 -6.22 17.78
N PRO B 192 1.38 -6.89 17.88
CA PRO B 192 2.49 -6.33 18.65
C PRO B 192 3.28 -5.30 17.88
N LEU B 193 3.90 -4.39 18.63
CA LEU B 193 4.78 -3.35 18.09
C LEU B 193 6.11 -3.40 18.83
N SER B 194 7.19 -3.17 18.09
CA SER B 194 8.53 -3.29 18.66
C SER B 194 9.40 -2.15 18.17
N SER B 195 10.42 -1.82 18.98
CA SER B 195 11.42 -0.85 18.59
C SER B 195 12.73 -1.22 19.28
N SER B 196 13.84 -0.83 18.66
CA SER B 196 15.16 -1.24 19.11
C SER B 196 16.11 -0.05 19.13
N THR B 197 17.15 -0.17 19.94
CA THR B 197 18.25 0.80 19.96
C THR B 197 19.57 0.03 19.98
N THR B 198 20.62 0.67 19.50
CA THR B 198 21.93 0.04 19.39
C THR B 198 22.97 0.89 20.11
N ILE B 199 23.70 0.25 21.02
CA ILE B 199 24.77 0.86 21.79
C ILE B 199 26.04 0.07 21.55
N THR B 200 27.16 0.77 21.41
CA THR B 200 28.47 0.17 21.26
C THR B 200 29.25 0.29 22.57
N LEU B 201 29.93 -0.79 22.95
CA LEU B 201 30.68 -0.86 24.20
C LEU B 201 32.10 -1.29 23.93
N ASN B 202 33.06 -0.55 24.48
CA ASN B 202 34.47 -0.83 24.29
C ASN B 202 35.09 -1.27 25.62
N VAL B 203 35.93 -2.30 25.55
CA VAL B 203 36.57 -2.87 26.73
C VAL B 203 37.89 -2.15 26.98
N ALA B 204 38.12 -1.75 28.23
CA ALA B 204 39.31 -1.02 28.64
C ALA B 204 40.43 -2.00 28.94
N ASP B 205 41.63 -1.68 28.44
CA ASP B 205 42.77 -2.58 28.62
C ASP B 205 43.28 -2.53 30.05
N VAL B 206 43.60 -3.69 30.59
CA VAL B 206 44.29 -3.81 31.87
C VAL B 206 45.52 -4.67 31.66
N ASN B 207 46.58 -4.37 32.42
CA ASN B 207 47.85 -5.07 32.28
C ASN B 207 47.72 -6.46 32.90
N ASP B 208 47.09 -7.36 32.15
CA ASP B 208 46.90 -8.74 32.58
C ASP B 208 47.78 -9.73 31.84
N ASN B 209 48.62 -9.27 30.92
CA ASN B 209 49.56 -10.12 30.21
C ASN B 209 50.99 -9.62 30.42
N ALA B 210 51.91 -10.54 30.65
CA ALA B 210 53.30 -10.21 30.82
C ALA B 210 54.08 -10.48 29.55
N PRO B 211 55.18 -9.76 29.31
CA PRO B 211 55.97 -10.03 28.10
C PRO B 211 56.53 -11.44 28.13
N VAL B 212 56.64 -12.03 26.95
CA VAL B 212 57.16 -13.39 26.81
C VAL B 212 58.16 -13.42 25.66
N PHE B 213 59.33 -13.98 25.91
CA PHE B 213 60.36 -14.05 24.88
C PHE B 213 60.02 -15.12 23.87
N GLN B 214 60.46 -14.89 22.62
CA GLN B 214 60.18 -15.84 21.56
C GLN B 214 60.76 -17.22 21.86
N GLN B 215 61.96 -17.26 22.41
CA GLN B 215 62.64 -18.51 22.75
C GLN B 215 62.75 -18.62 24.26
N GLN B 216 62.59 -19.84 24.77
CA GLN B 216 62.69 -20.05 26.21
C GLN B 216 64.09 -19.72 26.72
N ALA B 217 65.11 -20.05 25.93
CA ALA B 217 66.49 -19.70 26.25
C ALA B 217 67.18 -19.25 24.97
N TYR B 218 68.17 -18.38 25.13
CA TYR B 218 68.91 -17.83 23.99
C TYR B 218 70.36 -18.26 24.05
N LEU B 219 70.99 -18.30 22.87
CA LEU B 219 72.36 -18.77 22.73
C LEU B 219 72.94 -18.19 21.45
N ILE B 220 74.20 -17.75 21.51
CA ILE B 220 74.88 -17.19 20.36
C ILE B 220 76.37 -17.44 20.50
N ASN B 221 77.00 -17.84 19.39
CA ASN B 221 78.45 -17.97 19.32
C ASN B 221 79.02 -16.83 18.50
N VAL B 222 79.97 -16.10 19.07
CA VAL B 222 80.62 -14.98 18.39
C VAL B 222 82.10 -15.28 18.26
N ALA B 223 82.67 -14.98 17.09
CA ALA B 223 84.09 -15.19 16.88
C ALA B 223 84.90 -14.18 17.66
N GLU B 224 86.05 -14.61 18.17
CA GLU B 224 86.91 -13.71 18.91
C GLU B 224 87.54 -12.70 17.97
N ASN B 225 88.33 -11.78 18.54
CA ASN B 225 88.98 -10.72 17.77
C ASN B 225 87.96 -9.91 16.99
N ASN B 226 86.87 -9.53 17.65
CA ASN B 226 85.83 -8.71 17.05
C ASN B 226 85.97 -7.25 17.48
N GLN B 227 85.70 -6.36 16.54
CA GLN B 227 85.61 -4.95 16.86
C GLN B 227 84.42 -4.74 17.79
N PRO B 228 84.54 -3.86 18.79
CA PRO B 228 83.45 -3.69 19.75
C PRO B 228 82.36 -2.77 19.21
N GLY B 229 81.25 -2.72 19.95
CA GLY B 229 80.14 -1.87 19.58
C GLY B 229 79.35 -2.35 18.38
N THR B 230 79.35 -3.66 18.12
CA THR B 230 78.64 -4.20 16.97
C THR B 230 77.60 -5.21 17.46
N SER B 231 76.61 -5.44 16.60
CA SER B 231 75.55 -6.38 16.92
C SER B 231 76.08 -7.81 16.91
N ILE B 232 75.74 -8.56 17.96
CA ILE B 232 76.08 -9.98 18.02
C ILE B 232 74.85 -10.87 17.87
N THR B 233 73.66 -10.40 18.29
CA THR B 233 72.40 -11.12 18.13
C THR B 233 71.26 -10.22 18.60
N GLN B 234 70.04 -10.77 18.63
CA GLN B 234 68.85 -9.97 18.93
C GLN B 234 67.92 -10.77 19.82
N VAL B 235 67.14 -10.07 20.64
CA VAL B 235 66.07 -10.67 21.43
C VAL B 235 64.78 -9.93 21.16
N LYS B 236 63.65 -10.61 21.37
CA LYS B 236 62.34 -10.02 21.13
C LYS B 236 61.31 -10.66 22.06
N ALA B 237 60.42 -9.84 22.59
CA ALA B 237 59.35 -10.29 23.47
C ALA B 237 58.01 -9.79 22.96
N TRP B 238 56.96 -10.59 23.16
CA TRP B 238 55.61 -10.25 22.73
C TRP B 238 54.76 -9.87 23.93
N ASP B 239 53.88 -8.91 23.73
CA ASP B 239 52.93 -8.51 24.76
C ASP B 239 51.57 -8.28 24.10
N PRO B 240 50.58 -9.14 24.37
CA PRO B 240 49.26 -8.94 23.76
C PRO B 240 48.58 -7.65 24.22
N ASP B 241 48.98 -7.08 25.35
CA ASP B 241 48.44 -5.81 25.80
C ASP B 241 48.76 -4.70 24.80
N VAL B 242 48.15 -3.54 25.01
CA VAL B 242 48.33 -2.41 24.12
C VAL B 242 48.64 -1.17 24.97
N GLY B 243 49.35 -0.21 24.35
CA GLY B 243 49.73 0.99 25.06
C GLY B 243 50.98 0.78 25.92
N SER B 244 51.05 1.56 27.00
CA SER B 244 52.17 1.42 27.92
C SER B 244 52.23 0.03 28.54
N ASN B 245 51.10 -0.67 28.60
CA ASN B 245 51.07 -2.03 29.12
C ASN B 245 51.52 -3.07 28.10
N GLY B 246 51.72 -2.68 26.84
CA GLY B 246 52.12 -3.61 25.81
C GLY B 246 53.44 -3.25 25.16
N LEU B 247 54.12 -2.24 25.71
CA LEU B 247 55.41 -1.80 25.22
C LEU B 247 56.51 -2.42 26.07
N VAL B 248 57.47 -3.07 25.43
CA VAL B 248 58.48 -3.84 26.13
C VAL B 248 59.79 -3.08 26.19
N SER B 249 60.54 -3.29 27.27
CA SER B 249 61.88 -2.77 27.43
C SER B 249 62.80 -3.90 27.88
N TYR B 250 64.03 -3.89 27.39
CA TYR B 250 64.99 -4.97 27.63
C TYR B 250 66.14 -4.46 28.47
N SER B 251 66.64 -5.31 29.37
CA SER B 251 67.69 -4.91 30.28
C SER B 251 68.45 -6.13 30.77
N ILE B 252 69.71 -5.92 31.15
CA ILE B 252 70.53 -6.95 31.77
C ILE B 252 70.56 -6.71 33.26
N ILE B 253 70.30 -7.76 34.04
CA ILE B 253 70.17 -7.60 35.48
C ILE B 253 71.23 -8.41 36.22
N ALA B 254 71.60 -9.57 35.65
CA ALA B 254 72.50 -10.48 36.33
C ALA B 254 73.47 -11.08 35.33
N SER B 255 74.68 -11.38 35.82
CA SER B 255 75.70 -12.00 34.99
C SER B 255 76.71 -12.66 35.93
N ASP B 256 77.27 -13.78 35.45
CA ASP B 256 78.32 -14.45 36.20
C ASP B 256 79.60 -13.63 36.26
N LEU B 257 79.76 -12.65 35.37
CA LEU B 257 80.92 -11.78 35.38
C LEU B 257 80.90 -10.88 36.62
N GLU B 258 82.02 -10.22 36.87
CA GLU B 258 82.08 -9.26 37.96
C GLU B 258 81.08 -8.14 37.70
N PRO B 259 80.27 -7.74 38.68
CA PRO B 259 79.24 -6.73 38.41
C PRO B 259 79.81 -5.41 37.90
N LYS B 260 80.96 -4.99 38.39
CA LYS B 260 81.58 -3.77 37.90
C LYS B 260 82.16 -3.93 36.50
N ALA B 261 82.32 -5.17 36.01
CA ALA B 261 82.93 -5.43 34.72
C ALA B 261 81.90 -5.75 33.64
N LEU B 262 80.61 -5.83 33.97
CA LEU B 262 79.61 -6.19 32.98
C LEU B 262 79.46 -5.11 31.90
N SER B 263 79.61 -3.83 32.26
CA SER B 263 79.49 -2.77 31.27
C SER B 263 80.55 -2.86 30.20
N SER B 264 81.70 -3.46 30.50
CA SER B 264 82.76 -3.54 29.52
C SER B 264 82.47 -4.60 28.47
N PHE B 265 81.65 -5.59 28.79
CA PHE B 265 81.41 -6.71 27.89
C PHE B 265 80.23 -6.46 26.96
N VAL B 266 79.01 -6.50 27.50
CA VAL B 266 77.81 -6.47 26.69
C VAL B 266 76.89 -5.35 27.17
N SER B 267 76.01 -4.93 26.27
CA SER B 267 74.92 -4.01 26.58
C SER B 267 73.72 -4.40 25.74
N VAL B 268 72.54 -3.89 26.10
CA VAL B 268 71.32 -4.16 25.35
C VAL B 268 70.65 -2.84 25.01
N ASN B 269 70.19 -2.71 23.77
CA ASN B 269 69.38 -1.57 23.36
C ASN B 269 67.97 -1.83 23.86
N GLN B 270 67.59 -1.11 24.92
CA GLN B 270 66.33 -1.41 25.60
C GLN B 270 65.12 -1.24 24.68
N ASP B 271 65.26 -0.46 23.62
CA ASP B 271 64.14 -0.24 22.71
C ASP B 271 64.05 -1.31 21.63
N SER B 272 65.18 -1.73 21.08
CA SER B 272 65.20 -2.70 20.00
C SER B 272 65.55 -4.12 20.44
N GLY B 273 66.39 -4.27 21.46
CA GLY B 273 66.73 -5.58 21.98
C GLY B 273 67.97 -6.21 21.39
N VAL B 274 68.71 -5.50 20.53
CA VAL B 274 69.94 -6.05 19.98
C VAL B 274 71.02 -6.05 21.07
N VAL B 275 71.84 -7.09 21.07
CA VAL B 275 72.91 -7.25 22.06
C VAL B 275 74.20 -6.71 21.47
N TYR B 276 74.75 -5.68 22.09
CA TYR B 276 75.99 -5.07 21.66
C TYR B 276 77.16 -5.63 22.46
N ALA B 277 78.22 -6.01 21.75
CA ALA B 277 79.49 -6.33 22.38
C ALA B 277 80.30 -5.06 22.53
N GLN B 278 80.73 -4.75 23.76
CA GLN B 278 81.42 -3.51 24.06
C GLN B 278 82.93 -3.70 24.19
N ARG B 279 83.48 -4.84 23.78
CA ARG B 279 84.91 -5.07 23.83
C ARG B 279 85.27 -6.15 22.83
N ALA B 280 86.58 -6.32 22.61
CA ALA B 280 87.11 -7.37 21.75
C ALA B 280 87.25 -8.63 22.59
N PHE B 281 86.36 -9.60 22.38
CA PHE B 281 86.39 -10.82 23.15
C PHE B 281 87.68 -11.60 22.90
N ASP B 282 88.19 -12.23 23.95
CA ASP B 282 89.39 -13.05 23.86
C ASP B 282 89.03 -14.47 24.26
N HIS B 283 89.23 -15.41 23.33
CA HIS B 283 88.95 -16.81 23.63
C HIS B 283 89.84 -17.31 24.76
N GLU B 284 91.07 -16.81 24.86
CA GLU B 284 92.01 -17.30 25.85
C GLU B 284 91.79 -16.69 27.23
N GLN B 285 91.17 -15.50 27.31
CA GLN B 285 90.97 -14.84 28.58
C GLN B 285 89.63 -15.19 29.23
N ILE B 286 88.58 -15.32 28.44
CA ILE B 286 87.24 -15.63 28.94
C ILE B 286 86.61 -16.66 28.01
N ARG B 287 86.09 -17.75 28.59
CA ARG B 287 85.60 -18.85 27.78
C ARG B 287 84.17 -18.59 27.29
N SER B 288 83.31 -18.08 28.17
CA SER B 288 81.89 -17.92 27.92
C SER B 288 81.31 -17.21 29.13
N PHE B 289 80.10 -16.67 28.97
CA PHE B 289 79.43 -16.05 30.11
C PHE B 289 77.92 -16.16 29.94
N GLN B 290 77.23 -16.05 31.07
CA GLN B 290 75.78 -16.16 31.13
C GLN B 290 75.18 -14.84 31.59
N LEU B 291 74.20 -14.35 30.85
CA LEU B 291 73.46 -13.14 31.19
C LEU B 291 72.03 -13.49 31.54
N THR B 292 71.38 -12.59 32.29
CA THR B 292 69.97 -12.72 32.62
C THR B 292 69.26 -11.50 32.05
N LEU B 293 68.49 -11.71 31.00
CA LEU B 293 67.76 -10.61 30.36
C LEU B 293 66.35 -10.52 30.91
N GLN B 294 65.74 -9.35 30.76
CA GLN B 294 64.43 -9.07 31.34
C GLN B 294 63.63 -8.19 30.38
N ALA B 295 62.50 -8.70 29.92
CA ALA B 295 61.50 -7.90 29.23
C ALA B 295 60.51 -7.35 30.25
N ARG B 296 60.04 -6.13 30.00
CA ARG B 296 59.28 -5.40 31.01
C ARG B 296 58.42 -4.34 30.34
N ASP B 297 57.16 -4.24 30.76
CA ASP B 297 56.29 -3.18 30.29
C ASP B 297 56.35 -1.99 31.22
N GLN B 298 56.11 -0.80 30.66
CA GLN B 298 56.17 0.44 31.42
C GLN B 298 54.85 0.80 32.09
N GLY B 299 53.97 -0.19 32.29
CA GLY B 299 52.72 0.04 32.99
C GLY B 299 52.85 -0.14 34.49
N SER B 300 51.79 0.23 35.20
CA SER B 300 51.73 0.09 36.65
C SER B 300 50.61 -0.87 37.01
N PRO B 301 50.90 -2.02 37.64
CA PRO B 301 52.27 -2.46 37.97
C PRO B 301 52.99 -3.01 36.75
N ALA B 302 54.33 -3.04 36.82
CA ALA B 302 55.15 -3.50 35.71
C ALA B 302 55.28 -5.01 35.76
N LEU B 303 54.93 -5.68 34.67
CA LEU B 303 55.12 -7.11 34.53
C LEU B 303 56.40 -7.38 33.77
N SER B 304 57.06 -8.48 34.11
CA SER B 304 58.39 -8.74 33.59
C SER B 304 58.56 -10.22 33.30
N ALA B 305 59.64 -10.55 32.59
CA ALA B 305 60.03 -11.92 32.32
C ALA B 305 61.54 -11.96 32.16
N ASN B 306 62.17 -12.99 32.72
CA ASN B 306 63.61 -13.17 32.66
C ASN B 306 63.94 -14.37 31.79
N VAL B 307 64.99 -14.23 30.99
CA VAL B 307 65.52 -15.33 30.19
C VAL B 307 67.00 -15.50 30.52
N SER B 308 67.44 -16.75 30.54
CA SER B 308 68.86 -17.07 30.64
C SER B 308 69.46 -17.05 29.23
N MET B 309 70.50 -16.26 29.05
CA MET B 309 71.23 -16.20 27.79
C MET B 309 72.68 -16.59 28.03
N ARG B 310 73.31 -17.14 27.00
CA ARG B 310 74.70 -17.54 27.10
C ARG B 310 75.44 -17.09 25.86
N VAL B 311 76.67 -16.63 26.05
CA VAL B 311 77.55 -16.21 24.97
C VAL B 311 78.81 -17.05 25.03
N LEU B 312 79.06 -17.79 23.96
CA LEU B 312 80.28 -18.58 23.77
C LEU B 312 81.13 -17.88 22.72
N VAL B 313 82.35 -17.52 23.09
CA VAL B 313 83.27 -16.90 22.13
C VAL B 313 84.00 -18.00 21.38
N ASP B 314 84.02 -17.90 20.05
CA ASP B 314 84.62 -18.93 19.22
C ASP B 314 86.12 -18.69 19.08
N ASP B 315 86.87 -19.80 19.01
CA ASP B 315 88.32 -19.73 18.92
C ASP B 315 88.73 -19.37 17.50
N ARG B 316 89.79 -18.57 17.40
CA ARG B 316 90.38 -18.22 16.12
C ARG B 316 91.88 -18.46 16.21
N ASN B 317 92.50 -18.72 15.05
CA ASN B 317 93.92 -19.03 14.99
C ASN B 317 94.74 -17.74 15.07
N ASP B 318 94.79 -17.19 16.27
CA ASP B 318 95.52 -15.95 16.52
C ASP B 318 96.72 -16.15 17.44
N ASN B 319 97.00 -17.37 17.88
CA ASN B 319 98.10 -17.68 18.78
C ASN B 319 99.03 -18.68 18.10
N ALA B 320 100.25 -18.25 17.80
CA ALA B 320 101.24 -19.16 17.28
C ALA B 320 101.70 -20.12 18.37
N PRO B 321 102.08 -21.34 18.01
CA PRO B 321 102.59 -22.28 19.02
C PRO B 321 103.93 -21.81 19.56
N ARG B 322 104.21 -22.19 20.80
CA ARG B 322 105.46 -21.85 21.46
C ARG B 322 106.07 -23.11 22.06
N VAL B 323 107.39 -23.12 22.14
CA VAL B 323 108.15 -24.30 22.55
C VAL B 323 108.54 -24.16 24.02
N LEU B 324 108.21 -25.18 24.81
CA LEU B 324 108.60 -25.19 26.22
C LEU B 324 110.02 -25.68 26.40
N TYR B 325 110.36 -26.80 25.75
CA TYR B 325 111.67 -27.41 25.79
C TYR B 325 112.02 -27.85 24.36
N PRO B 326 113.28 -27.69 23.94
CA PRO B 326 114.44 -27.24 24.70
C PRO B 326 114.47 -25.74 24.99
N THR B 327 115.37 -25.33 25.88
CA THR B 327 115.62 -23.91 26.09
C THR B 327 116.44 -23.37 24.93
N LEU B 328 115.96 -22.30 24.30
CA LEU B 328 116.60 -21.73 23.13
C LEU B 328 117.51 -20.58 23.54
N GLU B 329 118.73 -20.58 23.00
CA GLU B 329 119.53 -19.37 23.03
C GLU B 329 118.82 -18.29 22.21
N PRO B 330 119.08 -17.01 22.50
CA PRO B 330 118.43 -15.94 21.70
C PRO B 330 118.64 -16.10 20.21
N ASP B 331 119.73 -16.74 19.78
CA ASP B 331 119.88 -17.09 18.37
C ASP B 331 118.88 -18.17 17.98
N GLY B 332 118.73 -19.20 18.80
CA GLY B 332 117.74 -20.24 18.54
C GLY B 332 118.20 -21.66 18.80
N SER B 333 119.51 -21.89 18.80
CA SER B 333 120.04 -23.24 18.86
C SER B 333 120.09 -23.75 20.30
N ALA B 334 120.13 -25.07 20.43
CA ALA B 334 120.29 -25.76 21.70
C ALA B 334 121.44 -26.75 21.59
N LEU B 335 122.20 -26.90 22.66
CA LEU B 335 123.41 -27.72 22.66
C LEU B 335 123.17 -29.02 23.41
N PHE B 336 123.33 -30.14 22.71
CA PHE B 336 123.30 -31.48 23.31
C PHE B 336 124.42 -32.28 22.64
N ASP B 337 125.61 -32.24 23.26
CA ASP B 337 126.83 -32.73 22.63
C ASP B 337 127.39 -33.98 23.31
N MET B 338 126.52 -34.88 23.76
CA MET B 338 126.96 -36.10 24.42
C MET B 338 126.11 -37.30 24.04
N VAL B 339 125.53 -37.28 22.85
CA VAL B 339 124.74 -38.43 22.39
C VAL B 339 125.67 -39.58 22.02
N PRO B 340 125.47 -40.78 22.56
CA PRO B 340 126.37 -41.90 22.25
C PRO B 340 126.00 -42.64 20.97
N ARG B 341 127.03 -43.09 20.26
CA ARG B 341 126.87 -43.89 19.05
C ARG B 341 126.55 -45.35 19.34
N ALA B 342 126.53 -45.75 20.62
CA ALA B 342 126.45 -47.17 20.96
C ALA B 342 125.07 -47.75 20.73
N ALA B 343 124.02 -46.93 20.67
CA ALA B 343 122.66 -47.43 20.58
C ALA B 343 122.24 -47.67 19.14
N GLU B 344 121.44 -48.72 18.95
CA GLU B 344 120.84 -49.03 17.66
C GLU B 344 119.62 -48.14 17.46
N PRO B 345 119.00 -48.18 16.25
CA PRO B 345 117.81 -47.33 16.02
C PRO B 345 116.72 -47.49 17.08
N GLY B 346 115.88 -46.46 17.21
CA GLY B 346 114.91 -46.39 18.28
C GLY B 346 115.39 -45.70 19.53
N TYR B 347 116.55 -45.06 19.47
CA TYR B 347 117.14 -44.39 20.64
C TYR B 347 116.75 -42.92 20.61
N LEU B 348 116.00 -42.48 21.62
CA LEU B 348 115.54 -41.10 21.67
C LEU B 348 116.69 -40.19 22.10
N VAL B 349 116.94 -39.15 21.29
CA VAL B 349 117.95 -38.14 21.62
C VAL B 349 117.37 -37.20 22.67
N THR B 350 116.38 -36.41 22.26
CA THR B 350 115.64 -35.55 23.18
C THR B 350 114.15 -35.67 22.87
N LYS B 351 113.34 -35.04 23.72
CA LYS B 351 111.89 -34.97 23.54
C LYS B 351 111.50 -33.50 23.46
N VAL B 352 111.05 -33.07 22.29
CA VAL B 352 110.63 -31.69 22.07
C VAL B 352 109.18 -31.54 22.50
N VAL B 353 108.90 -30.55 23.35
CA VAL B 353 107.56 -30.30 23.84
C VAL B 353 107.19 -28.86 23.56
N ALA B 354 106.04 -28.66 22.92
CA ALA B 354 105.51 -27.35 22.62
C ALA B 354 104.03 -27.34 22.96
N VAL B 355 103.46 -26.14 23.08
CA VAL B 355 102.05 -25.96 23.38
C VAL B 355 101.51 -24.78 22.59
N ASP B 356 100.19 -24.66 22.56
CA ASP B 356 99.49 -23.56 21.91
C ASP B 356 98.35 -23.12 22.80
N ALA B 357 98.25 -21.81 23.05
CA ALA B 357 97.22 -21.26 23.94
C ALA B 357 95.81 -21.37 23.37
N ASP B 358 95.66 -21.82 22.12
CA ASP B 358 94.35 -21.96 21.50
C ASP B 358 93.64 -23.23 21.93
N SER B 359 92.70 -23.71 21.11
CA SER B 359 91.95 -24.92 21.43
C SER B 359 91.61 -25.64 20.13
N GLY B 360 91.28 -26.91 20.25
CA GLY B 360 90.86 -27.69 19.08
C GLY B 360 91.99 -27.85 18.08
N HIS B 361 91.64 -27.82 16.79
CA HIS B 361 92.65 -27.90 15.75
C HIS B 361 93.58 -26.71 15.76
N ASN B 362 93.19 -25.61 16.41
CA ASN B 362 94.10 -24.48 16.55
C ASN B 362 95.20 -24.74 17.58
N ALA B 363 95.05 -25.79 18.40
CA ALA B 363 96.08 -26.20 19.35
C ALA B 363 96.58 -27.61 19.04
N TRP B 364 96.40 -28.07 17.81
CA TRP B 364 96.87 -29.38 17.38
C TRP B 364 98.32 -29.28 16.95
N LEU B 365 99.21 -29.95 17.67
CA LEU B 365 100.64 -29.77 17.47
C LEU B 365 101.22 -30.89 16.63
N SER B 366 101.92 -30.52 15.57
CA SER B 366 102.52 -31.46 14.61
C SER B 366 103.96 -31.04 14.34
N TYR B 367 104.92 -31.84 14.79
CA TYR B 367 106.34 -31.51 14.64
C TYR B 367 106.86 -32.08 13.32
N HIS B 368 107.44 -31.22 12.50
CA HIS B 368 107.99 -31.61 11.21
C HIS B 368 109.49 -31.30 11.17
N VAL B 369 110.23 -32.19 10.53
CA VAL B 369 111.66 -31.98 10.33
C VAL B 369 111.85 -31.04 9.16
N LEU B 370 111.99 -29.75 9.44
CA LEU B 370 112.08 -28.75 8.38
C LEU B 370 113.42 -28.87 7.63
N GLN B 371 114.53 -28.95 8.36
CA GLN B 371 115.85 -28.99 7.73
C GLN B 371 116.75 -29.90 8.55
N ALA B 372 117.79 -30.42 7.88
CA ALA B 372 118.74 -31.32 8.54
C ALA B 372 120.00 -31.43 7.68
N SER B 373 121.12 -31.67 8.35
CA SER B 373 122.36 -31.98 7.66
C SER B 373 122.44 -33.43 7.20
N ASP B 374 121.51 -34.28 7.65
CA ASP B 374 121.46 -35.67 7.26
C ASP B 374 120.01 -36.12 7.12
N PRO B 375 119.58 -36.51 5.91
CA PRO B 375 118.22 -37.06 5.77
C PRO B 375 118.20 -38.55 6.07
N GLY B 376 117.19 -38.97 6.83
CA GLY B 376 117.04 -40.36 7.19
C GLY B 376 117.78 -40.81 8.43
N LEU B 377 118.51 -39.90 9.09
CA LEU B 377 119.23 -40.26 10.31
C LEU B 377 118.32 -40.21 11.53
N PHE B 378 117.45 -39.19 11.61
CA PHE B 378 116.58 -38.99 12.76
C PHE B 378 115.12 -39.14 12.33
N SER B 379 114.37 -39.94 13.09
CA SER B 379 112.93 -40.07 12.94
C SER B 379 112.25 -39.33 14.08
N LEU B 380 111.25 -38.53 13.75
CA LEU B 380 110.57 -37.69 14.72
C LEU B 380 109.09 -38.04 14.73
N GLY B 381 108.58 -38.40 15.91
CA GLY B 381 107.16 -38.66 16.07
C GLY B 381 106.34 -37.44 15.73
N LEU B 382 105.48 -37.57 14.72
CA LEU B 382 104.72 -36.41 14.24
C LEU B 382 103.87 -35.81 15.34
N ARG B 383 103.44 -36.62 16.31
CA ARG B 383 102.63 -36.14 17.44
C ARG B 383 103.37 -36.15 18.76
N THR B 384 104.31 -37.08 18.95
CA THR B 384 104.95 -37.22 20.26
C THR B 384 106.03 -36.16 20.48
N GLY B 385 106.82 -35.87 19.46
CA GLY B 385 107.91 -34.93 19.57
C GLY B 385 109.25 -35.53 19.93
N GLU B 386 109.32 -36.84 20.14
CA GLU B 386 110.59 -37.50 20.44
C GLU B 386 111.44 -37.56 19.18
N VAL B 387 112.66 -37.03 19.26
CA VAL B 387 113.61 -37.16 18.16
C VAL B 387 114.48 -38.39 18.42
N ARG B 388 114.52 -39.31 17.46
CA ARG B 388 115.23 -40.56 17.60
C ARG B 388 116.15 -40.76 16.41
N THR B 389 117.00 -41.77 16.51
CA THR B 389 117.86 -42.20 15.41
C THR B 389 117.16 -43.32 14.65
N ALA B 390 116.94 -43.11 13.34
CA ALA B 390 116.21 -44.06 12.51
C ALA B 390 117.07 -45.22 12.01
N ARG B 391 118.36 -44.99 11.78
CA ARG B 391 119.26 -46.02 11.31
C ARG B 391 120.46 -46.10 12.24
N ALA B 392 121.30 -47.10 12.01
CA ALA B 392 122.54 -47.23 12.77
C ALA B 392 123.49 -46.08 12.41
N LEU B 393 124.40 -45.79 13.34
CA LEU B 393 125.35 -44.69 13.17
C LEU B 393 126.53 -45.18 12.35
N SER B 394 126.61 -44.74 11.09
CA SER B 394 127.75 -45.04 10.24
C SER B 394 128.86 -44.00 10.46
N ASP B 395 130.10 -44.47 10.46
CA ASP B 395 131.23 -43.58 10.70
C ASP B 395 131.52 -42.65 9.53
N LYS B 396 130.88 -42.86 8.38
CA LYS B 396 130.96 -41.88 7.30
C LYS B 396 130.21 -40.60 7.65
N ASP B 397 129.25 -40.69 8.58
CA ASP B 397 128.52 -39.50 9.02
C ASP B 397 129.45 -38.53 9.74
N ALA B 398 129.14 -37.24 9.62
CA ALA B 398 129.93 -36.21 10.27
C ALA B 398 129.59 -36.12 11.76
N ALA B 399 130.55 -35.61 12.53
CA ALA B 399 130.32 -35.46 13.96
C ALA B 399 129.27 -34.39 14.24
N ARG B 400 129.45 -33.19 13.69
CA ARG B 400 128.53 -32.09 13.92
C ARG B 400 127.29 -32.28 13.05
N GLN B 401 126.12 -32.32 13.68
CA GLN B 401 124.85 -32.45 12.98
C GLN B 401 123.92 -31.33 13.42
N ARG B 402 123.33 -30.63 12.46
CA ARG B 402 122.44 -29.51 12.72
C ARG B 402 121.04 -29.87 12.24
N LEU B 403 120.08 -29.82 13.17
CA LEU B 403 118.68 -30.11 12.89
C LEU B 403 117.86 -28.84 13.04
N LEU B 404 116.81 -28.71 12.23
CA LEU B 404 115.92 -27.54 12.25
C LEU B 404 114.49 -28.04 12.24
N VAL B 405 113.84 -28.00 13.40
CA VAL B 405 112.49 -28.50 13.59
C VAL B 405 111.51 -27.35 13.50
N ALA B 406 110.30 -27.66 13.05
CA ALA B 406 109.22 -26.69 12.93
C ALA B 406 107.98 -27.25 13.59
N VAL B 407 107.38 -26.47 14.50
CA VAL B 407 106.15 -26.84 15.17
C VAL B 407 105.00 -26.09 14.50
N ARG B 408 104.01 -26.84 14.02
CA ARG B 408 102.89 -26.26 13.29
C ARG B 408 101.58 -26.73 13.92
N ASP B 409 100.58 -25.84 13.92
CA ASP B 409 99.26 -26.19 14.42
C ASP B 409 98.36 -26.63 13.28
N GLY B 410 97.27 -27.32 13.65
CA GLY B 410 96.32 -27.87 12.71
C GLY B 410 95.33 -26.89 12.12
N GLY B 411 95.47 -25.59 12.42
CA GLY B 411 94.60 -24.60 11.83
C GLY B 411 94.94 -24.31 10.37
N GLN B 412 94.03 -23.61 9.71
CA GLN B 412 94.19 -23.21 8.32
C GLN B 412 93.89 -21.73 8.18
N PRO B 413 94.89 -20.88 7.92
CA PRO B 413 96.30 -21.25 7.76
C PRO B 413 97.00 -21.51 9.09
N PRO B 414 98.01 -22.38 9.09
CA PRO B 414 98.67 -22.75 10.34
C PRO B 414 99.68 -21.71 10.80
N LEU B 415 100.03 -21.78 12.08
CA LEU B 415 101.08 -20.98 12.67
C LEU B 415 102.17 -21.91 13.19
N SER B 416 103.42 -21.44 13.14
CA SER B 416 104.55 -22.31 13.38
C SER B 416 105.60 -21.60 14.22
N ALA B 417 106.49 -22.40 14.82
CA ALA B 417 107.63 -21.92 15.58
C ALA B 417 108.77 -22.91 15.40
N THR B 418 109.92 -22.41 14.96
CA THR B 418 111.06 -23.25 14.62
C THR B 418 112.10 -23.24 15.73
N ALA B 419 112.88 -24.31 15.78
CA ALA B 419 113.95 -24.43 16.75
C ALA B 419 115.12 -25.18 16.11
N THR B 420 116.32 -24.90 16.59
CA THR B 420 117.54 -25.50 16.07
C THR B 420 118.12 -26.45 17.10
N LEU B 421 118.27 -27.72 16.73
CA LEU B 421 118.88 -28.75 17.57
C LEU B 421 120.28 -29.01 17.06
N LEU B 422 121.28 -28.49 17.77
CA LEU B 422 122.68 -28.75 17.45
C LEU B 422 123.11 -30.00 18.22
N LEU B 423 123.30 -31.10 17.50
CA LEU B 423 123.70 -32.38 18.09
C LEU B 423 124.99 -32.83 17.43
N VAL B 424 126.08 -32.84 18.19
CA VAL B 424 127.38 -33.27 17.69
C VAL B 424 127.77 -34.55 18.44
N PHE B 425 128.64 -35.33 17.80
CA PHE B 425 129.09 -36.59 18.36
C PHE B 425 130.60 -36.59 18.58
N PRO C 3 -41.22 13.27 -45.46
CA PRO C 3 -40.13 13.07 -44.49
C PRO C 3 -38.75 13.34 -45.11
N VAL C 4 -38.07 14.37 -44.62
CA VAL C 4 -36.74 14.74 -45.09
C VAL C 4 -35.82 14.92 -43.89
N PHE C 5 -34.59 14.42 -44.00
CA PHE C 5 -33.60 14.60 -42.95
C PHE C 5 -32.80 15.89 -43.17
N SER C 6 -32.12 16.32 -42.12
CA SER C 6 -31.25 17.50 -42.23
C SER C 6 -30.12 17.24 -43.22
N GLN C 7 -29.53 16.05 -43.18
CA GLN C 7 -28.46 15.68 -44.08
C GLN C 7 -28.69 14.24 -44.54
N ASP C 8 -28.06 13.90 -45.67
CA ASP C 8 -28.10 12.52 -46.14
C ASP C 8 -27.21 11.63 -45.28
N VAL C 9 -26.02 12.11 -44.92
CA VAL C 9 -25.04 11.33 -44.18
C VAL C 9 -24.71 12.07 -42.89
N TYR C 10 -24.67 11.33 -41.79
CA TYR C 10 -24.29 11.85 -40.48
C TYR C 10 -23.02 11.18 -40.01
N ARG C 11 -22.13 11.94 -39.38
CA ARG C 11 -20.86 11.45 -38.90
C ARG C 11 -20.66 11.91 -37.46
N VAL C 12 -20.44 10.96 -36.55
CA VAL C 12 -20.19 11.25 -35.15
C VAL C 12 -18.88 10.59 -34.74
N ARG C 13 -18.33 11.07 -33.62
CA ARG C 13 -17.09 10.55 -33.06
C ARG C 13 -17.36 10.17 -31.60
N LEU C 14 -17.18 8.89 -31.28
CA LEU C 14 -17.46 8.38 -29.94
C LEU C 14 -16.20 7.78 -29.34
N PRO C 15 -15.77 8.21 -28.15
CA PRO C 15 -14.67 7.51 -27.47
C PRO C 15 -15.09 6.10 -27.11
N GLU C 16 -14.12 5.18 -27.13
CA GLU C 16 -14.44 3.78 -26.86
C GLU C 16 -14.86 3.56 -25.42
N ASP C 17 -14.49 4.46 -24.51
CA ASP C 17 -14.94 4.39 -23.13
C ASP C 17 -16.25 5.12 -22.91
N LEU C 18 -17.02 5.35 -23.96
CA LEU C 18 -18.32 6.00 -23.83
C LEU C 18 -19.24 5.14 -22.98
N PRO C 19 -19.96 5.74 -22.03
CA PRO C 19 -20.83 4.94 -21.16
C PRO C 19 -21.97 4.34 -21.96
N PRO C 20 -22.56 3.25 -21.47
CA PRO C 20 -23.69 2.64 -22.19
C PRO C 20 -24.98 3.38 -21.88
N GLY C 21 -25.82 3.47 -22.90
CA GLY C 21 -27.07 4.18 -22.73
C GLY C 21 -26.99 5.66 -22.99
N THR C 22 -25.88 6.14 -23.55
CA THR C 22 -25.73 7.55 -23.90
C THR C 22 -26.21 7.80 -25.32
N THR C 23 -26.97 8.88 -25.49
CA THR C 23 -27.61 9.17 -26.77
C THR C 23 -26.58 9.73 -27.74
N VAL C 24 -26.47 9.10 -28.91
CA VAL C 24 -25.43 9.44 -29.87
C VAL C 24 -25.92 10.45 -30.88
N LEU C 25 -27.09 10.21 -31.48
CA LEU C 25 -27.60 11.06 -32.54
C LEU C 25 -29.12 11.18 -32.40
N ARG C 26 -29.63 12.36 -32.74
CA ARG C 26 -31.07 12.64 -32.68
C ARG C 26 -31.54 12.94 -34.10
N LEU C 27 -32.19 11.95 -34.73
CA LEU C 27 -32.68 12.10 -36.10
C LEU C 27 -34.10 12.66 -36.06
N LYS C 28 -34.29 13.80 -36.72
CA LYS C 28 -35.59 14.46 -36.77
C LYS C 28 -35.93 14.80 -38.22
N ALA C 29 -37.18 14.58 -38.60
CA ALA C 29 -37.63 14.86 -39.96
C ALA C 29 -38.78 15.85 -39.98
N ALA C 38 -45.27 15.62 -36.33
CA ALA C 38 -45.25 14.74 -37.49
C ALA C 38 -44.89 13.32 -37.08
N GLU C 39 -45.90 12.46 -36.95
CA GLU C 39 -45.68 11.09 -36.48
C GLU C 39 -44.99 10.28 -37.56
N PHE C 40 -43.79 9.80 -37.26
CA PHE C 40 -43.02 8.95 -38.16
C PHE C 40 -42.55 7.70 -37.41
N THR C 41 -42.07 6.73 -38.17
CA THR C 41 -41.54 5.48 -37.63
C THR C 41 -40.15 5.26 -38.22
N TYR C 42 -39.13 5.30 -37.37
CA TYR C 42 -37.76 5.08 -37.80
C TYR C 42 -37.38 3.62 -37.57
N SER C 43 -36.67 3.05 -38.54
CA SER C 43 -36.32 1.64 -38.48
C SER C 43 -34.96 1.42 -39.12
N PHE C 44 -34.24 0.42 -38.63
CA PHE C 44 -32.96 0.04 -39.20
C PHE C 44 -33.17 -0.63 -40.55
N LEU C 45 -32.41 -0.20 -41.56
CA LEU C 45 -32.49 -0.74 -42.90
C LEU C 45 -31.22 -1.51 -43.22
N GLY C 46 -31.38 -2.61 -43.95
CA GLY C 46 -30.22 -3.44 -44.27
C GLY C 46 -29.70 -4.13 -43.02
N VAL C 47 -28.38 -4.25 -42.95
CA VAL C 47 -27.70 -4.83 -41.79
C VAL C 47 -27.17 -3.70 -40.92
N ALA C 48 -27.55 -3.72 -39.65
CA ALA C 48 -27.12 -2.74 -38.68
C ALA C 48 -26.92 -3.44 -37.35
N ASN C 49 -25.85 -3.08 -36.64
CA ASN C 49 -25.53 -3.75 -35.37
C ASN C 49 -26.53 -3.30 -34.32
N LYS C 50 -27.72 -3.92 -34.38
CA LYS C 50 -28.77 -3.62 -33.42
C LYS C 50 -28.40 -4.05 -32.01
N ALA C 51 -27.43 -4.96 -31.86
CA ALA C 51 -26.96 -5.35 -30.55
C ALA C 51 -26.08 -4.29 -29.90
N GLN C 52 -25.61 -3.30 -30.66
CA GLN C 52 -24.78 -2.24 -30.13
C GLN C 52 -25.52 -0.91 -30.00
N PHE C 53 -26.43 -0.60 -30.92
CA PHE C 53 -27.17 0.65 -30.91
C PHE C 53 -28.66 0.39 -30.92
N SER C 54 -29.40 1.26 -30.25
CA SER C 54 -30.85 1.21 -30.17
C SER C 54 -31.43 2.45 -30.81
N LEU C 55 -32.37 2.26 -31.73
CA LEU C 55 -33.06 3.35 -32.43
C LEU C 55 -34.52 3.34 -32.00
N ASP C 56 -34.89 4.29 -31.15
CA ASP C 56 -36.28 4.44 -30.75
C ASP C 56 -37.12 4.86 -31.95
N PRO C 57 -38.16 4.11 -32.32
CA PRO C 57 -38.93 4.47 -33.53
C PRO C 57 -39.63 5.81 -33.43
N ILE C 58 -39.97 6.27 -32.23
CA ILE C 58 -40.74 7.50 -32.07
C ILE C 58 -39.79 8.69 -32.00
N THR C 59 -38.90 8.69 -31.01
CA THR C 59 -38.05 9.85 -30.80
C THR C 59 -37.01 10.01 -31.91
N GLY C 60 -36.67 8.90 -32.58
CA GLY C 60 -35.60 8.90 -33.56
C GLY C 60 -34.21 8.98 -32.98
N ASP C 61 -34.05 8.79 -31.68
CA ASP C 61 -32.76 8.84 -31.04
C ASP C 61 -32.00 7.53 -31.25
N ILE C 62 -30.68 7.60 -31.12
CA ILE C 62 -29.79 6.46 -31.20
C ILE C 62 -28.97 6.42 -29.92
N VAL C 63 -29.05 5.32 -29.18
CA VAL C 63 -28.30 5.17 -27.94
C VAL C 63 -27.41 3.93 -28.04
N THR C 64 -26.40 3.90 -27.18
CA THR C 64 -25.47 2.76 -27.12
C THR C 64 -25.97 1.76 -26.10
N ARG C 65 -26.32 0.56 -26.56
CA ARG C 65 -26.82 -0.49 -25.69
C ARG C 65 -25.72 -1.22 -24.92
N GLN C 66 -24.45 -0.92 -25.22
CA GLN C 66 -23.35 -1.74 -24.75
C GLN C 66 -22.08 -0.89 -24.77
N SER C 67 -21.09 -1.32 -24.00
CA SER C 67 -19.81 -0.63 -24.00
C SER C 67 -19.14 -0.76 -25.36
N LEU C 68 -18.47 0.32 -25.79
CA LEU C 68 -17.77 0.31 -27.07
C LEU C 68 -16.35 -0.23 -26.89
N ASP C 69 -15.80 -0.77 -27.99
CA ASP C 69 -14.44 -1.31 -27.96
C ASP C 69 -13.77 -1.05 -29.30
N PHE C 70 -12.73 -0.22 -29.28
CA PHE C 70 -12.05 0.12 -30.53
C PHE C 70 -11.28 -1.06 -31.11
N GLU C 71 -10.75 -1.93 -30.24
CA GLU C 71 -9.90 -3.02 -30.70
C GLU C 71 -10.68 -4.10 -31.43
N GLU C 72 -12.00 -4.15 -31.29
CA GLU C 72 -12.83 -5.12 -32.00
C GLU C 72 -13.54 -4.52 -33.21
N VAL C 73 -14.18 -3.36 -33.04
CA VAL C 73 -14.82 -2.66 -34.14
C VAL C 73 -14.45 -1.19 -34.05
N GLU C 74 -13.96 -0.63 -35.16
CA GLU C 74 -13.53 0.75 -35.17
C GLU C 74 -14.61 1.72 -35.64
N GLN C 75 -15.57 1.25 -36.44
CA GLN C 75 -16.63 2.11 -36.92
C GLN C 75 -17.84 1.27 -37.30
N TYR C 76 -19.01 1.90 -37.24
CA TYR C 76 -20.26 1.30 -37.66
C TYR C 76 -20.92 2.16 -38.73
N THR C 77 -21.70 1.52 -39.59
CA THR C 77 -22.54 2.21 -40.57
C THR C 77 -23.95 1.64 -40.48
N ILE C 78 -24.89 2.47 -40.03
CA ILE C 78 -26.27 2.06 -39.86
C ILE C 78 -27.16 2.94 -40.74
N ASP C 79 -28.08 2.32 -41.46
CA ASP C 79 -28.95 3.01 -42.39
C ASP C 79 -30.33 3.14 -41.77
N VAL C 80 -30.67 4.36 -41.36
CA VAL C 80 -31.97 4.66 -40.78
C VAL C 80 -32.94 4.98 -41.91
N GLU C 81 -34.23 4.73 -41.68
CA GLU C 81 -35.25 5.00 -42.69
C GLU C 81 -36.47 5.58 -42.01
N ALA C 82 -37.00 6.68 -42.57
CA ALA C 82 -38.18 7.34 -42.05
C ALA C 82 -39.35 7.10 -42.99
N LYS C 83 -40.44 6.57 -42.46
CA LYS C 83 -41.61 6.23 -43.26
C LYS C 83 -42.83 6.96 -42.73
N ASP C 84 -43.56 7.62 -43.63
CA ASP C 84 -44.83 8.26 -43.32
C ASP C 84 -45.88 7.19 -42.97
N ARG C 85 -47.02 7.65 -42.44
CA ARG C 85 -48.17 6.77 -42.32
C ARG C 85 -48.54 6.16 -43.67
N GLY C 86 -48.49 6.98 -44.72
CA GLY C 86 -48.61 6.47 -46.07
C GLY C 86 -47.32 5.81 -46.53
N SER C 87 -47.32 5.42 -47.81
CA SER C 87 -46.19 4.68 -48.36
C SER C 87 -44.92 5.52 -48.50
N LEU C 88 -45.05 6.85 -48.46
CA LEU C 88 -43.89 7.72 -48.69
C LEU C 88 -42.84 7.54 -47.61
N SER C 89 -41.60 7.36 -48.03
CA SER C 89 -40.49 7.16 -47.11
C SER C 89 -39.22 7.74 -47.71
N SER C 90 -38.24 7.99 -46.84
CA SER C 90 -36.94 8.48 -47.25
C SER C 90 -35.87 7.83 -46.38
N GLN C 91 -34.64 7.81 -46.92
CA GLN C 91 -33.54 7.07 -46.33
C GLN C 91 -32.47 8.02 -45.80
N CYS C 92 -31.74 7.55 -44.78
CA CYS C 92 -30.65 8.29 -44.17
C CYS C 92 -29.56 7.30 -43.79
N LYS C 93 -28.32 7.78 -43.79
CA LYS C 93 -27.16 6.95 -43.45
C LYS C 93 -26.37 7.60 -42.32
N VAL C 94 -26.06 6.82 -41.30
CA VAL C 94 -25.30 7.28 -40.15
C VAL C 94 -23.99 6.49 -40.09
N ILE C 95 -22.88 7.20 -40.01
CA ILE C 95 -21.54 6.61 -39.94
C ILE C 95 -20.94 7.00 -38.60
N ILE C 96 -20.76 6.03 -37.72
CA ILE C 96 -20.23 6.25 -36.37
C ILE C 96 -18.77 5.80 -36.35
N GLU C 97 -17.89 6.70 -35.90
CA GLU C 97 -16.46 6.43 -35.83
C GLU C 97 -16.02 6.40 -34.37
N VAL C 98 -15.36 5.33 -33.98
CA VAL C 98 -14.88 5.16 -32.62
C VAL C 98 -13.44 5.65 -32.52
N LEU C 99 -13.14 6.42 -31.48
CA LEU C 99 -11.81 6.97 -31.27
C LEU C 99 -11.05 6.08 -30.28
N ASP C 100 -9.82 5.72 -30.65
CA ASP C 100 -9.03 4.83 -29.82
C ASP C 100 -8.61 5.51 -28.53
N GLU C 101 -8.82 4.84 -27.40
CA GLU C 101 -8.39 5.31 -26.09
C GLU C 101 -7.37 4.35 -25.52
N ASN C 102 -6.40 4.91 -24.79
CA ASN C 102 -5.32 4.12 -24.20
C ASN C 102 -5.87 3.33 -23.02
N ASP C 103 -6.49 2.19 -23.33
CA ASP C 103 -7.00 1.28 -22.30
C ASP C 103 -6.26 -0.05 -22.31
N ASN C 104 -5.12 -0.13 -22.99
CA ASN C 104 -4.29 -1.34 -23.01
C ASN C 104 -2.87 -0.98 -22.62
N ARG C 105 -2.29 -1.76 -21.69
CA ARG C 105 -0.92 -1.46 -21.29
C ARG C 105 0.07 -2.29 -22.10
N PRO C 106 1.30 -1.81 -22.26
CA PRO C 106 2.27 -2.52 -23.10
C PRO C 106 2.67 -3.86 -22.51
N GLU C 107 2.83 -4.84 -23.39
CA GLU C 107 3.23 -6.19 -23.03
C GLU C 107 4.70 -6.40 -23.43
N ILE C 108 5.45 -7.04 -22.55
CA ILE C 108 6.83 -7.42 -22.80
C ILE C 108 6.90 -8.93 -22.95
N ILE C 109 7.46 -9.38 -24.07
CA ILE C 109 7.68 -10.80 -24.33
C ILE C 109 9.17 -11.01 -24.57
N ILE C 110 9.73 -12.01 -23.90
CA ILE C 110 11.17 -12.27 -23.96
C ILE C 110 11.38 -13.52 -24.80
N THR C 111 11.89 -13.33 -26.02
CA THR C 111 12.04 -14.44 -26.95
C THR C 111 13.18 -15.37 -26.53
N SER C 112 14.36 -14.82 -26.29
CA SER C 112 15.53 -15.63 -25.94
C SER C 112 16.33 -14.98 -24.82
N LEU C 113 16.81 -15.81 -23.90
CA LEU C 113 17.60 -15.39 -22.76
C LEU C 113 18.82 -16.30 -22.66
N SER C 114 20.00 -15.70 -22.59
CA SER C 114 21.24 -16.46 -22.67
C SER C 114 21.43 -17.36 -21.46
N ASP C 115 22.07 -18.51 -21.69
CA ASP C 115 22.32 -19.45 -20.61
C ASP C 115 23.26 -18.86 -19.57
N GLN C 116 24.50 -18.53 -19.98
CA GLN C 116 25.49 -17.95 -19.10
C GLN C 116 26.40 -17.04 -19.90
N ILE C 117 26.73 -15.89 -19.34
CA ILE C 117 27.64 -14.93 -19.95
C ILE C 117 28.95 -14.98 -19.17
N SER C 118 30.01 -15.42 -19.83
CA SER C 118 31.32 -15.47 -19.18
C SER C 118 31.82 -14.04 -18.93
N GLU C 119 32.58 -13.88 -17.85
CA GLU C 119 33.02 -12.56 -17.44
C GLU C 119 33.96 -11.93 -18.45
N ASP C 120 34.62 -12.72 -19.29
CA ASP C 120 35.49 -12.19 -20.33
C ASP C 120 34.74 -11.75 -21.58
N SER C 121 33.42 -11.74 -21.54
CA SER C 121 32.64 -11.28 -22.69
C SER C 121 32.89 -9.80 -22.94
N PRO C 122 33.11 -9.39 -24.18
CA PRO C 122 33.40 -7.98 -24.45
C PRO C 122 32.16 -7.12 -24.28
N SER C 123 32.38 -5.81 -24.21
CA SER C 123 31.28 -4.87 -24.10
C SER C 123 30.48 -4.85 -25.39
N GLY C 124 29.16 -4.93 -25.26
CA GLY C 124 28.30 -4.97 -26.43
C GLY C 124 27.86 -6.34 -26.86
N THR C 125 28.01 -7.35 -26.01
CA THR C 125 27.61 -8.70 -26.35
C THR C 125 26.14 -8.90 -26.04
N VAL C 126 25.46 -9.69 -26.87
CA VAL C 126 24.03 -9.89 -26.76
C VAL C 126 23.75 -10.91 -25.67
N VAL C 127 22.82 -10.59 -24.77
CA VAL C 127 22.52 -11.42 -23.60
C VAL C 127 21.07 -11.83 -23.60
N ALA C 128 20.19 -10.99 -24.14
CA ALA C 128 18.76 -11.27 -24.15
C ALA C 128 18.12 -10.64 -25.37
N LEU C 129 17.03 -11.27 -25.82
CA LEU C 129 16.20 -10.74 -26.90
C LEU C 129 14.77 -10.64 -26.42
N PHE C 130 14.16 -9.47 -26.60
CA PHE C 130 12.78 -9.29 -26.20
C PHE C 130 12.11 -8.27 -27.12
N LYS C 131 10.80 -8.42 -27.27
CA LYS C 131 9.95 -7.52 -28.04
C LYS C 131 8.81 -7.05 -27.16
N VAL C 132 8.09 -6.03 -27.64
CA VAL C 132 6.95 -5.45 -26.94
C VAL C 132 5.77 -5.29 -27.89
N ARG C 133 4.57 -5.40 -27.35
CA ARG C 133 3.35 -5.25 -28.13
C ARG C 133 2.36 -4.36 -27.39
N ASP C 134 1.46 -3.75 -28.16
CA ASP C 134 0.41 -2.92 -27.58
C ASP C 134 -0.82 -3.02 -28.47
N ARG C 135 -1.92 -3.48 -27.89
CA ARG C 135 -3.16 -3.69 -28.63
C ARG C 135 -3.86 -2.41 -29.02
N ASP C 136 -3.44 -1.25 -28.48
CA ASP C 136 -4.02 0.02 -28.86
C ASP C 136 -3.58 0.42 -30.26
N SER C 137 -3.75 1.70 -30.61
CA SER C 137 -3.35 2.16 -31.92
C SER C 137 -2.81 3.58 -31.82
N GLY C 138 -1.91 3.92 -32.74
CA GLY C 138 -1.43 5.29 -32.78
C GLY C 138 -0.45 5.56 -31.66
N GLU C 139 -0.45 6.81 -31.17
CA GLU C 139 0.39 7.19 -30.04
C GLU C 139 0.13 6.34 -28.79
N ASN C 140 -1.07 5.77 -28.67
CA ASN C 140 -1.36 4.89 -27.54
C ASN C 140 -0.62 3.56 -27.63
N ALA C 141 -0.02 3.24 -28.78
CA ALA C 141 0.76 2.02 -28.95
C ALA C 141 2.25 2.27 -29.12
N GLU C 142 2.68 3.53 -29.10
CA GLU C 142 4.11 3.83 -29.12
C GLU C 142 4.72 3.43 -27.78
N VAL C 143 5.71 2.53 -27.82
CA VAL C 143 6.26 1.91 -26.61
C VAL C 143 7.72 2.32 -26.47
N MET C 144 8.11 2.69 -25.25
CA MET C 144 9.49 3.05 -24.92
C MET C 144 9.97 2.15 -23.78
N CYS C 145 11.13 1.53 -23.97
CA CYS C 145 11.69 0.60 -22.99
C CYS C 145 12.81 1.27 -22.22
N SER C 146 12.70 1.27 -20.89
CA SER C 146 13.73 1.80 -20.02
C SER C 146 14.20 0.71 -19.07
N LEU C 147 15.48 0.78 -18.72
CA LEU C 147 16.12 -0.23 -17.89
C LEU C 147 16.71 0.42 -16.65
N SER C 148 16.89 -0.40 -15.61
CA SER C 148 17.57 0.04 -14.40
C SER C 148 19.08 0.13 -14.64
N GLY C 149 19.72 1.11 -14.01
CA GLY C 149 21.10 1.42 -14.35
C GLY C 149 22.16 0.74 -13.51
N ASN C 150 21.77 0.01 -12.46
CA ASN C 150 22.75 -0.63 -11.59
C ASN C 150 23.62 -1.61 -12.37
N ASN C 151 22.99 -2.57 -13.03
CA ASN C 151 23.72 -3.57 -13.78
C ASN C 151 24.36 -2.95 -15.03
N PRO C 152 25.44 -3.55 -15.53
CA PRO C 152 26.13 -3.01 -16.72
C PRO C 152 25.47 -3.45 -18.02
N PHE C 153 24.21 -3.08 -18.19
CA PHE C 153 23.42 -3.48 -19.35
C PHE C 153 22.70 -2.28 -19.94
N LYS C 154 22.61 -2.24 -21.26
CA LYS C 154 21.92 -1.18 -21.98
C LYS C 154 20.97 -1.82 -22.99
N ILE C 155 19.75 -1.30 -23.06
CA ILE C 155 18.76 -1.82 -24.00
C ILE C 155 19.07 -1.31 -25.39
N HIS C 156 19.37 -2.24 -26.31
CA HIS C 156 19.65 -1.87 -27.68
C HIS C 156 18.34 -1.75 -28.45
N SER C 157 18.03 -0.54 -28.91
CA SER C 157 16.77 -0.30 -29.60
C SER C 157 16.91 -0.85 -31.02
N SER C 158 16.27 -1.99 -31.27
CA SER C 158 16.37 -2.62 -32.58
C SER C 158 15.31 -2.04 -33.53
N SER C 159 14.90 -2.85 -34.51
CA SER C 159 14.16 -2.33 -35.68
C SER C 159 12.78 -1.76 -35.33
N ASN C 160 11.84 -2.60 -34.90
CA ASN C 160 10.44 -2.17 -34.76
C ASN C 160 9.80 -2.91 -33.59
N ASN C 161 9.79 -2.27 -32.42
CA ASN C 161 9.29 -2.87 -31.19
C ASN C 161 10.01 -4.17 -30.86
N TYR C 162 11.18 -4.38 -31.46
CA TYR C 162 12.09 -5.45 -31.09
C TYR C 162 13.30 -4.83 -30.40
N TYR C 163 13.92 -5.59 -29.50
CA TYR C 163 15.00 -5.02 -28.70
C TYR C 163 16.05 -6.09 -28.42
N LYS C 164 17.24 -5.62 -28.07
CA LYS C 164 18.34 -6.46 -27.62
C LYS C 164 18.85 -5.93 -26.30
N LEU C 165 19.13 -6.84 -25.36
CA LEU C 165 19.74 -6.48 -24.10
C LEU C 165 21.22 -6.85 -24.16
N VAL C 166 22.08 -5.85 -24.10
CA VAL C 166 23.51 -6.03 -24.28
C VAL C 166 24.25 -5.38 -23.12
N THR C 167 25.57 -5.57 -23.12
CA THR C 167 26.45 -5.07 -22.06
C THR C 167 27.14 -3.78 -22.49
N ASP C 168 27.38 -2.90 -21.52
CA ASP C 168 28.10 -1.66 -21.77
C ASP C 168 29.31 -1.50 -20.86
N SER C 169 29.70 -2.55 -20.14
CA SER C 169 30.83 -2.51 -19.23
C SER C 169 31.47 -3.88 -19.20
N ILE C 170 32.40 -4.08 -18.25
CA ILE C 170 33.13 -5.33 -18.08
C ILE C 170 32.58 -6.07 -16.89
N LEU C 171 32.54 -7.39 -16.98
CA LEU C 171 31.97 -8.24 -15.95
C LEU C 171 33.08 -8.85 -15.10
N ASP C 172 32.84 -8.92 -13.79
CA ASP C 172 33.79 -9.51 -12.84
C ASP C 172 32.98 -10.28 -11.80
N ARG C 173 32.85 -11.60 -11.99
CA ARG C 173 32.05 -12.39 -11.06
C ARG C 173 32.66 -12.44 -9.67
N GLU C 174 33.93 -12.07 -9.51
CA GLU C 174 34.51 -11.95 -8.18
C GLU C 174 33.99 -10.72 -7.44
N GLN C 175 33.39 -9.77 -8.15
CA GLN C 175 32.77 -8.60 -7.53
C GLN C 175 31.28 -8.83 -7.34
N THR C 176 30.54 -9.04 -8.43
CA THR C 176 29.12 -9.36 -8.41
C THR C 176 28.83 -10.49 -9.37
N PRO C 177 28.37 -11.65 -8.87
CA PRO C 177 28.20 -12.82 -9.73
C PRO C 177 26.93 -12.78 -10.57
N GLY C 178 25.88 -12.12 -10.07
CA GLY C 178 24.59 -12.11 -10.73
C GLY C 178 24.00 -10.71 -10.78
N TYR C 179 22.87 -10.60 -11.46
CA TYR C 179 22.20 -9.33 -11.67
C TYR C 179 20.70 -9.54 -11.78
N ASN C 180 19.95 -8.69 -11.07
CA ASN C 180 18.52 -8.53 -11.28
C ASN C 180 18.29 -7.41 -12.28
N VAL C 181 17.58 -7.70 -13.36
CA VAL C 181 17.39 -6.79 -14.48
C VAL C 181 15.90 -6.58 -14.65
N THR C 182 15.46 -5.33 -14.52
CA THR C 182 14.04 -5.00 -14.57
C THR C 182 13.76 -4.08 -15.75
N ILE C 183 13.12 -4.61 -16.78
CA ILE C 183 12.73 -3.84 -17.95
C ILE C 183 11.35 -3.24 -17.73
N THR C 184 11.22 -1.94 -17.96
CA THR C 184 9.94 -1.24 -17.81
C THR C 184 9.57 -0.58 -19.13
N ALA C 185 8.46 -0.99 -19.72
CA ALA C 185 7.94 -0.44 -20.95
C ALA C 185 6.78 0.51 -20.65
N THR C 186 6.85 1.72 -21.20
CA THR C 186 5.85 2.75 -20.99
C THR C 186 5.35 3.24 -22.35
N ASP C 187 4.04 3.38 -22.49
CA ASP C 187 3.48 3.95 -23.70
C ASP C 187 3.38 5.47 -23.57
N ARG C 188 3.18 6.14 -24.71
CA ARG C 188 3.10 7.59 -24.73
C ARG C 188 1.66 8.09 -24.80
N GLY C 189 0.70 7.26 -24.41
CA GLY C 189 -0.68 7.70 -24.30
C GLY C 189 -0.89 8.62 -23.11
N LYS C 190 -2.05 9.25 -23.08
CA LYS C 190 -2.41 10.18 -22.01
C LYS C 190 -3.72 9.74 -21.37
N PRO C 191 -3.71 9.20 -20.13
CA PRO C 191 -2.52 8.97 -19.31
C PRO C 191 -1.72 7.74 -19.75
N PRO C 192 -0.43 7.73 -19.47
CA PRO C 192 0.42 6.61 -19.91
C PRO C 192 0.28 5.39 -19.02
N LEU C 193 0.47 4.23 -19.63
CA LEU C 193 0.47 2.94 -18.94
C LEU C 193 1.84 2.29 -19.08
N SER C 194 2.18 1.45 -18.12
CA SER C 194 3.50 0.84 -18.10
C SER C 194 3.42 -0.55 -17.50
N SER C 195 4.29 -1.44 -17.98
CA SER C 195 4.43 -2.77 -17.41
C SER C 195 5.92 -3.09 -17.31
N SER C 196 6.25 -4.09 -16.50
CA SER C 196 7.65 -4.41 -16.28
C SER C 196 7.83 -5.92 -16.14
N THR C 197 9.06 -6.36 -16.38
CA THR C 197 9.44 -7.74 -16.16
C THR C 197 10.84 -7.77 -15.57
N THR C 198 11.19 -8.91 -14.95
CA THR C 198 12.47 -9.05 -14.26
C THR C 198 13.13 -10.35 -14.70
N ILE C 199 14.42 -10.28 -15.00
CA ILE C 199 15.21 -11.44 -15.38
C ILE C 199 16.51 -11.45 -14.58
N THR C 200 17.01 -12.65 -14.33
CA THR C 200 18.24 -12.85 -13.58
C THR C 200 19.35 -13.28 -14.54
N LEU C 201 20.50 -12.62 -14.44
CA LEU C 201 21.65 -12.93 -15.29
C LEU C 201 22.82 -13.34 -14.43
N ASN C 202 23.38 -14.51 -14.71
CA ASN C 202 24.49 -15.08 -13.97
C ASN C 202 25.76 -14.97 -14.78
N VAL C 203 26.83 -14.49 -14.15
CA VAL C 203 28.12 -14.35 -14.80
C VAL C 203 28.93 -15.64 -14.59
N ALA C 204 29.41 -16.21 -15.68
CA ALA C 204 30.23 -17.42 -15.61
C ALA C 204 31.66 -17.08 -15.17
N ASP C 205 32.41 -18.13 -14.86
CA ASP C 205 33.77 -17.98 -14.34
C ASP C 205 34.80 -18.21 -15.45
N VAL C 206 35.81 -17.34 -15.47
CA VAL C 206 36.96 -17.49 -16.35
C VAL C 206 38.21 -17.38 -15.47
N ASN C 207 39.19 -18.25 -15.73
CA ASN C 207 40.41 -18.29 -14.93
C ASN C 207 41.23 -17.03 -15.20
N ASP C 208 40.82 -15.94 -14.55
CA ASP C 208 41.49 -14.65 -14.70
C ASP C 208 42.26 -14.25 -13.44
N ASN C 209 42.20 -15.05 -12.38
CA ASN C 209 42.93 -14.78 -11.15
C ASN C 209 43.96 -15.88 -10.91
N ALA C 210 45.07 -15.48 -10.32
CA ALA C 210 46.14 -16.42 -10.02
C ALA C 210 46.12 -16.80 -8.54
N PRO C 211 46.59 -18.00 -8.21
CA PRO C 211 46.64 -18.40 -6.80
C PRO C 211 47.53 -17.48 -5.98
N VAL C 212 47.23 -17.37 -4.70
CA VAL C 212 47.94 -16.49 -3.78
C VAL C 212 48.35 -17.30 -2.56
N PHE C 213 49.65 -17.38 -2.31
CA PHE C 213 50.13 -18.06 -1.12
C PHE C 213 49.74 -17.29 0.14
N GLN C 214 49.46 -18.05 1.21
CA GLN C 214 48.98 -17.43 2.44
C GLN C 214 50.06 -16.61 3.14
N GLN C 215 51.34 -16.88 2.87
CA GLN C 215 52.43 -16.12 3.46
C GLN C 215 53.37 -15.66 2.35
N GLN C 216 54.09 -14.56 2.62
CA GLN C 216 55.03 -14.03 1.65
C GLN C 216 56.19 -14.99 1.43
N ALA C 217 56.81 -15.45 2.52
CA ALA C 217 57.88 -16.43 2.46
C ALA C 217 57.79 -17.32 3.70
N TYR C 218 58.26 -18.56 3.56
CA TYR C 218 58.16 -19.54 4.63
C TYR C 218 59.54 -19.86 5.20
N LEU C 219 59.54 -20.31 6.45
CA LEU C 219 60.77 -20.72 7.12
C LEU C 219 60.38 -21.64 8.29
N ILE C 220 60.94 -22.84 8.31
CA ILE C 220 60.61 -23.83 9.32
C ILE C 220 61.89 -24.46 9.86
N ASN C 221 61.85 -24.82 11.15
CA ASN C 221 62.97 -25.46 11.81
C ASN C 221 62.69 -26.95 11.97
N VAL C 222 63.63 -27.78 11.53
CA VAL C 222 63.51 -29.23 11.60
C VAL C 222 64.67 -29.76 12.43
N ALA C 223 64.34 -30.43 13.53
CA ALA C 223 65.39 -31.05 14.34
C ALA C 223 65.98 -32.24 13.61
N GLU C 224 67.31 -32.36 13.69
CA GLU C 224 67.99 -33.42 12.98
C GLU C 224 67.64 -34.78 13.60
N ASN C 225 68.11 -35.85 12.94
CA ASN C 225 67.82 -37.22 13.34
C ASN C 225 66.32 -37.49 13.40
N ASN C 226 65.56 -36.80 12.55
CA ASN C 226 64.12 -37.00 12.48
C ASN C 226 63.79 -38.22 11.63
N GLN C 227 62.67 -38.85 11.95
CA GLN C 227 62.24 -40.01 11.18
C GLN C 227 61.87 -39.58 9.76
N PRO C 228 62.24 -40.37 8.74
CA PRO C 228 61.88 -40.03 7.38
C PRO C 228 60.39 -40.21 7.13
N GLY C 229 59.86 -39.46 6.17
CA GLY C 229 58.45 -39.52 5.85
C GLY C 229 57.54 -38.77 6.78
N THR C 230 58.06 -37.78 7.51
CA THR C 230 57.27 -37.03 8.47
C THR C 230 57.01 -35.61 7.96
N SER C 231 55.89 -35.04 8.40
CA SER C 231 55.56 -33.68 8.04
C SER C 231 56.40 -32.69 8.83
N ILE C 232 56.86 -31.64 8.16
CA ILE C 232 57.68 -30.61 8.78
C ILE C 232 56.94 -29.28 8.88
N THR C 233 56.12 -28.96 7.88
CA THR C 233 55.27 -27.77 7.87
C THR C 233 54.33 -27.88 6.68
N GLN C 234 53.31 -27.03 6.65
CA GLN C 234 52.32 -27.04 5.58
C GLN C 234 52.15 -25.63 5.02
N VAL C 235 51.84 -25.56 3.73
CA VAL C 235 51.58 -24.30 3.06
C VAL C 235 50.16 -24.32 2.48
N LYS C 236 49.62 -23.13 2.24
CA LYS C 236 48.29 -22.98 1.68
C LYS C 236 48.29 -21.84 0.68
N ALA C 237 47.51 -22.00 -0.39
CA ALA C 237 47.35 -20.99 -1.43
C ALA C 237 45.87 -20.83 -1.76
N TRP C 238 45.41 -19.58 -1.83
CA TRP C 238 44.02 -19.25 -2.07
C TRP C 238 43.79 -18.91 -3.54
N ASP C 239 42.52 -18.94 -3.95
CA ASP C 239 42.13 -18.59 -5.30
C ASP C 239 40.66 -18.15 -5.30
N PRO C 240 40.38 -16.88 -5.61
CA PRO C 240 38.98 -16.43 -5.63
C PRO C 240 38.16 -17.03 -6.75
N ASP C 241 38.80 -17.64 -7.75
CA ASP C 241 38.07 -18.36 -8.77
C ASP C 241 37.44 -19.62 -8.17
N VAL C 242 36.46 -20.16 -8.88
CA VAL C 242 35.75 -21.35 -8.44
C VAL C 242 35.84 -22.42 -9.52
N GLY C 243 35.63 -23.66 -9.11
CA GLY C 243 35.74 -24.78 -10.03
C GLY C 243 37.20 -25.16 -10.28
N SER C 244 37.44 -25.74 -11.46
CA SER C 244 38.79 -26.10 -11.85
C SER C 244 39.72 -24.90 -11.88
N ASN C 245 39.18 -23.70 -12.05
CA ASN C 245 40.00 -22.49 -12.06
C ASN C 245 40.42 -22.05 -10.66
N GLY C 246 39.95 -22.73 -9.61
CA GLY C 246 40.27 -22.35 -8.25
C GLY C 246 40.79 -23.48 -7.39
N LEU C 247 41.26 -24.55 -8.03
CA LEU C 247 41.79 -25.73 -7.34
C LEU C 247 43.31 -25.72 -7.45
N VAL C 248 43.99 -25.43 -6.33
CA VAL C 248 45.44 -25.27 -6.32
C VAL C 248 46.10 -26.64 -6.26
N SER C 249 47.21 -26.77 -6.99
CA SER C 249 48.03 -27.98 -6.98
C SER C 249 49.47 -27.57 -6.70
N TYR C 250 50.03 -28.10 -5.62
CA TYR C 250 51.36 -27.71 -5.17
C TYR C 250 52.44 -28.61 -5.76
N SER C 251 53.64 -28.06 -5.86
CA SER C 251 54.78 -28.79 -6.40
C SER C 251 56.05 -28.08 -5.99
N ILE C 252 57.18 -28.77 -6.18
CA ILE C 252 58.51 -28.21 -5.95
C ILE C 252 59.15 -27.97 -7.31
N ILE C 253 59.59 -26.74 -7.54
CA ILE C 253 60.09 -26.35 -8.85
C ILE C 253 61.61 -26.20 -8.89
N ALA C 254 62.24 -25.74 -7.81
CA ALA C 254 63.68 -25.53 -7.80
C ALA C 254 64.18 -25.48 -6.37
N SER C 255 65.47 -25.78 -6.21
CA SER C 255 66.12 -25.80 -4.90
C SER C 255 67.60 -25.51 -5.09
N ASP C 256 68.25 -25.14 -3.99
CA ASP C 256 69.69 -24.92 -4.00
C ASP C 256 70.49 -26.21 -3.86
N LEU C 257 69.82 -27.35 -3.68
CA LEU C 257 70.49 -28.63 -3.57
C LEU C 257 70.80 -29.17 -4.97
N GLU C 258 71.41 -30.34 -5.02
CA GLU C 258 71.60 -31.04 -6.29
C GLU C 258 70.26 -31.49 -6.81
N PRO C 259 69.91 -31.16 -8.07
CA PRO C 259 68.57 -31.53 -8.58
C PRO C 259 68.28 -33.02 -8.53
N LYS C 260 69.32 -33.88 -8.57
CA LYS C 260 69.10 -35.32 -8.50
C LYS C 260 68.81 -35.81 -7.10
N ALA C 261 69.09 -35.00 -6.08
CA ALA C 261 68.86 -35.37 -4.69
C ALA C 261 67.67 -34.67 -4.06
N LEU C 262 67.00 -33.78 -4.80
CA LEU C 262 65.85 -33.05 -4.25
C LEU C 262 64.75 -34.01 -3.81
N SER C 263 64.55 -35.11 -4.56
CA SER C 263 63.54 -36.08 -4.18
C SER C 263 63.92 -36.82 -2.90
N SER C 264 65.20 -36.90 -2.57
CA SER C 264 65.65 -37.66 -1.41
C SER C 264 65.51 -36.86 -0.11
N PHE C 265 65.26 -35.55 -0.20
CA PHE C 265 65.16 -34.67 0.97
C PHE C 265 63.70 -34.31 1.27
N VAL C 266 63.07 -33.52 0.40
CA VAL C 266 61.74 -32.99 0.69
C VAL C 266 60.81 -33.30 -0.48
N SER C 267 59.54 -33.52 -0.15
CA SER C 267 58.48 -33.64 -1.15
C SER C 267 57.31 -32.77 -0.68
N VAL C 268 56.27 -32.69 -1.50
CA VAL C 268 55.09 -31.90 -1.16
C VAL C 268 53.86 -32.63 -1.68
N ASN C 269 52.84 -32.73 -0.83
CA ASN C 269 51.57 -33.36 -1.22
C ASN C 269 50.74 -32.34 -1.99
N GLN C 270 50.56 -32.59 -3.29
CA GLN C 270 49.92 -31.60 -4.15
C GLN C 270 48.49 -31.29 -3.72
N ASP C 271 47.82 -32.23 -3.07
CA ASP C 271 46.44 -32.00 -2.66
C ASP C 271 46.37 -31.16 -1.39
N SER C 272 47.25 -31.42 -0.41
CA SER C 272 47.19 -30.75 0.88
C SER C 272 48.25 -29.68 1.06
N GLY C 273 49.37 -29.74 0.34
CA GLY C 273 50.40 -28.73 0.49
C GLY C 273 51.28 -28.92 1.71
N VAL C 274 51.43 -30.14 2.18
CA VAL C 274 52.30 -30.44 3.31
C VAL C 274 53.66 -30.88 2.78
N VAL C 275 54.71 -30.38 3.41
CA VAL C 275 56.09 -30.68 3.02
C VAL C 275 56.57 -31.87 3.83
N TYR C 276 56.85 -32.98 3.14
CA TYR C 276 57.34 -34.20 3.78
C TYR C 276 58.85 -34.25 3.72
N ALA C 277 59.46 -34.72 4.80
CA ALA C 277 60.89 -34.95 4.87
C ALA C 277 61.17 -36.39 4.45
N GLN C 278 62.00 -36.57 3.42
CA GLN C 278 62.26 -37.87 2.83
C GLN C 278 63.54 -38.52 3.33
N ARG C 279 64.17 -37.96 4.37
CA ARG C 279 65.37 -38.55 4.93
C ARG C 279 65.59 -37.99 6.32
N ALA C 280 66.54 -38.59 7.03
CA ALA C 280 66.93 -38.11 8.36
C ALA C 280 67.97 -37.01 8.17
N PHE C 281 67.54 -35.76 8.37
CA PHE C 281 68.43 -34.63 8.20
C PHE C 281 69.57 -34.67 9.22
N ASP C 282 70.73 -34.19 8.80
CA ASP C 282 71.92 -34.15 9.66
C ASP C 282 72.45 -32.72 9.66
N HIS C 283 72.54 -32.12 10.84
CA HIS C 283 73.03 -30.75 10.94
C HIS C 283 74.50 -30.66 10.55
N GLU C 284 75.29 -31.70 10.86
CA GLU C 284 76.72 -31.67 10.55
C GLU C 284 76.99 -31.81 9.07
N GLN C 285 76.05 -32.38 8.30
CA GLN C 285 76.20 -32.46 6.85
C GLN C 285 75.69 -31.20 6.16
N ILE C 286 74.38 -30.94 6.28
CA ILE C 286 73.76 -29.74 5.73
C ILE C 286 73.10 -28.98 6.87
N ARG C 287 73.39 -27.67 6.95
CA ARG C 287 72.84 -26.83 8.01
C ARG C 287 71.45 -26.30 7.67
N SER C 288 71.24 -25.90 6.42
CA SER C 288 69.96 -25.36 5.98
C SER C 288 69.94 -25.36 4.46
N PHE C 289 68.73 -25.33 3.90
CA PHE C 289 68.59 -25.28 2.45
C PHE C 289 67.31 -24.54 2.09
N GLN C 290 67.35 -23.82 0.98
CA GLN C 290 66.21 -23.01 0.55
C GLN C 290 65.54 -23.66 -0.67
N LEU C 291 64.24 -23.41 -0.78
CA LEU C 291 63.37 -24.18 -1.66
C LEU C 291 62.34 -23.24 -2.28
N THR C 292 61.90 -23.57 -3.49
CA THR C 292 60.87 -22.80 -4.17
C THR C 292 59.67 -23.69 -4.45
N LEU C 293 58.50 -23.27 -3.99
CA LEU C 293 57.26 -24.00 -4.17
C LEU C 293 56.39 -23.31 -5.22
N GLN C 294 55.53 -24.09 -5.86
CA GLN C 294 54.67 -23.60 -6.93
C GLN C 294 53.24 -24.04 -6.68
N ALA C 295 52.31 -23.09 -6.77
CA ALA C 295 50.89 -23.36 -6.66
C ALA C 295 50.20 -22.92 -7.94
N ARG C 296 49.52 -23.86 -8.61
CA ARG C 296 48.82 -23.57 -9.84
C ARG C 296 47.42 -24.17 -9.80
N ASP C 297 46.50 -23.52 -10.51
CA ASP C 297 45.15 -24.04 -10.66
C ASP C 297 45.10 -24.99 -11.86
N GLN C 298 44.09 -25.87 -11.84
CA GLN C 298 43.94 -26.89 -12.87
C GLN C 298 42.98 -26.45 -13.98
N GLY C 299 42.92 -25.15 -14.27
CA GLY C 299 42.15 -24.68 -15.40
C GLY C 299 43.02 -24.52 -16.64
N SER C 300 42.37 -24.46 -17.80
CA SER C 300 43.07 -24.31 -19.07
C SER C 300 42.68 -22.99 -19.72
N PRO C 301 43.59 -22.02 -19.86
CA PRO C 301 45.00 -22.08 -19.43
C PRO C 301 45.18 -21.87 -17.93
N ALA C 302 46.29 -22.36 -17.38
CA ALA C 302 46.51 -22.35 -15.95
C ALA C 302 47.27 -21.10 -15.52
N LEU C 303 47.10 -20.75 -14.25
CA LEU C 303 47.84 -19.66 -13.61
C LEU C 303 48.52 -20.19 -12.38
N SER C 304 49.71 -19.65 -12.08
CA SER C 304 50.54 -20.19 -11.02
C SER C 304 51.20 -19.05 -10.25
N ALA C 305 51.83 -19.41 -9.13
CA ALA C 305 52.58 -18.48 -8.29
C ALA C 305 53.60 -19.28 -7.49
N ASN C 306 54.79 -18.72 -7.32
CA ASN C 306 55.89 -19.39 -6.66
C ASN C 306 56.25 -18.66 -5.36
N VAL C 307 56.61 -19.44 -4.34
CA VAL C 307 56.94 -18.90 -3.03
C VAL C 307 58.29 -19.46 -2.60
N SER C 308 58.97 -18.72 -1.73
CA SER C 308 60.25 -19.14 -1.17
C SER C 308 60.05 -19.72 0.23
N MET C 309 60.81 -20.77 0.54
CA MET C 309 60.70 -21.47 1.82
C MET C 309 62.07 -21.98 2.22
N ARG C 310 62.61 -21.46 3.32
CA ARG C 310 63.90 -21.86 3.84
C ARG C 310 63.72 -22.85 4.98
N VAL C 311 64.52 -23.92 4.96
CA VAL C 311 64.46 -24.97 5.97
C VAL C 311 65.76 -24.98 6.74
N LEU C 312 65.68 -24.71 8.04
CA LEU C 312 66.82 -24.73 8.93
C LEU C 312 66.82 -26.05 9.70
N VAL C 313 67.99 -26.69 9.77
CA VAL C 313 68.14 -27.96 10.47
C VAL C 313 68.67 -27.65 11.86
N ASP C 314 67.84 -27.90 12.88
CA ASP C 314 68.26 -27.67 14.25
C ASP C 314 69.27 -28.72 14.68
N ASP C 315 70.23 -28.30 15.50
CA ASP C 315 71.33 -29.14 15.92
C ASP C 315 71.00 -29.82 17.25
N ARG C 316 71.27 -31.12 17.33
CA ARG C 316 71.13 -31.87 18.56
C ARG C 316 72.50 -32.42 18.97
N ASN C 317 72.56 -32.95 20.20
CA ASN C 317 73.80 -33.47 20.75
C ASN C 317 73.93 -34.96 20.40
N ASP C 318 74.14 -35.21 19.10
CA ASP C 318 74.26 -36.57 18.59
C ASP C 318 75.70 -36.98 18.27
N ASN C 319 76.64 -36.04 18.24
CA ASN C 319 78.03 -36.33 17.90
C ASN C 319 78.88 -36.23 19.15
N ALA C 320 79.69 -37.25 19.39
CA ALA C 320 80.53 -37.29 20.58
C ALA C 320 81.83 -36.53 20.33
N PRO C 321 82.35 -35.83 21.34
CA PRO C 321 83.63 -35.13 21.16
C PRO C 321 84.76 -36.14 21.04
N ARG C 322 85.56 -36.00 19.99
CA ARG C 322 86.71 -36.87 19.81
C ARG C 322 87.94 -36.18 20.39
N VAL C 323 88.74 -36.96 21.12
CA VAL C 323 89.98 -36.47 21.71
C VAL C 323 91.06 -36.53 20.65
N LEU C 324 91.69 -35.40 20.38
CA LEU C 324 92.76 -35.33 19.37
C LEU C 324 94.11 -35.65 20.03
N TYR C 325 94.62 -34.73 20.85
CA TYR C 325 95.94 -34.90 21.48
C TYR C 325 95.79 -35.31 22.94
N PRO C 326 96.53 -36.30 23.42
CA PRO C 326 97.50 -37.06 22.62
C PRO C 326 96.86 -38.22 21.88
N THR C 327 97.68 -39.04 21.21
CA THR C 327 97.20 -40.26 20.60
C THR C 327 97.07 -41.34 21.67
N LEU C 328 95.97 -42.09 21.63
CA LEU C 328 95.65 -43.05 22.67
C LEU C 328 95.86 -44.48 22.17
N GLU C 329 96.20 -45.36 23.11
CA GLU C 329 96.34 -46.78 22.84
C GLU C 329 94.96 -47.38 22.59
N PRO C 330 94.89 -48.65 22.15
CA PRO C 330 93.58 -49.30 22.00
C PRO C 330 92.75 -49.31 23.29
N ASP C 331 93.40 -49.31 24.45
CA ASP C 331 92.71 -49.20 25.73
C ASP C 331 92.68 -47.77 26.26
N GLY C 332 92.96 -46.79 25.40
CA GLY C 332 92.94 -45.40 25.80
C GLY C 332 94.01 -45.02 26.79
N SER C 333 95.28 -45.20 26.40
CA SER C 333 96.41 -44.95 27.28
C SER C 333 97.35 -43.93 26.67
N ALA C 334 97.98 -43.15 27.54
CA ALA C 334 98.99 -42.17 27.15
C ALA C 334 100.10 -42.17 28.18
N LEU C 335 101.35 -42.15 27.71
CA LEU C 335 102.51 -42.32 28.58
C LEU C 335 103.40 -41.08 28.50
N PHE C 336 103.54 -40.39 29.63
CA PHE C 336 104.49 -39.29 29.79
C PHE C 336 105.49 -39.75 30.85
N ASP C 337 106.53 -40.44 30.39
CA ASP C 337 107.39 -41.17 31.32
C ASP C 337 108.48 -40.30 31.91
N MET C 338 109.00 -39.35 31.15
CA MET C 338 110.16 -38.55 31.57
C MET C 338 109.74 -37.16 32.04
N VAL C 339 108.77 -37.11 32.96
CA VAL C 339 108.39 -35.84 33.57
C VAL C 339 109.33 -35.56 34.74
N PRO C 340 109.95 -34.39 34.80
CA PRO C 340 110.91 -34.11 35.87
C PRO C 340 110.26 -34.13 37.24
N ARG C 341 110.93 -34.80 38.19
CA ARG C 341 110.42 -34.84 39.56
C ARG C 341 110.57 -33.49 40.24
N ALA C 342 111.69 -32.80 40.00
CA ALA C 342 111.92 -31.45 40.53
C ALA C 342 111.17 -30.46 39.63
N ALA C 343 109.88 -30.31 39.91
CA ALA C 343 109.01 -29.47 39.12
C ALA C 343 108.36 -28.40 40.00
N GLU C 344 108.25 -27.20 39.45
CA GLU C 344 107.61 -26.09 40.14
C GLU C 344 106.09 -26.23 40.06
N PRO C 345 105.37 -25.82 41.11
CA PRO C 345 103.90 -25.84 41.03
C PRO C 345 103.40 -25.05 39.83
N GLY C 346 102.48 -25.66 39.09
CA GLY C 346 102.05 -25.11 37.83
C GLY C 346 102.82 -25.59 36.64
N TYR C 347 103.78 -26.51 36.83
CA TYR C 347 104.50 -27.09 35.71
C TYR C 347 103.55 -27.83 34.79
N LEU C 348 103.52 -27.42 33.53
CA LEU C 348 102.58 -28.00 32.56
C LEU C 348 103.00 -29.42 32.23
N VAL C 349 102.34 -30.40 32.87
CA VAL C 349 102.57 -31.80 32.51
C VAL C 349 102.18 -32.03 31.06
N THR C 350 100.92 -31.74 30.71
CA THR C 350 100.53 -31.75 29.30
C THR C 350 99.19 -31.04 29.15
N LYS C 351 98.83 -30.78 27.90
CA LYS C 351 97.56 -30.13 27.55
C LYS C 351 96.77 -31.04 26.64
N VAL C 352 95.56 -31.38 27.07
CA VAL C 352 94.69 -32.25 26.28
C VAL C 352 93.93 -31.42 25.26
N VAL C 353 93.95 -31.86 24.00
CA VAL C 353 93.24 -31.20 22.91
C VAL C 353 92.12 -32.12 22.46
N ALA C 354 90.91 -31.55 22.33
CA ALA C 354 89.74 -32.31 21.90
C ALA C 354 88.83 -31.39 21.10
N VAL C 355 88.01 -32.00 20.25
CA VAL C 355 87.06 -31.26 19.43
C VAL C 355 85.70 -31.94 19.48
N ASP C 356 84.68 -31.23 19.03
CA ASP C 356 83.32 -31.75 18.89
C ASP C 356 82.74 -31.24 17.57
N ALA C 357 82.09 -32.14 16.83
CA ALA C 357 81.55 -31.78 15.53
C ALA C 357 80.23 -31.04 15.60
N ASP C 358 79.63 -30.91 16.78
CA ASP C 358 78.35 -30.23 16.93
C ASP C 358 78.53 -28.73 17.00
N SER C 359 77.56 -28.03 17.59
CA SER C 359 77.60 -26.57 17.68
C SER C 359 76.90 -26.12 18.95
N GLY C 360 77.32 -24.96 19.46
CA GLY C 360 76.66 -24.40 20.64
C GLY C 360 76.96 -25.22 21.88
N HIS C 361 75.93 -25.40 22.71
CA HIS C 361 76.10 -26.16 23.95
C HIS C 361 76.63 -27.56 23.67
N ASN C 362 76.23 -28.15 22.56
CA ASN C 362 76.66 -29.51 22.23
C ASN C 362 78.14 -29.59 21.87
N ALA C 363 78.79 -28.45 21.63
CA ALA C 363 80.21 -28.41 21.30
C ALA C 363 81.04 -27.65 22.32
N TRP C 364 80.47 -27.39 23.50
CA TRP C 364 81.14 -26.65 24.56
C TRP C 364 81.82 -27.66 25.49
N LEU C 365 83.14 -27.76 25.37
CA LEU C 365 83.89 -28.86 25.98
C LEU C 365 84.44 -28.46 27.34
N SER C 366 84.27 -29.35 28.32
CA SER C 366 84.82 -29.19 29.66
C SER C 366 85.56 -30.48 30.04
N TYR C 367 86.64 -30.32 30.80
CA TYR C 367 87.54 -31.42 31.12
C TYR C 367 87.51 -31.67 32.62
N HIS C 368 87.15 -32.89 33.01
CA HIS C 368 87.04 -33.29 34.40
C HIS C 368 88.02 -34.41 34.71
N VAL C 369 88.15 -34.72 36.00
CA VAL C 369 88.99 -35.81 36.48
C VAL C 369 88.07 -36.92 36.97
N LEU C 370 87.98 -38.00 36.19
CA LEU C 370 87.10 -39.11 36.57
C LEU C 370 87.67 -39.88 37.76
N GLN C 371 88.95 -40.24 37.71
CA GLN C 371 89.59 -40.95 38.79
C GLN C 371 91.08 -40.64 38.78
N ALA C 372 91.77 -41.05 39.85
CA ALA C 372 93.20 -40.81 39.96
C ALA C 372 93.78 -41.77 40.98
N SER C 373 95.06 -42.12 40.78
CA SER C 373 95.76 -42.94 41.76
C SER C 373 96.01 -42.16 43.04
N ASP C 374 96.47 -40.92 42.92
CA ASP C 374 96.69 -40.05 44.07
C ASP C 374 95.91 -38.76 43.88
N PRO C 375 94.85 -38.52 44.67
CA PRO C 375 94.11 -37.28 44.53
C PRO C 375 94.92 -36.10 45.05
N GLY C 376 94.90 -35.00 44.28
CA GLY C 376 95.65 -33.82 44.61
C GLY C 376 97.05 -33.79 44.04
N LEU C 377 97.50 -34.87 43.40
CA LEU C 377 98.83 -34.87 42.79
C LEU C 377 98.85 -34.05 41.51
N PHE C 378 97.78 -34.12 40.72
CA PHE C 378 97.65 -33.33 39.50
C PHE C 378 96.47 -32.38 39.62
N SER C 379 96.56 -31.25 38.93
CA SER C 379 95.49 -30.26 38.83
C SER C 379 95.10 -30.10 37.37
N LEU C 380 93.81 -30.22 37.09
CA LEU C 380 93.29 -30.16 35.73
C LEU C 380 92.37 -28.96 35.58
N GLY C 381 92.64 -28.12 34.59
CA GLY C 381 91.77 -26.99 34.31
C GLY C 381 90.51 -27.46 33.63
N LEU C 382 89.36 -26.94 34.10
CA LEU C 382 88.08 -27.35 33.52
C LEU C 382 87.99 -26.94 32.06
N ARG C 383 88.35 -25.70 31.76
CA ARG C 383 88.13 -25.16 30.42
C ARG C 383 89.17 -25.66 29.44
N THR C 384 90.45 -25.45 29.75
CA THR C 384 91.51 -25.72 28.79
C THR C 384 92.01 -27.15 28.82
N GLY C 385 91.67 -27.92 29.84
CA GLY C 385 92.10 -29.31 29.93
C GLY C 385 93.59 -29.51 30.03
N GLU C 386 94.28 -28.64 30.75
CA GLU C 386 95.72 -28.74 30.94
C GLU C 386 95.99 -29.38 32.29
N VAL C 387 96.57 -30.57 32.27
CA VAL C 387 96.97 -31.24 33.51
C VAL C 387 98.37 -30.73 33.87
N ARG C 388 98.48 -30.20 35.10
CA ARG C 388 99.70 -29.67 35.67
C ARG C 388 99.90 -30.29 37.06
N THR C 389 100.98 -29.88 37.72
CA THR C 389 101.27 -30.33 39.07
C THR C 389 100.86 -29.26 40.06
N ALA C 390 100.06 -29.65 41.06
CA ALA C 390 99.57 -28.68 42.04
C ALA C 390 100.64 -28.35 43.08
N ARG C 391 101.31 -29.37 43.60
CA ARG C 391 102.35 -29.23 44.62
C ARG C 391 103.68 -29.65 44.04
N ALA C 392 104.73 -29.54 44.86
CA ALA C 392 106.00 -30.17 44.54
C ALA C 392 105.97 -31.61 44.99
N LEU C 393 106.52 -32.50 44.16
CA LEU C 393 106.41 -33.93 44.41
C LEU C 393 107.29 -34.32 45.58
N SER C 394 106.67 -34.76 46.68
CA SER C 394 107.40 -35.24 47.84
C SER C 394 107.90 -36.66 47.59
N ASP C 395 108.92 -37.06 48.35
CA ASP C 395 109.46 -38.41 48.22
C ASP C 395 108.44 -39.48 48.58
N LYS C 396 107.39 -39.13 49.34
CA LYS C 396 106.34 -40.09 49.66
C LYS C 396 105.46 -40.40 48.45
N ASP C 397 105.39 -39.51 47.48
CA ASP C 397 104.59 -39.75 46.29
C ASP C 397 105.23 -40.85 45.44
N ALA C 398 104.38 -41.71 44.87
CA ALA C 398 104.86 -42.84 44.09
C ALA C 398 105.45 -42.37 42.76
N ALA C 399 106.24 -43.24 42.14
CA ALA C 399 106.87 -42.89 40.88
C ALA C 399 105.87 -42.99 39.72
N ARG C 400 105.01 -43.99 39.75
CA ARG C 400 104.00 -44.20 38.71
C ARG C 400 102.64 -43.75 39.24
N GLN C 401 101.91 -42.99 38.41
CA GLN C 401 100.62 -42.43 38.77
C GLN C 401 99.63 -42.60 37.62
N ARG C 402 98.41 -43.02 37.94
CA ARG C 402 97.34 -43.19 36.98
C ARG C 402 96.32 -42.06 37.16
N LEU C 403 95.92 -41.45 36.05
CA LEU C 403 95.00 -40.30 36.08
C LEU C 403 93.98 -40.47 34.96
N LEU C 404 92.77 -40.89 35.33
CA LEU C 404 91.67 -41.07 34.38
C LEU C 404 90.88 -39.77 34.27
N VAL C 405 90.92 -39.15 33.09
CA VAL C 405 90.19 -37.92 32.83
C VAL C 405 89.14 -38.18 31.77
N ALA C 406 88.16 -37.27 31.70
CA ALA C 406 87.09 -37.37 30.74
C ALA C 406 86.85 -36.01 30.10
N VAL C 407 86.24 -36.03 28.92
CA VAL C 407 85.92 -34.83 28.16
C VAL C 407 84.43 -34.83 27.87
N ARG C 408 83.71 -33.87 28.44
CA ARG C 408 82.27 -33.76 28.30
C ARG C 408 81.89 -32.48 27.56
N ASP C 409 80.70 -32.49 26.99
CA ASP C 409 80.11 -31.30 26.37
C ASP C 409 78.92 -30.83 27.18
N GLY C 410 78.39 -29.67 26.80
CA GLY C 410 77.36 -29.01 27.57
C GLY C 410 75.93 -29.44 27.29
N GLY C 411 75.69 -30.01 26.10
CA GLY C 411 74.35 -30.42 25.75
C GLY C 411 73.84 -31.54 26.64
N GLN C 412 72.52 -31.60 26.79
CA GLN C 412 71.87 -32.61 27.61
C GLN C 412 71.14 -33.60 26.71
N PRO C 413 71.46 -34.90 26.76
CA PRO C 413 72.49 -35.50 27.61
C PRO C 413 73.90 -35.34 27.04
N PRO C 414 74.90 -35.24 27.92
CA PRO C 414 76.28 -35.04 27.45
C PRO C 414 76.90 -36.31 26.89
N LEU C 415 77.76 -36.12 25.90
CA LEU C 415 78.61 -37.18 25.36
C LEU C 415 80.05 -36.91 25.76
N SER C 416 80.72 -37.94 26.28
CA SER C 416 82.05 -37.79 26.83
C SER C 416 83.01 -38.81 26.24
N ALA C 417 84.26 -38.38 26.06
CA ALA C 417 85.33 -39.25 25.62
C ALA C 417 86.37 -39.35 26.74
N THR C 418 86.69 -40.58 27.12
CA THR C 418 87.58 -40.83 28.25
C THR C 418 89.03 -40.95 27.79
N ALA C 419 89.93 -40.82 28.76
CA ALA C 419 91.37 -40.93 28.49
C ALA C 419 92.07 -41.29 29.79
N THR C 420 92.68 -42.47 29.83
CA THR C 420 93.51 -42.87 30.96
C THR C 420 94.93 -42.37 30.72
N LEU C 421 95.54 -41.87 31.78
CA LEU C 421 96.86 -41.23 31.70
C LEU C 421 97.84 -41.96 32.60
N LEU C 422 98.99 -42.32 32.05
CA LEU C 422 100.08 -42.96 32.78
C LEU C 422 101.21 -41.95 32.91
N LEU C 423 101.49 -41.53 34.15
CA LEU C 423 102.43 -40.45 34.45
C LEU C 423 103.50 -40.97 35.39
N VAL C 424 104.71 -41.16 34.87
CA VAL C 424 105.85 -41.62 35.66
C VAL C 424 106.84 -40.47 35.80
N PHE C 425 107.46 -40.38 36.98
CA PHE C 425 108.43 -39.32 37.26
C PHE C 425 109.85 -39.88 37.30
N ASN D 1 35.31 -41.38 -4.16
CA ASN D 1 34.34 -40.40 -3.70
C ASN D 1 33.23 -40.18 -4.73
N ARG D 2 32.37 -41.18 -4.90
CA ARG D 2 31.29 -40.99 -5.86
C ARG D 2 30.11 -40.28 -5.21
N PRO D 3 29.46 -39.39 -5.94
CA PRO D 3 28.37 -38.60 -5.36
C PRO D 3 27.09 -39.41 -5.19
N VAL D 4 26.36 -39.09 -4.13
CA VAL D 4 25.02 -39.62 -3.92
C VAL D 4 24.11 -38.47 -3.51
N PHE D 5 22.95 -38.38 -4.13
CA PHE D 5 21.97 -37.38 -3.75
C PHE D 5 21.15 -37.87 -2.56
N SER D 6 20.61 -36.92 -1.80
CA SER D 6 19.76 -37.29 -0.67
C SER D 6 18.55 -38.07 -1.13
N GLN D 7 17.95 -37.66 -2.25
CA GLN D 7 16.77 -38.31 -2.79
C GLN D 7 16.94 -38.45 -4.30
N ASP D 8 16.41 -39.55 -4.84
CA ASP D 8 16.43 -39.73 -6.28
C ASP D 8 15.49 -38.75 -6.99
N VAL D 9 14.44 -38.28 -6.30
CA VAL D 9 13.44 -37.41 -6.90
C VAL D 9 13.13 -36.29 -5.90
N TYR D 10 13.27 -35.05 -6.36
CA TYR D 10 12.92 -33.88 -5.56
C TYR D 10 11.63 -33.25 -6.09
N ARG D 11 10.87 -32.64 -5.18
CA ARG D 11 9.61 -32.00 -5.53
C ARG D 11 9.50 -30.69 -4.79
N VAL D 12 9.29 -29.61 -5.52
CA VAL D 12 9.09 -28.28 -4.95
C VAL D 12 7.81 -27.69 -5.53
N ARG D 13 7.03 -27.02 -4.67
CA ARG D 13 5.77 -26.41 -5.06
C ARG D 13 5.91 -24.91 -4.93
N LEU D 14 5.68 -24.18 -6.03
CA LEU D 14 5.96 -22.77 -6.13
C LEU D 14 4.71 -21.98 -6.48
N PRO D 15 4.37 -20.93 -5.75
CA PRO D 15 3.32 -20.02 -6.23
C PRO D 15 3.78 -19.28 -7.47
N GLU D 16 2.85 -19.09 -8.41
CA GLU D 16 3.22 -18.48 -9.69
C GLU D 16 3.69 -17.03 -9.54
N ASP D 17 3.35 -16.38 -8.43
CA ASP D 17 3.80 -15.01 -8.17
C ASP D 17 5.12 -14.97 -7.42
N LEU D 18 5.92 -16.02 -7.51
CA LEU D 18 7.24 -16.03 -6.86
C LEU D 18 8.16 -15.06 -7.60
N PRO D 19 8.87 -14.19 -6.90
CA PRO D 19 9.70 -13.18 -7.57
C PRO D 19 10.83 -13.82 -8.36
N PRO D 20 11.18 -13.27 -9.51
CA PRO D 20 12.36 -13.76 -10.23
C PRO D 20 13.62 -13.54 -9.41
N GLY D 21 14.43 -14.59 -9.29
CA GLY D 21 15.62 -14.56 -8.49
C GLY D 21 15.53 -15.28 -7.17
N THR D 22 14.51 -16.13 -6.99
CA THR D 22 14.31 -16.84 -5.73
C THR D 22 14.95 -18.22 -5.80
N THR D 23 15.77 -18.55 -4.80
CA THR D 23 16.33 -19.89 -4.69
C THR D 23 15.22 -20.88 -4.37
N VAL D 24 15.07 -21.91 -5.19
CA VAL D 24 13.94 -22.82 -5.05
C VAL D 24 14.37 -24.12 -4.40
N LEU D 25 15.60 -24.54 -4.67
CA LEU D 25 16.10 -25.82 -4.16
C LEU D 25 17.61 -25.81 -4.30
N ARG D 26 18.31 -25.93 -3.17
CA ARG D 26 19.77 -25.93 -3.14
C ARG D 26 20.24 -27.37 -3.11
N LEU D 27 20.51 -27.92 -4.30
CA LEU D 27 21.04 -29.27 -4.40
C LEU D 27 22.45 -29.33 -3.83
N LYS D 28 22.73 -30.37 -3.07
CA LYS D 28 24.03 -30.57 -2.44
C LYS D 28 24.30 -32.06 -2.43
N ALA D 29 24.90 -32.56 -3.51
CA ALA D 29 25.32 -33.95 -3.55
C ALA D 29 26.46 -34.16 -2.58
N MET D 30 26.44 -35.29 -1.87
CA MET D 30 27.43 -35.58 -0.84
C MET D 30 27.99 -36.98 -1.03
N ASP D 31 28.99 -37.30 -0.22
CA ASP D 31 29.60 -38.61 -0.23
C ASP D 31 28.78 -39.57 0.63
N GLN D 32 29.01 -40.86 0.43
CA GLN D 32 28.28 -41.87 1.20
C GLN D 32 28.71 -41.87 2.67
N ASP D 33 29.93 -41.44 2.97
CA ASP D 33 30.40 -41.33 4.34
C ASP D 33 30.08 -39.94 4.89
N GLU D 34 29.61 -39.90 6.13
CA GLU D 34 29.20 -38.62 6.72
C GLU D 34 30.39 -37.75 7.08
N GLY D 35 31.51 -38.36 7.47
CA GLY D 35 32.65 -37.57 7.91
C GLY D 35 33.31 -36.80 6.79
N ILE D 36 33.40 -37.40 5.60
CA ILE D 36 34.05 -36.77 4.46
C ILE D 36 33.13 -35.72 3.85
N ASN D 37 33.71 -34.62 3.39
CA ASN D 37 33.00 -33.58 2.67
C ASN D 37 33.65 -33.39 1.30
N ALA D 38 32.82 -33.26 0.27
CA ALA D 38 33.31 -33.19 -1.10
C ALA D 38 32.62 -32.07 -1.86
N GLU D 39 33.28 -31.65 -2.95
CA GLU D 39 32.77 -30.63 -3.85
C GLU D 39 32.57 -31.23 -5.23
N PHE D 40 31.45 -30.90 -5.87
CA PHE D 40 31.08 -31.50 -7.14
C PHE D 40 30.69 -30.43 -8.15
N THR D 41 30.57 -30.86 -9.39
CA THR D 41 30.12 -30.03 -10.50
C THR D 41 28.71 -30.47 -10.89
N TYR D 42 27.79 -29.53 -10.93
CA TYR D 42 26.41 -29.79 -11.27
C TYR D 42 26.10 -29.26 -12.67
N SER D 43 25.24 -29.98 -13.38
CA SER D 43 24.88 -29.60 -14.74
C SER D 43 23.52 -30.18 -15.08
N PHE D 44 22.81 -29.49 -15.96
CA PHE D 44 21.53 -29.99 -16.44
C PHE D 44 21.73 -31.26 -17.26
N LEU D 45 20.73 -32.13 -17.21
CA LEU D 45 20.76 -33.39 -17.95
C LEU D 45 19.46 -33.55 -18.71
N GLY D 46 19.55 -34.09 -19.92
CA GLY D 46 18.36 -34.15 -20.77
C GLY D 46 18.01 -32.75 -21.26
N VAL D 47 16.73 -32.59 -21.60
CA VAL D 47 16.21 -31.30 -22.03
C VAL D 47 15.66 -30.56 -20.82
N ALA D 48 16.11 -29.33 -20.63
CA ALA D 48 15.71 -28.53 -19.49
C ALA D 48 15.49 -27.08 -19.92
N ASN D 49 14.45 -26.46 -19.37
CA ASN D 49 14.11 -25.08 -19.72
C ASN D 49 15.08 -24.14 -18.99
N LYS D 50 16.27 -23.99 -19.56
CA LYS D 50 17.28 -23.11 -18.99
C LYS D 50 16.87 -21.65 -19.05
N ALA D 51 15.89 -21.31 -19.88
CA ALA D 51 15.39 -19.94 -19.91
C ALA D 51 14.67 -19.58 -18.62
N GLN D 52 14.06 -20.56 -17.96
CA GLN D 52 13.32 -20.29 -16.73
C GLN D 52 14.21 -20.44 -15.50
N PHE D 53 14.90 -21.57 -15.37
CA PHE D 53 15.72 -21.87 -14.21
C PHE D 53 17.19 -21.93 -14.59
N SER D 54 18.04 -21.61 -13.63
CA SER D 54 19.49 -21.72 -13.79
C SER D 54 20.07 -22.45 -12.60
N LEU D 55 21.12 -23.22 -12.87
CA LEU D 55 21.75 -24.12 -11.90
C LEU D 55 23.23 -23.76 -11.80
N ASP D 56 23.62 -23.27 -10.64
CA ASP D 56 25.02 -22.93 -10.40
C ASP D 56 25.84 -24.21 -10.32
N PRO D 57 26.80 -24.42 -11.22
CA PRO D 57 27.55 -25.69 -11.23
C PRO D 57 28.43 -25.91 -10.01
N ILE D 58 28.58 -24.91 -9.13
CA ILE D 58 29.41 -25.03 -7.93
C ILE D 58 28.56 -25.12 -6.67
N THR D 59 27.71 -24.11 -6.44
CA THR D 59 26.85 -24.11 -5.26
C THR D 59 25.67 -25.08 -5.38
N GLY D 60 25.29 -25.45 -6.61
CA GLY D 60 24.31 -26.49 -6.82
C GLY D 60 22.86 -26.09 -6.66
N ASP D 61 22.57 -24.82 -6.38
CA ASP D 61 21.20 -24.40 -6.19
C ASP D 61 20.56 -23.97 -7.51
N ILE D 62 19.25 -24.14 -7.57
CA ILE D 62 18.44 -23.76 -8.73
C ILE D 62 17.71 -22.47 -8.40
N VAL D 63 17.64 -21.55 -9.37
CA VAL D 63 16.98 -20.27 -9.17
C VAL D 63 16.16 -19.92 -10.41
N THR D 64 15.03 -19.27 -10.20
CA THR D 64 14.15 -18.86 -11.29
C THR D 64 14.65 -17.57 -11.93
N ARG D 65 14.70 -17.55 -13.27
CA ARG D 65 15.18 -16.40 -14.00
C ARG D 65 14.06 -15.52 -14.56
N GLN D 66 12.82 -16.01 -14.55
CA GLN D 66 11.69 -15.25 -15.06
C GLN D 66 10.48 -15.47 -14.16
N SER D 67 9.45 -14.66 -14.37
CA SER D 67 8.22 -14.81 -13.61
C SER D 67 7.45 -16.03 -14.07
N LEU D 68 6.93 -16.79 -13.12
CA LEU D 68 6.16 -17.98 -13.44
C LEU D 68 4.73 -17.62 -13.81
N ASP D 69 4.10 -18.50 -14.59
CA ASP D 69 2.73 -18.30 -15.04
C ASP D 69 2.04 -19.66 -15.10
N PHE D 70 1.07 -19.87 -14.22
CA PHE D 70 0.40 -21.16 -14.17
C PHE D 70 -0.44 -21.42 -15.41
N GLU D 71 -0.99 -20.36 -16.01
CA GLU D 71 -1.88 -20.54 -17.16
C GLU D 71 -1.11 -20.89 -18.43
N GLU D 72 0.20 -20.67 -18.44
CA GLU D 72 1.01 -21.00 -19.61
C GLU D 72 1.64 -22.39 -19.50
N VAL D 73 2.35 -22.64 -18.40
CA VAL D 73 2.98 -23.94 -18.16
C VAL D 73 2.85 -24.26 -16.68
N GLU D 74 2.38 -25.46 -16.36
CA GLU D 74 1.99 -25.80 -15.00
C GLU D 74 3.12 -26.42 -14.19
N GLN D 75 3.95 -27.25 -14.82
CA GLN D 75 5.04 -27.90 -14.10
C GLN D 75 6.25 -28.05 -15.01
N TYR D 76 7.40 -28.28 -14.38
CA TYR D 76 8.66 -28.52 -15.06
C TYR D 76 9.32 -29.75 -14.49
N THR D 77 10.14 -30.41 -15.31
CA THR D 77 10.92 -31.57 -14.90
C THR D 77 12.33 -31.39 -15.43
N ILE D 78 13.29 -31.12 -14.53
CA ILE D 78 14.69 -30.91 -14.92
C ILE D 78 15.54 -31.95 -14.22
N ASP D 79 16.47 -32.56 -14.97
CA ASP D 79 17.35 -33.59 -14.44
C ASP D 79 18.72 -32.99 -14.16
N VAL D 80 19.28 -33.34 -13.00
CA VAL D 80 20.56 -32.81 -12.56
C VAL D 80 21.54 -33.97 -12.38
N GLU D 81 22.76 -33.77 -12.88
CA GLU D 81 23.82 -34.78 -12.81
C GLU D 81 25.01 -34.20 -12.08
N ALA D 82 25.48 -34.89 -11.04
CA ALA D 82 26.62 -34.47 -10.26
C ALA D 82 27.85 -35.24 -10.70
N LYS D 83 28.91 -34.53 -11.07
CA LYS D 83 30.16 -35.11 -11.55
C LYS D 83 31.30 -34.68 -10.64
N ASP D 84 32.19 -35.62 -10.32
CA ASP D 84 33.33 -35.35 -9.47
C ASP D 84 34.50 -34.86 -10.33
N ARG D 85 35.68 -34.70 -9.71
CA ARG D 85 36.89 -34.43 -10.49
C ARG D 85 37.21 -35.59 -11.40
N GLY D 86 36.91 -36.81 -10.96
CA GLY D 86 36.93 -37.97 -11.83
C GLY D 86 35.71 -38.03 -12.70
N SER D 87 35.45 -39.23 -13.21
CA SER D 87 34.33 -39.45 -14.13
C SER D 87 33.11 -40.05 -13.44
N LEU D 88 33.16 -40.28 -12.13
CA LEU D 88 32.00 -40.82 -11.44
C LEU D 88 30.88 -39.79 -11.38
N SER D 89 29.65 -40.24 -11.64
CA SER D 89 28.52 -39.34 -11.75
C SER D 89 27.29 -39.93 -11.08
N SER D 90 26.46 -39.04 -10.54
CA SER D 90 25.17 -39.39 -9.97
C SER D 90 24.09 -38.55 -10.65
N GLN D 91 22.83 -38.96 -10.49
CA GLN D 91 21.74 -38.32 -11.20
C GLN D 91 20.52 -38.22 -10.29
N CYS D 92 19.76 -37.14 -10.45
CA CYS D 92 18.51 -36.96 -9.74
C CYS D 92 17.55 -36.17 -10.62
N LYS D 93 16.27 -36.22 -10.24
CA LYS D 93 15.20 -35.56 -10.98
C LYS D 93 14.52 -34.54 -10.08
N VAL D 94 14.33 -33.33 -10.61
CA VAL D 94 13.67 -32.25 -9.88
C VAL D 94 12.38 -31.93 -10.62
N ILE D 95 11.25 -32.11 -9.91
CA ILE D 95 9.93 -31.79 -10.44
C ILE D 95 9.45 -30.53 -9.72
N ILE D 96 9.20 -29.48 -10.48
CA ILE D 96 8.73 -28.20 -9.95
C ILE D 96 7.28 -28.02 -10.37
N GLU D 97 6.39 -27.89 -9.39
CA GLU D 97 4.97 -27.71 -9.65
C GLU D 97 4.57 -26.28 -9.29
N VAL D 98 4.05 -25.56 -10.26
CA VAL D 98 3.56 -24.21 -10.03
C VAL D 98 2.16 -24.28 -9.42
N LEU D 99 1.87 -23.38 -8.49
CA LEU D 99 0.58 -23.32 -7.82
C LEU D 99 -0.23 -22.18 -8.39
N ASP D 100 -1.45 -22.48 -8.85
CA ASP D 100 -2.32 -21.47 -9.45
C ASP D 100 -2.71 -20.42 -8.43
N GLU D 101 -2.66 -19.16 -8.85
CA GLU D 101 -3.05 -18.04 -8.02
C GLU D 101 -4.15 -17.26 -8.71
N ASN D 102 -4.97 -16.59 -7.91
CA ASN D 102 -6.08 -15.80 -8.46
C ASN D 102 -5.53 -14.44 -8.92
N ASP D 103 -4.92 -14.46 -10.10
CA ASP D 103 -4.34 -13.25 -10.69
C ASP D 103 -5.08 -12.81 -11.96
N ASN D 104 -6.18 -13.47 -12.30
CA ASN D 104 -6.99 -13.10 -13.46
C ASN D 104 -8.42 -12.85 -13.02
N ARG D 105 -8.96 -11.67 -13.38
CA ARG D 105 -10.34 -11.38 -13.03
C ARG D 105 -11.29 -11.98 -14.05
N PRO D 106 -12.53 -12.28 -13.64
CA PRO D 106 -13.51 -12.82 -14.58
C PRO D 106 -13.80 -11.84 -15.70
N GLU D 107 -14.04 -12.38 -16.89
CA GLU D 107 -14.28 -11.60 -18.09
C GLU D 107 -15.68 -11.90 -18.60
N ILE D 108 -16.45 -10.84 -18.84
CA ILE D 108 -17.83 -10.96 -19.29
C ILE D 108 -17.90 -10.63 -20.78
N ILE D 109 -18.49 -11.54 -21.54
CA ILE D 109 -18.63 -11.39 -22.98
C ILE D 109 -20.12 -11.53 -23.29
N ILE D 110 -20.72 -10.44 -23.76
CA ILE D 110 -22.15 -10.44 -24.09
C ILE D 110 -22.29 -11.03 -25.50
N THR D 111 -22.69 -12.30 -25.57
CA THR D 111 -22.76 -12.99 -26.86
C THR D 111 -23.83 -12.38 -27.76
N SER D 112 -25.07 -12.37 -27.28
CA SER D 112 -26.19 -11.88 -28.08
C SER D 112 -27.09 -11.02 -27.20
N LEU D 113 -27.66 -9.99 -27.81
CA LEU D 113 -28.57 -9.07 -27.13
C LEU D 113 -29.81 -8.89 -28.00
N SER D 114 -30.98 -8.90 -27.36
CA SER D 114 -32.22 -8.75 -28.10
C SER D 114 -32.33 -7.35 -28.71
N ASP D 115 -32.95 -7.29 -29.89
CA ASP D 115 -33.12 -6.00 -30.56
C ASP D 115 -34.01 -5.07 -29.74
N GLN D 116 -35.16 -5.56 -29.31
CA GLN D 116 -36.06 -4.83 -28.43
C GLN D 116 -37.04 -5.82 -27.83
N ILE D 117 -37.57 -5.46 -26.67
CA ILE D 117 -38.53 -6.29 -25.95
C ILE D 117 -39.85 -5.54 -25.88
N SER D 118 -40.90 -6.14 -26.40
CA SER D 118 -42.23 -5.57 -26.28
C SER D 118 -42.77 -5.80 -24.87
N GLU D 119 -43.59 -4.86 -24.39
CA GLU D 119 -44.10 -4.96 -23.04
C GLU D 119 -44.96 -6.21 -22.83
N ASP D 120 -45.54 -6.76 -23.89
CA ASP D 120 -46.34 -7.96 -23.80
C ASP D 120 -45.49 -9.24 -23.88
N SER D 121 -44.17 -9.12 -23.83
CA SER D 121 -43.32 -10.30 -23.82
C SER D 121 -43.59 -11.10 -22.54
N PRO D 122 -43.84 -12.40 -22.65
CA PRO D 122 -44.19 -13.17 -21.46
C PRO D 122 -43.02 -13.33 -20.52
N SER D 123 -43.32 -13.70 -19.28
CA SER D 123 -42.28 -13.99 -18.32
C SER D 123 -41.57 -15.29 -18.70
N GLY D 124 -40.25 -15.27 -18.64
CA GLY D 124 -39.43 -16.34 -19.17
C GLY D 124 -38.80 -16.02 -20.51
N THR D 125 -39.20 -14.91 -21.12
CA THR D 125 -38.54 -14.45 -22.34
C THR D 125 -37.09 -14.08 -22.06
N VAL D 126 -36.19 -14.52 -22.92
CA VAL D 126 -34.77 -14.24 -22.75
C VAL D 126 -34.43 -12.95 -23.49
N VAL D 127 -33.72 -12.06 -22.80
CA VAL D 127 -33.38 -10.75 -23.35
C VAL D 127 -31.90 -10.63 -23.70
N ALA D 128 -31.02 -11.37 -23.02
CA ALA D 128 -29.59 -11.28 -23.28
C ALA D 128 -28.94 -12.64 -23.03
N LEU D 129 -28.01 -13.01 -23.91
CA LEU D 129 -27.16 -14.18 -23.72
C LEU D 129 -25.74 -13.70 -23.52
N PHE D 130 -25.12 -14.09 -22.42
CA PHE D 130 -23.73 -13.73 -22.17
C PHE D 130 -23.02 -14.90 -21.52
N LYS D 131 -21.70 -14.93 -21.70
CA LYS D 131 -20.84 -15.94 -21.10
C LYS D 131 -19.72 -15.26 -20.32
N VAL D 132 -19.19 -15.98 -19.34
CA VAL D 132 -18.12 -15.51 -18.48
C VAL D 132 -16.97 -16.49 -18.56
N ARG D 133 -15.75 -15.97 -18.63
CA ARG D 133 -14.56 -16.82 -18.67
C ARG D 133 -13.50 -16.29 -17.72
N ASP D 134 -12.86 -17.20 -17.00
CA ASP D 134 -11.77 -16.88 -16.09
C ASP D 134 -10.57 -17.73 -16.47
N ARG D 135 -9.49 -17.08 -16.91
CA ARG D 135 -8.31 -17.80 -17.37
C ARG D 135 -7.65 -18.61 -16.25
N ASP D 136 -8.00 -18.36 -15.00
CA ASP D 136 -7.49 -19.16 -13.90
C ASP D 136 -8.05 -20.57 -14.01
N SER D 137 -7.60 -21.43 -13.11
CA SER D 137 -7.95 -22.84 -13.10
C SER D 137 -8.64 -23.19 -11.79
N GLY D 138 -9.65 -24.05 -11.88
CA GLY D 138 -10.29 -24.55 -10.67
C GLY D 138 -11.21 -23.53 -10.06
N GLU D 139 -11.08 -23.35 -8.74
CA GLU D 139 -12.01 -22.51 -8.00
C GLU D 139 -11.81 -21.03 -8.31
N ASN D 140 -10.57 -20.63 -8.61
CA ASN D 140 -10.34 -19.27 -9.08
C ASN D 140 -10.98 -19.01 -10.44
N ALA D 141 -11.52 -20.04 -11.09
CA ALA D 141 -12.25 -19.92 -12.34
C ALA D 141 -13.75 -20.15 -12.17
N GLU D 142 -14.19 -20.50 -10.96
CA GLU D 142 -15.62 -20.64 -10.68
C GLU D 142 -16.20 -19.26 -10.43
N VAL D 143 -17.33 -18.97 -11.08
CA VAL D 143 -17.85 -17.61 -11.16
C VAL D 143 -19.23 -17.53 -10.54
N MET D 144 -19.53 -16.36 -9.98
CA MET D 144 -20.84 -16.01 -9.44
C MET D 144 -21.28 -14.71 -10.10
N CYS D 145 -22.43 -14.73 -10.75
CA CYS D 145 -22.96 -13.57 -11.47
C CYS D 145 -24.14 -13.01 -10.71
N SER D 146 -24.14 -11.69 -10.54
CA SER D 146 -25.19 -10.99 -9.81
C SER D 146 -25.65 -9.79 -10.62
N LEU D 147 -26.97 -9.56 -10.64
CA LEU D 147 -27.53 -8.38 -11.27
C LEU D 147 -27.50 -7.21 -10.31
N SER D 148 -27.97 -6.06 -10.79
CA SER D 148 -27.87 -4.82 -10.04
C SER D 148 -29.25 -4.16 -9.95
N GLY D 149 -29.75 -4.01 -8.73
CA GLY D 149 -30.86 -3.11 -8.45
C GLY D 149 -32.29 -3.61 -8.66
N ASN D 150 -33.15 -2.67 -9.08
CA ASN D 150 -34.59 -2.85 -9.04
C ASN D 150 -35.09 -3.77 -10.15
N ASN D 151 -34.52 -3.63 -11.36
CA ASN D 151 -35.01 -4.19 -12.62
C ASN D 151 -35.57 -5.60 -12.52
N PRO D 152 -36.65 -5.90 -13.24
CA PRO D 152 -37.25 -7.24 -13.26
C PRO D 152 -36.54 -8.17 -14.23
N PHE D 153 -35.35 -8.61 -13.82
CA PHE D 153 -34.56 -9.52 -14.62
C PHE D 153 -33.89 -10.53 -13.70
N LYS D 154 -33.77 -11.76 -14.19
CA LYS D 154 -33.15 -12.85 -13.44
C LYS D 154 -32.10 -13.52 -14.33
N ILE D 155 -30.97 -13.87 -13.71
CA ILE D 155 -29.90 -14.57 -14.43
C ILE D 155 -30.21 -16.06 -14.41
N HIS D 156 -30.29 -16.66 -15.60
CA HIS D 156 -30.50 -18.09 -15.75
C HIS D 156 -29.18 -18.71 -16.20
N SER D 157 -28.54 -19.43 -15.30
CA SER D 157 -27.31 -20.13 -15.63
C SER D 157 -27.57 -21.21 -16.68
N SER D 158 -26.51 -21.62 -17.36
CA SER D 158 -26.65 -22.68 -18.35
C SER D 158 -25.51 -23.67 -18.21
N SER D 159 -25.12 -24.28 -19.32
CA SER D 159 -24.21 -25.43 -19.29
C SER D 159 -22.79 -25.07 -18.85
N ASN D 160 -22.02 -24.47 -19.74
CA ASN D 160 -20.58 -24.25 -19.53
C ASN D 160 -20.28 -22.76 -19.57
N ASN D 161 -20.59 -22.07 -18.46
CA ASN D 161 -20.30 -20.65 -18.27
C ASN D 161 -21.03 -19.76 -19.28
N TYR D 162 -22.04 -20.29 -19.96
CA TYR D 162 -22.97 -19.47 -20.72
C TYR D 162 -24.15 -19.11 -19.83
N TYR D 163 -24.60 -17.87 -19.93
CA TYR D 163 -25.62 -17.36 -19.03
C TYR D 163 -26.74 -16.69 -19.83
N LYS D 164 -27.90 -16.60 -19.18
CA LYS D 164 -29.10 -16.05 -19.80
C LYS D 164 -29.68 -15.00 -18.87
N LEU D 165 -29.94 -13.82 -19.42
CA LEU D 165 -30.68 -12.78 -18.71
C LEU D 165 -32.13 -12.88 -19.15
N VAL D 166 -33.01 -13.28 -18.24
CA VAL D 166 -34.39 -13.53 -18.58
C VAL D 166 -35.29 -12.64 -17.74
N THR D 167 -36.50 -12.41 -18.25
CA THR D 167 -37.52 -11.66 -17.52
C THR D 167 -38.26 -12.58 -16.57
N ASP D 168 -38.49 -12.09 -15.35
CA ASP D 168 -39.28 -12.81 -14.36
C ASP D 168 -40.67 -12.25 -14.19
N SER D 169 -40.82 -10.92 -14.27
CA SER D 169 -42.10 -10.26 -14.07
C SER D 169 -42.72 -9.92 -15.43
N ILE D 170 -43.74 -9.06 -15.39
CA ILE D 170 -44.44 -8.61 -16.59
C ILE D 170 -44.08 -7.16 -16.85
N LEU D 171 -43.80 -6.84 -18.11
CA LEU D 171 -43.33 -5.52 -18.48
C LEU D 171 -44.49 -4.59 -18.80
N ASP D 172 -44.32 -3.31 -18.46
CA ASP D 172 -45.31 -2.27 -18.73
C ASP D 172 -44.54 -1.00 -19.07
N ARG D 173 -44.59 -0.59 -20.34
CA ARG D 173 -43.82 0.57 -20.77
C ARG D 173 -44.35 1.86 -20.14
N GLU D 174 -45.67 1.95 -19.96
CA GLU D 174 -46.24 3.13 -19.34
C GLU D 174 -45.80 3.29 -17.89
N GLN D 175 -45.36 2.20 -17.25
CA GLN D 175 -44.79 2.26 -15.91
C GLN D 175 -43.31 2.58 -15.96
N THR D 176 -42.52 1.74 -16.65
CA THR D 176 -41.10 1.98 -16.84
C THR D 176 -40.72 1.73 -18.29
N PRO D 177 -40.18 2.73 -18.99
CA PRO D 177 -39.88 2.56 -20.42
C PRO D 177 -38.62 1.75 -20.67
N GLY D 178 -37.64 1.84 -19.78
CA GLY D 178 -36.39 1.12 -19.96
C GLY D 178 -35.67 0.91 -18.64
N TYR D 179 -34.66 0.05 -18.69
CA TYR D 179 -33.87 -0.31 -17.52
C TYR D 179 -32.38 -0.30 -17.84
N ASN D 180 -31.59 0.08 -16.85
CA ASN D 180 -30.13 -0.03 -16.86
C ASN D 180 -29.76 -1.21 -15.97
N VAL D 181 -29.25 -2.28 -16.56
CA VAL D 181 -28.92 -3.50 -15.81
C VAL D 181 -27.42 -3.72 -15.88
N THR D 182 -26.81 -3.96 -14.72
CA THR D 182 -25.37 -4.11 -14.60
C THR D 182 -25.03 -5.48 -14.03
N ILE D 183 -24.33 -6.28 -14.82
CA ILE D 183 -23.96 -7.65 -14.46
C ILE D 183 -22.58 -7.65 -13.83
N THR D 184 -22.45 -8.26 -12.66
CA THR D 184 -21.17 -8.35 -11.95
C THR D 184 -20.77 -9.81 -11.82
N ALA D 185 -19.53 -10.12 -12.18
CA ALA D 185 -18.99 -11.47 -12.10
C ALA D 185 -17.87 -11.50 -11.07
N THR D 186 -17.94 -12.46 -10.15
CA THR D 186 -17.00 -12.57 -9.05
C THR D 186 -16.52 -14.01 -8.92
N ASP D 187 -15.21 -14.22 -8.91
CA ASP D 187 -14.65 -15.55 -8.71
C ASP D 187 -14.56 -15.87 -7.23
N ARG D 188 -14.58 -17.16 -6.91
CA ARG D 188 -14.47 -17.57 -5.50
C ARG D 188 -13.02 -17.90 -5.16
N GLY D 189 -12.12 -16.98 -5.51
CA GLY D 189 -10.76 -17.03 -5.05
C GLY D 189 -10.56 -16.20 -3.79
N LYS D 190 -9.44 -16.45 -3.12
CA LYS D 190 -9.09 -15.71 -1.91
C LYS D 190 -7.74 -15.04 -2.10
N PRO D 191 -7.70 -13.72 -2.37
CA PRO D 191 -8.83 -12.80 -2.46
C PRO D 191 -9.59 -12.91 -3.79
N PRO D 192 -10.86 -12.54 -3.81
CA PRO D 192 -11.66 -12.61 -5.03
C PRO D 192 -11.50 -11.38 -5.90
N LEU D 193 -11.84 -11.55 -7.18
CA LEU D 193 -11.82 -10.47 -8.15
C LEU D 193 -13.14 -10.44 -8.90
N SER D 194 -13.60 -9.25 -9.25
CA SER D 194 -14.89 -9.09 -9.92
C SER D 194 -14.75 -8.10 -11.06
N SER D 195 -15.66 -8.22 -12.02
CA SER D 195 -15.73 -7.30 -13.15
C SER D 195 -17.19 -7.20 -13.59
N SER D 196 -17.61 -6.00 -13.96
CA SER D 196 -19.02 -5.72 -14.22
C SER D 196 -19.18 -5.01 -15.57
N THR D 197 -20.24 -5.35 -16.28
CA THR D 197 -20.60 -4.72 -17.54
C THR D 197 -22.05 -4.28 -17.49
N THR D 198 -22.32 -3.09 -18.00
CA THR D 198 -23.66 -2.52 -17.99
C THR D 198 -24.27 -2.59 -19.38
N ILE D 199 -25.55 -2.97 -19.44
CA ILE D 199 -26.33 -2.90 -20.67
C ILE D 199 -27.63 -2.16 -20.40
N THR D 200 -28.16 -1.55 -21.46
CA THR D 200 -29.38 -0.74 -21.40
C THR D 200 -30.44 -1.38 -22.28
N LEU D 201 -31.65 -1.53 -21.73
CA LEU D 201 -32.76 -2.17 -22.43
C LEU D 201 -33.94 -1.23 -22.48
N ASN D 202 -34.54 -1.12 -23.67
CA ASN D 202 -35.70 -0.27 -23.88
C ASN D 202 -36.91 -1.14 -24.21
N VAL D 203 -38.01 -0.92 -23.52
CA VAL D 203 -39.22 -1.71 -23.72
C VAL D 203 -40.02 -1.11 -24.87
N ALA D 204 -40.43 -1.97 -25.81
CA ALA D 204 -41.23 -1.52 -26.93
C ALA D 204 -42.69 -1.36 -26.54
N ASP D 205 -43.37 -0.45 -27.20
CA ASP D 205 -44.76 -0.14 -26.89
C ASP D 205 -45.70 -0.90 -27.82
N VAL D 206 -46.70 -1.54 -27.23
CA VAL D 206 -47.78 -2.15 -27.98
C VAL D 206 -49.08 -1.46 -27.54
N ASN D 207 -50.05 -1.42 -28.45
CA ASN D 207 -51.32 -0.75 -28.19
C ASN D 207 -52.15 -1.62 -27.25
N ASP D 208 -51.77 -1.60 -25.97
CA ASP D 208 -52.48 -2.34 -24.93
C ASP D 208 -53.38 -1.47 -24.08
N ASN D 209 -53.51 -0.20 -24.42
CA ASN D 209 -54.36 0.74 -23.70
C ASN D 209 -55.36 1.35 -24.68
N ALA D 210 -56.65 1.22 -24.37
CA ALA D 210 -57.63 1.96 -25.13
C ALA D 210 -57.87 3.32 -24.51
N PRO D 211 -58.23 4.33 -25.30
CA PRO D 211 -58.48 5.65 -24.72
C PRO D 211 -59.62 5.63 -23.72
N VAL D 212 -59.49 6.46 -22.69
CA VAL D 212 -60.52 6.61 -21.68
C VAL D 212 -60.98 8.06 -21.70
N PHE D 213 -62.31 8.27 -21.72
CA PHE D 213 -62.86 9.60 -21.68
C PHE D 213 -62.76 10.19 -20.29
N GLN D 214 -62.57 11.50 -20.24
CA GLN D 214 -62.36 12.17 -18.95
C GLN D 214 -63.56 11.99 -18.03
N GLN D 215 -64.77 11.85 -18.59
CA GLN D 215 -65.98 11.70 -17.81
C GLN D 215 -66.82 10.55 -18.32
N GLN D 216 -67.56 9.92 -17.39
CA GLN D 216 -68.41 8.79 -17.75
C GLN D 216 -69.54 9.21 -18.68
N ALA D 217 -70.11 10.39 -18.44
CA ALA D 217 -71.17 10.93 -19.28
C ALA D 217 -70.98 12.43 -19.39
N TYR D 218 -71.44 12.99 -20.51
CA TYR D 218 -71.34 14.42 -20.76
C TYR D 218 -72.73 15.03 -20.91
N LEU D 219 -72.92 16.19 -20.29
CA LEU D 219 -74.18 16.93 -20.34
C LEU D 219 -73.86 18.40 -20.48
N ILE D 220 -74.41 19.05 -21.50
CA ILE D 220 -74.13 20.45 -21.79
C ILE D 220 -75.44 21.18 -22.02
N ASN D 221 -75.54 22.40 -21.48
CA ASN D 221 -76.69 23.26 -21.66
C ASN D 221 -76.29 24.48 -22.49
N VAL D 222 -77.06 24.75 -23.53
CA VAL D 222 -76.81 25.90 -24.40
C VAL D 222 -78.14 26.57 -24.71
N ALA D 223 -78.15 27.90 -24.64
CA ALA D 223 -79.36 28.65 -24.91
C ALA D 223 -79.71 28.59 -26.39
N GLU D 224 -80.99 28.80 -26.69
CA GLU D 224 -81.45 28.76 -28.07
C GLU D 224 -81.02 30.02 -28.82
N ASN D 225 -81.18 29.97 -30.14
CA ASN D 225 -80.82 31.09 -31.02
C ASN D 225 -79.38 31.55 -30.79
N ASN D 226 -78.50 30.58 -30.55
CA ASN D 226 -77.09 30.86 -30.37
C ASN D 226 -76.44 31.19 -31.71
N GLN D 227 -75.17 31.51 -31.68
CA GLN D 227 -74.44 31.76 -32.90
C GLN D 227 -74.03 30.42 -33.53
N PRO D 228 -74.29 30.21 -34.82
CA PRO D 228 -73.92 28.94 -35.44
C PRO D 228 -72.43 28.79 -35.64
N GLY D 229 -71.99 27.54 -35.70
CA GLY D 229 -70.58 27.24 -35.88
C GLY D 229 -69.70 27.62 -34.72
N THR D 230 -70.22 27.60 -33.50
CA THR D 230 -69.46 28.01 -32.33
C THR D 230 -69.33 26.86 -31.34
N SER D 231 -68.33 26.97 -30.48
CA SER D 231 -68.07 25.95 -29.47
C SER D 231 -69.17 25.97 -28.42
N ILE D 232 -69.68 24.79 -28.08
CA ILE D 232 -70.68 24.64 -27.03
C ILE D 232 -70.12 23.89 -25.82
N THR D 233 -69.26 22.89 -26.06
CA THR D 233 -68.48 22.26 -25.00
C THR D 233 -67.36 21.47 -25.65
N GLN D 234 -66.59 20.77 -24.81
CA GLN D 234 -65.38 20.10 -25.26
C GLN D 234 -65.20 18.79 -24.49
N VAL D 235 -64.78 17.75 -25.20
CA VAL D 235 -64.47 16.47 -24.59
C VAL D 235 -63.00 16.15 -24.83
N LYS D 236 -62.45 15.28 -23.98
CA LYS D 236 -61.05 14.90 -24.07
C LYS D 236 -60.88 13.46 -23.62
N ALA D 237 -59.99 12.74 -24.29
CA ALA D 237 -59.70 11.34 -23.97
C ALA D 237 -58.19 11.17 -23.76
N TRP D 238 -57.82 10.43 -22.73
CA TRP D 238 -56.42 10.21 -22.39
C TRP D 238 -55.97 8.85 -22.91
N ASP D 239 -54.72 8.80 -23.39
CA ASP D 239 -54.12 7.55 -23.84
C ASP D 239 -52.66 7.51 -23.41
N PRO D 240 -52.31 6.68 -22.43
CA PRO D 240 -50.90 6.61 -21.98
C PRO D 240 -49.97 5.96 -22.99
N ASP D 241 -50.49 5.41 -24.09
CA ASP D 241 -49.63 4.85 -25.12
C ASP D 241 -48.85 5.97 -25.82
N VAL D 242 -47.82 5.58 -26.55
CA VAL D 242 -46.94 6.53 -27.21
C VAL D 242 -47.03 6.31 -28.72
N GLY D 243 -46.79 7.39 -29.47
CA GLY D 243 -46.77 7.30 -30.91
C GLY D 243 -48.16 7.19 -31.51
N SER D 244 -48.23 6.47 -32.64
CA SER D 244 -49.51 6.30 -33.32
C SER D 244 -50.53 5.60 -32.43
N ASN D 245 -50.07 4.79 -31.48
CA ASN D 245 -50.96 4.10 -30.55
C ASN D 245 -51.52 5.01 -29.46
N GLY D 246 -51.09 6.27 -29.39
CA GLY D 246 -51.60 7.19 -28.39
C GLY D 246 -52.23 8.44 -28.96
N LEU D 247 -52.62 8.37 -30.24
CA LEU D 247 -53.18 9.51 -30.96
C LEU D 247 -54.70 9.39 -30.95
N VAL D 248 -55.37 10.27 -30.21
CA VAL D 248 -56.82 10.21 -30.02
C VAL D 248 -57.53 10.92 -31.17
N SER D 249 -58.60 10.30 -31.66
CA SER D 249 -59.42 10.88 -32.72
C SER D 249 -60.89 10.76 -32.33
N TYR D 250 -61.61 11.88 -32.38
CA TYR D 250 -63.00 11.94 -31.94
C TYR D 250 -63.91 12.02 -33.15
N SER D 251 -65.07 11.37 -33.05
CA SER D 251 -66.03 11.34 -34.15
C SER D 251 -67.43 11.09 -33.60
N ILE D 252 -68.42 11.50 -34.39
CA ILE D 252 -69.83 11.30 -34.06
C ILE D 252 -70.32 10.07 -34.82
N ILE D 253 -70.76 9.06 -34.07
CA ILE D 253 -71.12 7.78 -34.68
C ILE D 253 -72.62 7.61 -34.79
N ALA D 254 -73.37 8.13 -33.81
CA ALA D 254 -74.81 7.97 -33.84
C ALA D 254 -75.47 9.03 -32.96
N SER D 255 -76.75 9.27 -33.26
CA SER D 255 -77.59 10.17 -32.50
C SER D 255 -79.05 9.77 -32.74
N ASP D 256 -79.96 10.43 -32.04
CA ASP D 256 -81.38 10.23 -32.25
C ASP D 256 -81.95 11.13 -33.33
N LEU D 257 -81.11 11.92 -33.99
CA LEU D 257 -81.55 12.81 -35.06
C LEU D 257 -81.61 12.04 -36.39
N GLU D 258 -82.12 12.72 -37.42
CA GLU D 258 -82.01 12.21 -38.77
C GLU D 258 -80.55 12.32 -39.24
N PRO D 259 -80.16 11.50 -40.22
CA PRO D 259 -78.76 11.56 -40.69
C PRO D 259 -78.35 12.94 -41.21
N LYS D 260 -79.14 13.50 -42.13
CA LYS D 260 -78.80 14.81 -42.68
C LYS D 260 -78.88 15.88 -41.62
N ALA D 261 -79.84 15.76 -40.69
CA ALA D 261 -79.93 16.74 -39.60
C ALA D 261 -78.72 16.67 -38.69
N LEU D 262 -78.26 15.46 -38.35
CA LEU D 262 -77.12 15.30 -37.46
C LEU D 262 -75.92 16.08 -37.96
N SER D 263 -75.70 16.07 -39.28
CA SER D 263 -74.58 16.82 -39.85
C SER D 263 -74.75 18.33 -39.70
N SER D 264 -75.99 18.81 -39.73
CA SER D 264 -76.25 20.24 -39.65
C SER D 264 -76.38 20.77 -38.24
N PHE D 265 -76.58 19.89 -37.25
CA PHE D 265 -76.78 20.35 -35.88
C PHE D 265 -75.45 20.43 -35.11
N VAL D 266 -74.75 19.31 -34.99
CA VAL D 266 -73.50 19.25 -34.24
C VAL D 266 -72.42 18.57 -35.08
N SER D 267 -71.18 18.96 -34.82
CA SER D 267 -70.01 18.29 -35.35
C SER D 267 -68.94 18.31 -34.27
N VAL D 268 -67.85 17.56 -34.49
CA VAL D 268 -66.78 17.50 -33.51
C VAL D 268 -65.44 17.50 -34.24
N ASN D 269 -64.52 18.36 -33.80
CA ASN D 269 -63.19 18.44 -34.39
C ASN D 269 -62.33 17.31 -33.83
N GLN D 270 -61.91 16.39 -34.70
CA GLN D 270 -61.30 15.15 -34.25
C GLN D 270 -59.95 15.34 -33.58
N ASP D 271 -59.27 16.46 -33.82
CA ASP D 271 -57.98 16.69 -33.20
C ASP D 271 -58.11 17.34 -31.83
N SER D 272 -59.00 18.32 -31.68
CA SER D 272 -59.13 19.05 -30.44
C SER D 272 -60.15 18.44 -29.48
N GLY D 273 -61.20 17.80 -30.01
CA GLY D 273 -62.25 17.24 -29.18
C GLY D 273 -63.38 18.20 -28.85
N VAL D 274 -63.30 19.45 -29.28
CA VAL D 274 -64.40 20.39 -29.06
C VAL D 274 -65.57 20.02 -29.98
N VAL D 275 -66.78 20.26 -29.51
CA VAL D 275 -67.99 20.02 -30.30
C VAL D 275 -68.59 21.37 -30.69
N TYR D 276 -68.90 21.52 -31.97
CA TYR D 276 -69.43 22.75 -32.53
C TYR D 276 -70.90 22.56 -32.90
N ALA D 277 -71.68 23.60 -32.72
CA ALA D 277 -73.09 23.63 -33.14
C ALA D 277 -73.15 24.35 -34.48
N GLN D 278 -73.54 23.64 -35.53
CA GLN D 278 -73.56 24.18 -36.89
C GLN D 278 -74.88 24.84 -37.25
N ARG D 279 -75.70 25.17 -36.27
CA ARG D 279 -76.94 25.89 -36.54
C ARG D 279 -77.44 26.53 -35.24
N ALA D 280 -78.31 27.52 -35.40
CA ALA D 280 -78.93 28.19 -34.25
C ALA D 280 -80.03 27.29 -33.71
N PHE D 281 -79.85 26.80 -32.48
CA PHE D 281 -80.83 25.92 -31.87
C PHE D 281 -82.14 26.67 -31.58
N ASP D 282 -83.23 25.93 -31.57
CA ASP D 282 -84.56 26.49 -31.31
C ASP D 282 -85.25 25.65 -30.25
N HIS D 283 -85.54 26.26 -29.10
CA HIS D 283 -86.16 25.51 -28.01
C HIS D 283 -87.57 25.05 -28.37
N GLU D 284 -88.26 25.79 -29.25
CA GLU D 284 -89.63 25.42 -29.60
C GLU D 284 -89.67 24.22 -30.55
N GLN D 285 -88.64 24.03 -31.37
CA GLN D 285 -88.57 22.89 -32.28
C GLN D 285 -87.94 21.69 -31.59
N ILE D 286 -86.70 21.83 -31.14
CA ILE D 286 -85.94 20.75 -30.50
C ILE D 286 -85.74 21.09 -29.03
N ARG D 287 -86.11 20.18 -28.14
CA ARG D 287 -85.93 20.36 -26.72
C ARG D 287 -84.55 19.89 -26.27
N SER D 288 -84.09 18.78 -26.82
CA SER D 288 -82.84 18.12 -26.44
C SER D 288 -82.57 17.04 -27.46
N PHE D 289 -81.36 16.48 -27.43
CA PHE D 289 -81.06 15.37 -28.32
C PHE D 289 -79.87 14.59 -27.79
N GLN D 290 -79.95 13.27 -27.93
CA GLN D 290 -78.91 12.38 -27.44
C GLN D 290 -77.89 12.09 -28.55
N LEU D 291 -76.63 12.00 -28.15
CA LEU D 291 -75.52 11.83 -29.07
C LEU D 291 -74.55 10.84 -28.47
N THR D 292 -73.85 10.08 -29.33
CA THR D 292 -72.81 9.20 -28.84
C THR D 292 -71.49 9.51 -29.57
N LEU D 293 -70.45 9.74 -28.78
CA LEU D 293 -69.12 10.09 -29.26
C LEU D 293 -68.18 8.90 -29.07
N GLN D 294 -67.20 8.80 -29.95
CA GLN D 294 -66.23 7.71 -29.95
C GLN D 294 -64.84 8.28 -30.12
N ALA D 295 -63.94 7.93 -29.20
CA ALA D 295 -62.52 8.27 -29.32
C ALA D 295 -61.74 7.02 -29.67
N ARG D 296 -60.79 7.16 -30.59
CA ARG D 296 -60.05 6.02 -31.11
C ARG D 296 -58.59 6.38 -31.28
N ASP D 297 -57.73 5.37 -31.19
CA ASP D 297 -56.32 5.53 -31.52
C ASP D 297 -56.10 5.16 -32.98
N GLN D 298 -54.91 5.51 -33.48
CA GLN D 298 -54.58 5.30 -34.89
C GLN D 298 -53.77 4.04 -35.14
N GLY D 299 -53.41 3.30 -34.09
CA GLY D 299 -52.68 2.07 -34.27
C GLY D 299 -53.53 0.99 -34.92
N SER D 300 -52.86 -0.07 -35.35
CA SER D 300 -53.53 -1.20 -36.00
C SER D 300 -53.39 -2.43 -35.12
N PRO D 301 -54.50 -3.01 -34.63
CA PRO D 301 -55.85 -2.49 -34.85
C PRO D 301 -56.20 -1.36 -33.90
N ALA D 302 -57.18 -0.54 -34.27
CA ALA D 302 -57.58 0.59 -33.46
C ALA D 302 -58.42 0.13 -32.27
N LEU D 303 -58.27 0.84 -31.16
CA LEU D 303 -59.08 0.62 -29.96
C LEU D 303 -59.93 1.84 -29.71
N SER D 304 -61.21 1.63 -29.46
CA SER D 304 -62.18 2.72 -29.40
C SER D 304 -62.75 2.84 -27.99
N ALA D 305 -63.54 3.90 -27.81
CA ALA D 305 -64.23 4.16 -26.55
C ALA D 305 -65.46 5.01 -26.83
N ASN D 306 -66.59 4.64 -26.23
CA ASN D 306 -67.86 5.29 -26.46
C ASN D 306 -68.30 6.02 -25.20
N VAL D 307 -68.79 7.25 -25.38
CA VAL D 307 -69.39 8.01 -24.30
C VAL D 307 -70.58 8.78 -24.87
N SER D 308 -71.71 8.74 -24.17
CA SER D 308 -72.92 9.40 -24.65
C SER D 308 -73.00 10.80 -24.07
N MET D 309 -73.08 11.81 -24.95
CA MET D 309 -73.32 13.18 -24.58
C MET D 309 -74.66 13.62 -25.17
N ARG D 310 -75.54 14.15 -24.33
CA ARG D 310 -76.81 14.68 -24.80
C ARG D 310 -76.86 16.19 -24.52
N VAL D 311 -77.47 16.92 -25.44
CA VAL D 311 -77.54 18.38 -25.38
C VAL D 311 -78.96 18.78 -24.99
N LEU D 312 -79.07 19.71 -24.05
CA LEU D 312 -80.33 20.30 -23.64
C LEU D 312 -80.33 21.76 -24.08
N VAL D 313 -81.35 22.13 -24.84
CA VAL D 313 -81.50 23.51 -25.29
C VAL D 313 -82.31 24.27 -24.24
N ASP D 314 -81.78 25.40 -23.79
CA ASP D 314 -82.44 26.24 -22.80
C ASP D 314 -83.39 27.22 -23.48
N ASP D 315 -84.52 27.46 -22.85
CA ASP D 315 -85.54 28.33 -23.42
C ASP D 315 -85.27 29.78 -23.09
N ARG D 316 -85.42 30.65 -24.09
CA ARG D 316 -85.34 32.09 -23.93
C ARG D 316 -86.67 32.71 -24.32
N ASN D 317 -86.84 33.98 -23.96
CA ASN D 317 -88.09 34.69 -24.19
C ASN D 317 -88.08 35.33 -25.58
N ASP D 318 -88.18 34.47 -26.60
CA ASP D 318 -88.11 34.90 -27.99
C ASP D 318 -89.45 34.81 -28.71
N ASN D 319 -90.52 34.42 -28.03
CA ASN D 319 -91.85 34.36 -28.62
C ASN D 319 -92.81 35.18 -27.77
N ALA D 320 -93.50 36.13 -28.40
CA ALA D 320 -94.48 36.96 -27.74
C ALA D 320 -95.79 36.21 -27.56
N PRO D 321 -96.58 36.55 -26.54
CA PRO D 321 -97.86 35.87 -26.33
C PRO D 321 -98.79 36.06 -27.52
N ARG D 322 -99.62 35.04 -27.77
CA ARG D 322 -100.59 35.06 -28.84
C ARG D 322 -101.99 34.96 -28.27
N VAL D 323 -102.89 35.81 -28.76
CA VAL D 323 -104.27 35.87 -28.29
C VAL D 323 -105.09 34.91 -29.15
N LEU D 324 -105.57 33.83 -28.54
CA LEU D 324 -106.30 32.82 -29.31
C LEU D 324 -107.76 33.19 -29.49
N TYR D 325 -108.44 33.49 -28.39
CA TYR D 325 -109.85 33.84 -28.42
C TYR D 325 -110.05 35.01 -27.46
N PRO D 326 -110.89 35.99 -27.82
CA PRO D 326 -111.71 36.04 -29.03
C PRO D 326 -110.93 36.46 -30.28
N THR D 327 -111.55 36.27 -31.45
CA THR D 327 -110.92 36.66 -32.71
C THR D 327 -110.80 38.17 -32.81
N LEU D 328 -109.78 38.64 -33.51
CA LEU D 328 -109.47 40.05 -33.64
C LEU D 328 -109.64 40.51 -35.08
N GLU D 329 -110.32 41.63 -35.27
CA GLU D 329 -110.34 42.31 -36.55
C GLU D 329 -108.96 42.88 -36.83
N PRO D 330 -108.61 43.11 -38.11
CA PRO D 330 -107.34 43.81 -38.41
C PRO D 330 -107.14 45.08 -37.62
N ASP D 331 -108.22 45.77 -37.24
CA ASP D 331 -108.12 46.87 -36.29
C ASP D 331 -107.56 46.39 -34.95
N GLY D 332 -107.76 45.12 -34.62
CA GLY D 332 -107.47 44.63 -33.29
C GLY D 332 -108.65 44.69 -32.36
N SER D 333 -109.86 44.69 -32.89
CA SER D 333 -111.07 44.90 -32.10
C SER D 333 -112.00 43.69 -32.20
N ALA D 334 -112.74 43.47 -31.12
CA ALA D 334 -113.82 42.49 -31.07
C ALA D 334 -115.09 43.19 -30.64
N LEU D 335 -116.24 42.60 -30.99
CA LEU D 335 -117.53 43.21 -30.73
C LEU D 335 -118.42 42.21 -30.02
N PHE D 336 -118.83 42.55 -28.79
CA PHE D 336 -119.79 41.77 -28.01
C PHE D 336 -120.89 42.73 -27.56
N ASP D 337 -122.02 42.70 -28.25
CA ASP D 337 -123.14 43.59 -27.96
C ASP D 337 -124.28 42.89 -27.21
N MET D 338 -124.14 41.61 -26.90
CA MET D 338 -125.17 40.84 -26.21
C MET D 338 -125.06 40.93 -24.69
N VAL D 339 -124.55 42.03 -24.16
CA VAL D 339 -124.40 42.18 -22.70
C VAL D 339 -125.77 42.52 -22.11
N PRO D 340 -126.24 41.78 -21.11
CA PRO D 340 -127.53 42.11 -20.49
C PRO D 340 -127.38 43.21 -19.45
N ARG D 341 -128.18 44.26 -19.58
CA ARG D 341 -128.20 45.30 -18.56
C ARG D 341 -128.74 44.76 -17.24
N ALA D 342 -129.63 43.78 -17.28
CA ALA D 342 -130.18 43.18 -16.08
C ALA D 342 -129.26 42.12 -15.48
N ALA D 343 -128.14 41.81 -16.12
CA ALA D 343 -127.24 40.79 -15.62
C ALA D 343 -126.64 41.22 -14.28
N GLU D 344 -126.56 40.27 -13.35
CA GLU D 344 -126.02 40.54 -12.04
C GLU D 344 -124.55 40.93 -12.14
N PRO D 345 -124.07 41.86 -11.31
CA PRO D 345 -122.63 42.15 -11.28
C PRO D 345 -121.83 40.88 -10.97
N GLY D 346 -120.70 40.73 -11.65
CA GLY D 346 -119.99 39.47 -11.68
C GLY D 346 -120.35 38.60 -12.85
N TYR D 347 -121.28 39.04 -13.70
CA TYR D 347 -121.65 38.28 -14.89
C TYR D 347 -120.49 38.24 -15.87
N LEU D 348 -120.10 37.03 -16.26
CA LEU D 348 -119.00 36.83 -17.18
C LEU D 348 -119.29 37.48 -18.53
N VAL D 349 -118.69 38.66 -18.76
CA VAL D 349 -118.81 39.30 -20.07
C VAL D 349 -118.12 38.44 -21.13
N THR D 350 -116.82 38.21 -20.97
CA THR D 350 -116.11 37.29 -21.85
C THR D 350 -114.82 36.85 -21.18
N LYS D 351 -114.13 35.92 -21.82
CA LYS D 351 -112.86 35.40 -21.31
C LYS D 351 -111.83 35.44 -22.42
N VAL D 352 -110.74 36.17 -22.19
CA VAL D 352 -109.64 36.23 -23.14
C VAL D 352 -108.68 35.10 -22.83
N VAL D 353 -108.52 34.17 -23.77
CA VAL D 353 -107.58 33.07 -23.62
C VAL D 353 -106.42 33.27 -24.60
N ALA D 354 -105.21 33.26 -24.06
CA ALA D 354 -104.00 33.42 -24.83
C ALA D 354 -103.05 32.29 -24.45
N VAL D 355 -102.08 32.01 -25.33
CA VAL D 355 -101.03 31.03 -25.06
C VAL D 355 -99.70 31.58 -25.55
N ASP D 356 -98.63 30.92 -25.15
CA ASP D 356 -97.28 31.33 -25.54
C ASP D 356 -96.47 30.10 -25.90
N ALA D 357 -95.84 30.14 -27.08
CA ALA D 357 -95.04 29.01 -27.54
C ALA D 357 -93.80 28.76 -26.68
N ASP D 358 -93.50 29.67 -25.75
CA ASP D 358 -92.36 29.49 -24.86
C ASP D 358 -92.73 28.51 -23.75
N SER D 359 -91.88 28.41 -22.73
CA SER D 359 -92.11 27.49 -21.62
C SER D 359 -91.70 28.15 -20.32
N GLY D 360 -92.29 27.64 -19.23
CA GLY D 360 -91.98 28.16 -17.91
C GLY D 360 -92.50 29.58 -17.71
N HIS D 361 -91.74 30.37 -16.94
CA HIS D 361 -92.11 31.76 -16.72
C HIS D 361 -92.13 32.56 -18.00
N ASN D 362 -91.51 32.07 -19.08
CA ASN D 362 -91.56 32.75 -20.35
C ASN D 362 -92.85 32.49 -21.12
N ALA D 363 -93.68 31.55 -20.65
CA ALA D 363 -95.03 31.37 -21.16
C ALA D 363 -96.08 31.65 -20.09
N TRP D 364 -95.66 32.18 -18.95
CA TRP D 364 -96.55 32.48 -17.82
C TRP D 364 -97.29 33.78 -18.12
N LEU D 365 -98.58 33.66 -18.43
CA LEU D 365 -99.34 34.76 -19.00
C LEU D 365 -100.11 35.53 -17.93
N SER D 366 -100.08 36.86 -18.06
CA SER D 366 -100.88 37.76 -17.24
C SER D 366 -101.66 38.69 -18.18
N TYR D 367 -102.87 39.06 -17.74
CA TYR D 367 -103.75 39.91 -18.54
C TYR D 367 -103.94 41.23 -17.80
N HIS D 368 -103.41 42.30 -18.40
CA HIS D 368 -103.47 43.64 -17.80
C HIS D 368 -104.35 44.55 -18.65
N VAL D 369 -105.01 45.49 -17.98
CA VAL D 369 -105.89 46.44 -18.65
C VAL D 369 -105.07 47.66 -19.03
N LEU D 370 -104.79 47.81 -20.32
CA LEU D 370 -104.05 48.97 -20.80
C LEU D 370 -104.85 50.26 -20.58
N GLN D 371 -106.07 50.32 -21.12
CA GLN D 371 -106.91 51.48 -20.87
C GLN D 371 -108.36 51.09 -21.07
N ALA D 372 -109.26 52.01 -20.74
CA ALA D 372 -110.68 51.77 -20.85
C ALA D 372 -111.43 53.08 -20.69
N SER D 373 -112.60 53.16 -21.32
CA SER D 373 -113.48 54.31 -21.11
C SER D 373 -114.07 54.31 -19.71
N ASP D 374 -114.31 53.14 -19.14
CA ASP D 374 -114.88 53.02 -17.80
C ASP D 374 -114.01 52.14 -16.93
N PRO D 375 -113.30 52.69 -15.95
CA PRO D 375 -112.60 51.86 -14.96
C PRO D 375 -113.49 51.54 -13.77
N GLY D 376 -113.33 50.33 -13.24
CA GLY D 376 -114.10 49.88 -12.10
C GLY D 376 -115.42 49.21 -12.44
N LEU D 377 -115.87 49.30 -13.69
CA LEU D 377 -117.09 48.59 -14.06
C LEU D 377 -116.78 47.18 -14.52
N PHE D 378 -115.57 46.95 -15.01
CA PHE D 378 -115.11 45.63 -15.47
C PHE D 378 -113.92 45.19 -14.64
N SER D 379 -113.98 43.96 -14.12
CA SER D 379 -112.87 43.33 -13.43
C SER D 379 -112.56 42.02 -14.13
N LEU D 380 -111.28 41.80 -14.45
CA LEU D 380 -110.85 40.58 -15.12
C LEU D 380 -110.01 39.73 -14.18
N GLY D 381 -110.08 38.42 -14.36
CA GLY D 381 -109.15 37.53 -13.69
C GLY D 381 -107.76 37.72 -14.25
N LEU D 382 -106.78 37.91 -13.36
CA LEU D 382 -105.43 38.23 -13.82
C LEU D 382 -104.84 37.09 -14.65
N ARG D 383 -104.99 35.85 -14.19
CA ARG D 383 -104.45 34.70 -14.91
C ARG D 383 -105.50 34.00 -15.79
N THR D 384 -106.73 33.88 -15.31
CA THR D 384 -107.75 33.20 -16.11
C THR D 384 -108.20 34.03 -17.30
N GLY D 385 -108.11 35.36 -17.19
CA GLY D 385 -108.55 36.23 -18.27
C GLY D 385 -110.04 36.49 -18.32
N GLU D 386 -110.80 36.05 -17.33
CA GLU D 386 -112.24 36.24 -17.31
C GLU D 386 -112.55 37.70 -16.99
N VAL D 387 -112.83 38.51 -18.01
CA VAL D 387 -113.31 39.87 -17.80
C VAL D 387 -114.82 39.83 -17.63
N ARG D 388 -115.27 40.22 -16.43
CA ARG D 388 -116.67 40.23 -16.05
C ARG D 388 -117.00 41.60 -15.45
N THR D 389 -118.25 41.77 -15.05
CA THR D 389 -118.70 43.03 -14.46
C THR D 389 -118.30 43.11 -13.00
N ALA D 390 -117.71 44.25 -12.60
CA ALA D 390 -117.32 44.45 -11.21
C ALA D 390 -118.45 44.98 -10.34
N ARG D 391 -119.25 45.91 -10.88
CA ARG D 391 -120.39 46.46 -10.16
C ARG D 391 -121.54 46.62 -11.14
N ALA D 392 -122.77 46.58 -10.61
CA ALA D 392 -123.95 46.73 -11.44
C ALA D 392 -123.96 48.11 -12.09
N LEU D 393 -124.18 48.13 -13.40
CA LEU D 393 -124.05 49.36 -14.18
C LEU D 393 -125.27 50.25 -14.01
N SER D 394 -125.04 51.51 -13.68
CA SER D 394 -126.11 52.49 -13.68
C SER D 394 -126.60 52.73 -15.10
N ASP D 395 -127.86 53.14 -15.22
CA ASP D 395 -128.40 53.45 -16.55
C ASP D 395 -127.73 54.66 -17.17
N LYS D 396 -127.08 55.50 -16.37
CA LYS D 396 -126.43 56.70 -16.90
C LYS D 396 -125.15 56.39 -17.68
N ASP D 397 -124.65 55.15 -17.64
CA ASP D 397 -123.43 54.82 -18.35
C ASP D 397 -123.66 54.92 -19.86
N ALA D 398 -122.59 55.25 -20.58
CA ALA D 398 -122.68 55.36 -22.03
C ALA D 398 -122.96 54.00 -22.64
N ALA D 399 -123.78 53.98 -23.68
CA ALA D 399 -124.14 52.73 -24.35
C ALA D 399 -122.96 52.10 -25.09
N ARG D 400 -121.80 52.74 -25.11
CA ARG D 400 -120.62 52.22 -25.78
C ARG D 400 -119.43 52.31 -24.81
N GLN D 401 -118.92 51.16 -24.40
CA GLN D 401 -117.76 51.06 -23.53
C GLN D 401 -116.60 50.41 -24.28
N ARG D 402 -115.45 51.08 -24.28
CA ARG D 402 -114.25 50.60 -24.95
C ARG D 402 -113.27 50.03 -23.93
N LEU D 403 -112.70 48.87 -24.25
CA LEU D 403 -111.72 48.22 -23.39
C LEU D 403 -110.47 47.95 -24.20
N LEU D 404 -109.32 48.12 -23.57
CA LEU D 404 -108.02 47.87 -24.19
C LEU D 404 -107.20 47.06 -23.19
N VAL D 405 -107.11 45.76 -23.46
CA VAL D 405 -106.43 44.81 -22.59
C VAL D 405 -105.12 44.39 -23.26
N ALA D 406 -104.15 44.01 -22.44
CA ALA D 406 -102.88 43.52 -22.93
C ALA D 406 -102.53 42.24 -22.20
N VAL D 407 -101.99 41.26 -22.91
CA VAL D 407 -101.52 40.01 -22.32
C VAL D 407 -100.00 40.02 -22.34
N ARG D 408 -99.40 39.71 -21.19
CA ARG D 408 -97.95 39.77 -21.01
C ARG D 408 -97.45 38.47 -20.39
N ASP D 409 -96.18 38.17 -20.64
CA ASP D 409 -95.52 37.01 -20.05
C ASP D 409 -94.60 37.45 -18.91
N GLY D 410 -94.08 36.48 -18.20
CA GLY D 410 -93.23 36.72 -17.05
C GLY D 410 -91.75 36.79 -17.34
N GLY D 411 -91.35 36.91 -18.60
CA GLY D 411 -89.95 36.98 -18.95
C GLY D 411 -89.34 38.34 -18.62
N GLN D 412 -88.03 38.40 -18.78
CA GLN D 412 -87.27 39.63 -18.52
C GLN D 412 -86.49 40.00 -19.77
N PRO D 413 -86.90 41.04 -20.52
CA PRO D 413 -88.11 41.82 -20.25
C PRO D 413 -89.36 41.14 -20.80
N PRO D 414 -90.53 41.48 -20.25
CA PRO D 414 -91.76 40.81 -20.70
C PRO D 414 -92.16 41.22 -22.11
N LEU D 415 -92.87 40.32 -22.78
CA LEU D 415 -93.46 40.57 -24.09
C LEU D 415 -94.97 40.56 -23.97
N SER D 416 -95.62 41.33 -24.85
CA SER D 416 -97.06 41.54 -24.73
C SER D 416 -97.71 41.52 -26.11
N ALA D 417 -99.02 41.29 -26.08
CA ALA D 417 -99.89 41.45 -27.24
C ALA D 417 -101.16 42.15 -26.78
N THR D 418 -101.58 43.16 -27.52
CA THR D 418 -102.72 43.97 -27.13
C THR D 418 -103.97 43.57 -27.91
N ALA D 419 -105.13 43.83 -27.30
CA ALA D 419 -106.41 43.53 -27.89
C ALA D 419 -107.43 44.55 -27.39
N THR D 420 -108.33 44.95 -28.27
CA THR D 420 -109.35 45.96 -27.96
C THR D 420 -110.71 45.27 -27.96
N LEU D 421 -111.34 45.22 -26.78
CA LEU D 421 -112.69 44.68 -26.63
C LEU D 421 -113.69 45.83 -26.64
N LEU D 422 -114.44 45.96 -27.72
CA LEU D 422 -115.50 46.96 -27.83
C LEU D 422 -116.81 46.33 -27.37
N LEU D 423 -117.42 46.88 -26.32
CA LEU D 423 -118.61 46.32 -25.72
C LEU D 423 -119.70 47.38 -25.68
N VAL D 424 -120.79 47.13 -26.40
CA VAL D 424 -121.95 48.02 -26.39
C VAL D 424 -123.16 47.25 -25.85
N PHE D 425 -124.12 48.00 -25.32
CA PHE D 425 -125.25 47.44 -24.60
C PHE D 425 -126.51 47.44 -25.47
N ALA D 426 -127.43 46.54 -25.13
CA ALA D 426 -128.66 46.38 -25.90
C ALA D 426 -129.77 45.87 -24.99
N ASP D 427 -130.94 46.51 -25.08
CA ASP D 427 -132.14 46.11 -24.33
C ASP D 427 -131.87 45.99 -22.83
C1 NAG E . 62.33 -12.06 37.06
C2 NAG E . 61.07 -12.67 37.66
C3 NAG E . 60.47 -11.74 38.71
C4 NAG E . 61.50 -11.33 39.74
C5 NAG E . 62.74 -10.78 39.04
C6 NAG E . 63.88 -10.43 39.98
C7 NAG E . 59.83 -14.21 36.20
C8 NAG E . 58.80 -14.33 35.11
N2 NAG E . 60.10 -12.97 36.62
O3 NAG E . 59.37 -12.38 39.35
O4 NAG E . 60.94 -10.34 40.60
O5 NAG E . 63.25 -11.75 38.12
O6 NAG E . 64.77 -11.52 40.20
O7 NAG E . 60.38 -15.20 36.67
C1 NAG E . 61.14 -10.66 42.00
C2 NAG E . 61.32 -9.34 42.76
C3 NAG E . 61.55 -9.62 44.24
C4 NAG E . 60.46 -10.50 44.80
C5 NAG E . 60.29 -11.77 43.96
C6 NAG E . 59.14 -12.65 44.39
C7 NAG E . 62.23 -7.60 41.29
C8 NAG E . 63.47 -6.89 40.83
N2 NAG E . 62.41 -8.55 42.20
O3 NAG E . 61.59 -8.38 44.95
O4 NAG E . 60.75 -10.87 46.14
O5 NAG E . 60.06 -11.41 42.58
O6 NAG E . 59.22 -13.01 45.75
O7 NAG E . 61.13 -7.33 40.84
C1 FUC E . 66.06 -10.94 40.56
C2 FUC E . 66.23 -11.00 42.11
C3 FUC E . 66.41 -12.44 42.59
C4 FUC E . 67.60 -13.09 41.86
C5 FUC E . 67.40 -12.99 40.34
C6 FUC E . 68.61 -13.45 39.54
O2 FUC E . 65.17 -10.36 42.82
O3 FUC E . 66.70 -12.47 43.98
O4 FUC E . 68.80 -12.43 42.23
O5 FUC E . 67.12 -11.62 39.90
C1 NAG F . 29.26 -2.47 15.01
C2 NAG F . 30.48 -3.17 14.43
C3 NAG F . 31.16 -2.29 13.39
C4 NAG F . 30.15 -1.91 12.31
C5 NAG F . 28.95 -1.21 12.94
C6 NAG F . 27.84 -0.90 11.95
C7 NAG F . 31.47 -4.80 15.99
C8 NAG F . 32.50 -5.01 17.07
N2 NAG F . 31.42 -3.56 15.47
O3 NAG F . 32.26 -2.98 12.83
O4 NAG F . 30.76 -1.07 11.33
O5 NAG F . 28.37 -2.06 13.95
O6 NAG F . 26.97 -2.01 11.75
O7 NAG F . 30.73 -5.69 15.61
C1 NAG F . 30.91 -1.85 10.12
C2 NAG F . 31.60 -1.00 9.03
C3 NAG F . 31.89 -1.83 7.78
C4 NAG F . 32.59 -3.14 8.14
C5 NAG F . 31.78 -3.86 9.21
C6 NAG F . 32.41 -5.15 9.66
C7 NAG F . 31.16 1.14 7.89
C8 NAG F . 30.15 2.21 7.64
N2 NAG F . 30.76 0.14 8.70
O3 NAG F . 32.69 -1.09 6.87
O4 NAG F . 32.71 -3.98 7.00
O5 NAG F . 31.67 -3.02 10.37
O6 NAG F . 33.74 -4.91 10.13
O7 NAG F . 32.28 1.17 7.39
C1 NAG G . 16.81 -10.39 -7.00
C2 NAG G . 17.95 -10.70 -6.02
C3 NAG G . 17.49 -11.75 -5.00
C4 NAG G . 16.23 -11.30 -4.31
C5 NAG G . 15.14 -11.03 -5.35
C6 NAG G . 13.83 -10.53 -4.76
C7 NAG G . 20.14 -10.36 -7.06
C8 NAG G . 21.29 -11.01 -7.78
N2 NAG G . 19.13 -11.17 -6.74
O3 NAG G . 18.53 -11.95 -4.05
O4 NAG G . 15.77 -12.32 -3.41
O5 NAG G . 15.61 -10.02 -6.26
O6 NAG G . 13.76 -9.11 -4.71
O7 NAG G . 20.15 -9.16 -6.77
C1 NAG G . 15.76 -11.80 -2.07
C2 NAG G . 15.10 -12.82 -1.14
C3 NAG G . 15.07 -12.31 0.29
C4 NAG G . 16.49 -11.95 0.73
C5 NAG G . 17.10 -10.94 -0.24
C6 NAG G . 18.54 -10.61 0.08
C7 NAG G . 13.34 -14.39 -1.82
C8 NAG G . 11.92 -14.55 -2.27
N2 NAG G . 13.75 -13.14 -1.60
O3 NAG G . 14.51 -13.30 1.14
O4 NAG G . 16.49 -11.41 2.05
O5 NAG G . 17.08 -11.47 -1.57
O6 NAG G . 19.40 -11.70 -0.20
O7 NAG G . 14.08 -15.36 -1.66
C1 BMA G . 16.88 -12.49 2.94
C2 BMA G . 17.56 -11.91 4.19
C3 BMA G . 17.93 -13.07 5.12
C4 BMA G . 16.73 -14.03 5.36
C5 BMA G . 16.07 -14.44 4.03
C6 BMA G . 14.79 -15.25 4.21
O2 BMA G . 16.67 -11.08 4.92
O3 BMA G . 18.43 -12.61 6.37
O4 BMA G . 17.17 -15.20 6.05
O5 BMA G . 15.74 -13.25 3.31
O6 BMA G . 15.13 -16.50 4.77
C1 NAG H . -68.44 1.42 -29.28
C2 NAG H . -67.54 0.24 -28.93
C3 NAG H . -67.11 -0.49 -30.21
C4 NAG H . -68.32 -0.86 -31.05
C5 NAG H . -69.22 0.37 -31.28
C6 NAG H . -70.51 0.02 -31.98
C7 NAG H . -66.16 0.29 -26.90
C8 NAG H . -67.21 -0.60 -26.29
N2 NAG H . -66.39 0.66 -28.17
O3 NAG H . -66.38 -1.66 -29.87
O4 NAG H . -67.90 -1.37 -32.31
O5 NAG H . -69.57 0.97 -30.02
O6 NAG H . -71.62 0.11 -31.11
O7 NAG H . -65.18 0.66 -26.27
C1 FUC H . -72.77 -0.52 -31.74
C2 FUC H . -74.03 -0.18 -30.91
C3 FUC H . -74.38 1.30 -31.05
C4 FUC H . -74.65 1.61 -32.52
C5 FUC H . -73.40 1.27 -33.36
C6 FUC H . -73.62 1.37 -34.86
O2 FUC H . -73.91 -0.56 -29.54
O3 FUC H . -75.57 1.60 -30.31
O4 FUC H . -75.77 0.87 -32.99
O5 FUC H . -72.91 -0.10 -33.10
CA CA I . 15.43 12.94 15.05
CA CA J . 15.09 15.78 12.25
CA CA K . 9.35 16.99 8.71
CA CA L . -31.49 26.50 1.96
CA CA M . -33.49 25.30 5.29
CA CA N . -40.25 26.33 5.85
CA CA O . -81.80 21.79 -2.67
CA CA P . -81.20 20.36 -6.50
CA CA Q . -86.50 18.32 -10.26
C1 MAN R . 1.52 12.30 1.73
C2 MAN R . 0.47 11.20 1.44
C3 MAN R . 1.13 9.82 1.46
C4 MAN R . 2.37 9.81 0.57
C5 MAN R . 3.34 10.92 1.00
C6 MAN R . 4.54 11.03 0.09
O2 MAN R . -0.09 11.36 0.13
O3 MAN R . 0.24 8.78 1.07
O4 MAN R . 3.02 8.55 0.69
O5 MAN R . 2.65 12.20 0.93
O6 MAN R . 4.07 11.36 -1.22
C1 MAN S . -5.18 11.00 5.08
C2 MAN S . -6.14 9.91 5.60
C3 MAN S . -5.36 8.88 6.41
C4 MAN S . -4.15 8.36 5.61
C5 MAN S . -3.27 9.54 5.18
C6 MAN S . -2.11 9.11 4.32
O2 MAN S . -6.72 9.17 4.52
O3 MAN S . -6.21 7.80 6.80
O4 MAN S . -3.39 7.47 6.41
O5 MAN S . -4.06 10.47 4.41
O6 MAN S . -1.53 10.28 3.78
C1 MAN T . -61.82 13.53 4.05
C2 MAN T . -60.90 13.89 2.85
C3 MAN T . -61.54 13.44 1.54
C4 MAN T . -61.90 11.95 1.62
C5 MAN T . -62.91 11.75 2.76
C6 MAN T . -63.31 10.30 2.94
O2 MAN T . -59.64 13.23 2.94
O3 MAN T . -60.68 13.67 0.41
O4 MAN T . -62.47 11.51 0.39
O5 MAN T . -62.32 12.20 4.01
O6 MAN T . -63.52 10.05 4.33
C1 MAN U . -96.00 11.88 -9.89
C2 MAN U . -96.69 11.57 -8.54
C3 MAN U . -95.76 10.78 -7.61
C4 MAN U . -95.11 9.60 -8.34
C5 MAN U . -94.38 10.12 -9.60
C6 MAN U . -93.69 9.05 -10.41
O2 MAN U . -97.84 10.75 -8.73
O3 MAN U . -96.44 10.32 -6.44
O4 MAN U . -94.17 8.95 -7.50
O5 MAN U . -95.35 10.76 -10.45
O6 MAN U . -92.85 9.68 -11.38
C1 MAN V . -102.29 14.73 -8.53
C2 MAN V . -102.88 15.84 -7.65
C3 MAN V . -102.23 15.83 -6.27
C4 MAN V . -102.23 14.42 -5.66
C5 MAN V . -101.53 13.45 -6.63
C6 MAN V . -101.51 12.02 -6.14
O2 MAN V . -104.28 15.65 -7.43
O3 MAN V . -102.86 16.76 -5.37
O4 MAN V . -101.55 14.41 -4.42
O5 MAN V . -102.23 13.47 -7.89
O6 MAN V . -100.52 11.31 -6.88
C1 MAN W . 35.87 2.97 11.74
C2 MAN W . 34.73 1.94 11.75
C3 MAN W . 34.72 1.19 13.09
C4 MAN W . 36.11 0.66 13.45
C5 MAN W . 37.14 1.80 13.40
C6 MAN W . 38.56 1.33 13.66
O2 MAN W . 34.93 0.94 10.75
O3 MAN W . 33.78 0.12 13.10
O4 MAN W . 36.09 0.14 14.76
O5 MAN W . 37.11 2.41 12.09
O6 MAN W . 39.43 2.46 13.65
C1 NAG X . -50.32 34.89 0.87
C2 NAG X . -49.00 35.46 0.38
C3 NAG X . -48.37 36.30 1.47
C4 NAG X . -49.34 37.37 1.95
C5 NAG X . -50.68 36.75 2.33
C6 NAG X . -51.74 37.79 2.66
C7 NAG X . -47.88 34.09 -1.32
C8 NAG X . -46.92 32.97 -1.57
N2 NAG X . -48.10 34.40 -0.04
O3 NAG X . -47.17 36.92 0.97
O4 NAG X . -48.80 38.05 3.09
O5 NAG X . -51.19 35.96 1.24
O6 NAG X . -52.78 37.80 1.69
O7 NAG X . -48.44 34.69 -2.24
C1 NAG Y . -18.15 10.16 5.80
C2 NAG Y . -19.55 9.92 5.20
C3 NAG Y . -20.10 8.55 5.62
C4 NAG Y . -19.11 7.44 5.34
C5 NAG Y . -17.79 7.77 6.03
C6 NAG Y . -16.71 6.75 5.79
C7 NAG Y . -21.03 11.83 4.73
C8 NAG Y . -21.95 12.86 5.33
N2 NAG Y . -20.46 10.98 5.60
O3 NAG Y . -21.31 8.31 4.90
O4 NAG Y . -19.59 6.19 5.82
O5 NAG Y . -17.31 9.02 5.53
O6 NAG Y . -16.39 6.61 4.41
O7 NAG Y . -20.82 11.76 3.53
CA CA Z . -4.23 6.71 20.19
CA CA AA . -3.73 3.30 22.48
CA CA BA . 2.12 -0.42 22.86
CA CA CA . 43.44 -10.54 28.99
CA CA DA . 44.93 -6.62 28.71
CA CA EA . 51.98 -6.27 29.60
CA CA FA . 93.08 -14.13 21.44
CA CA GA . 92.61 -18.13 19.88
CA CA HA . 97.36 -21.82 16.83
C1 MAN IA . 9.64 -6.16 16.61
C2 MAN IA . 10.38 -5.59 15.38
C3 MAN IA . 9.37 -5.15 14.31
C4 MAN IA . 8.39 -6.28 14.02
C5 MAN IA . 7.67 -6.69 15.32
C6 MAN IA . 6.70 -7.83 15.12
O2 MAN IA . 11.20 -6.57 14.74
O3 MAN IA . 10.02 -4.73 13.12
O4 MAN IA . 7.44 -5.85 13.05
O5 MAN IA . 8.66 -7.11 16.29
O6 MAN IA . 6.39 -8.37 16.40
C1 MAN JA . 16.72 -2.71 16.12
C2 MAN JA . 16.99 -1.63 15.07
C3 MAN JA . 15.69 -1.30 14.31
C4 MAN JA . 15.02 -2.59 13.80
C5 MAN JA . 14.79 -3.55 14.97
C6 MAN JA . 14.18 -4.89 14.56
O2 MAN JA . 17.91 -2.09 14.06
O3 MAN JA . 15.91 -0.39 13.24
O4 MAN JA . 13.78 -2.27 13.19
O5 MAN JA . 16.05 -3.83 15.60
O6 MAN JA . 14.09 -5.71 15.71
C1 MAN KA . 72.38 -7.14 15.21
C2 MAN KA . 71.73 -8.50 15.55
C3 MAN KA . 72.39 -9.61 14.74
C4 MAN KA . 72.43 -9.25 13.24
C5 MAN KA . 73.18 -7.93 13.06
C6 MAN KA . 73.21 -7.47 11.62
O2 MAN KA . 70.34 -8.52 15.20
O3 MAN KA . 71.73 -10.86 14.93
O4 MAN KA . 73.09 -10.27 12.52
O5 MAN KA . 72.51 -6.90 13.83
O6 MAN KA . 74.03 -6.32 11.53
C1 MAN LA . 106.25 -22.07 10.14
C2 MAN LA . 107.35 -21.09 10.63
C3 MAN LA . 106.98 -19.64 10.30
C4 MAN LA . 106.56 -19.51 8.83
C5 MAN LA . 105.38 -20.44 8.55
C6 MAN LA . 104.93 -20.39 7.10
O2 MAN LA . 108.60 -21.34 9.96
O3 MAN LA . 108.04 -18.73 10.61
O4 MAN LA . 106.21 -18.16 8.55
O5 MAN LA . 105.77 -21.80 8.84
O6 MAN LA . 105.26 -19.11 6.57
C1 MAN MA . 113.34 -21.21 12.88
C2 MAN MA . 113.89 -20.05 13.75
C3 MAN MA . 113.28 -18.70 13.31
C4 MAN MA . 113.40 -18.52 11.79
C5 MAN MA . 112.69 -19.69 11.09
C6 MAN MA . 112.76 -19.61 9.58
O2 MAN MA . 115.31 -19.91 13.61
O3 MAN MA . 113.85 -17.58 14.00
O4 MAN MA . 112.81 -17.28 11.38
O5 MAN MA . 113.35 -20.94 11.49
O6 MAN MA . 111.91 -20.62 9.04
C1 MAN NA . -25.30 6.94 11.31
C2 MAN NA . -24.25 6.83 10.19
C3 MAN NA . -23.97 8.21 9.59
C4 MAN NA . -25.28 8.92 9.21
C5 MAN NA . -26.23 8.97 10.42
C6 MAN NA . -27.60 9.55 10.07
O2 MAN NA . -24.73 6.03 9.11
O3 MAN NA . -23.13 8.12 8.44
O4 MAN NA . -24.97 10.25 8.80
O5 MAN NA . -26.46 7.62 10.91
O6 MAN NA . -27.56 10.95 10.35
CA CA OA . -10.81 -1.21 -25.65
CA CA PA . -7.80 1.14 -27.12
CA CA QA . -1.04 1.34 -24.75
CA CA RA . 37.78 -11.31 -12.52
CA CA SA . 37.08 -15.63 -12.35
CA CA TA . 42.85 -19.29 -10.69
CA CA UA . 74.71 -35.64 13.24
CA CA VA . 74.52 -32.74 15.61
CA CA WA . 78.38 -32.99 20.94
C1 MAN XA . 4.97 2.66 -15.25
C2 MAN XA . 4.33 2.31 -13.88
C3 MAN XA . 3.00 3.04 -13.69
C4 MAN XA . 3.12 4.54 -14.00
C5 MAN XA . 3.72 4.73 -15.41
C6 MAN XA . 3.95 6.19 -15.77
O2 MAN XA . 5.17 2.73 -12.79
O3 MAN XA . 2.45 2.85 -12.38
O4 MAN XA . 1.86 5.17 -13.93
O5 MAN XA . 5.00 4.05 -15.51
O6 MAN XA . 4.64 6.24 -17.01
C1 MAN YA . 8.05 -3.55 -12.71
C2 MAN YA . 6.99 -4.27 -11.86
C3 MAN YA . 5.62 -3.58 -12.05
C4 MAN YA . 5.73 -2.09 -11.75
C5 MAN YA . 6.81 -1.45 -12.66
C6 MAN YA . 7.06 0.02 -12.34
O2 MAN YA . 7.29 -4.18 -10.46
O3 MAN YA . 4.59 -4.17 -11.25
O4 MAN YA . 4.47 -1.48 -12.00
O5 MAN YA . 8.07 -2.16 -12.50
O6 MAN YA . 8.13 0.48 -13.16
C1 MAN ZA . 52.45 -31.93 8.93
C2 MAN ZA . 52.35 -30.39 9.05
C3 MAN ZA . 52.97 -29.92 10.37
C4 MAN ZA . 52.40 -30.70 11.55
C5 MAN ZA . 52.72 -32.18 11.34
C6 MAN ZA . 52.20 -33.07 12.46
O2 MAN ZA . 50.98 -29.95 9.08
O3 MAN ZA . 52.79 -28.52 10.57
O4 MAN ZA . 52.98 -30.26 12.77
O5 MAN ZA . 52.10 -32.63 10.10
O6 MAN ZA . 52.60 -34.41 12.19
C1 MAN AB . 81.86 -39.46 30.09
C2 MAN AB . 81.65 -40.99 29.97
C3 MAN AB . 80.16 -41.32 29.84
C4 MAN AB . 79.34 -40.61 30.92
C5 MAN AB . 79.58 -39.10 30.82
C6 MAN AB . 78.80 -38.30 31.86
O2 MAN AB . 82.09 -41.67 31.15
O3 MAN AB . 79.93 -42.73 29.87
O4 MAN AB . 77.95 -40.88 30.77
O5 MAN AB . 80.99 -38.83 31.01
O6 MAN AB . 78.69 -36.96 31.39
C1 MAN BB . 88.09 -44.24 28.76
C2 MAN BB . 88.62 -45.08 27.57
C3 MAN BB . 87.49 -45.91 26.94
C4 MAN BB . 86.69 -46.67 28.02
C5 MAN BB . 86.18 -45.68 29.07
C6 MAN BB . 85.40 -46.33 30.20
O2 MAN BB . 89.60 -46.02 28.01
O3 MAN BB . 87.98 -46.81 25.96
O4 MAN BB . 85.60 -47.34 27.42
O5 MAN BB . 87.31 -45.00 29.66
O6 MAN BB . 84.74 -45.31 30.92
C1 MAN CB . -30.46 10.63 -25.03
C2 MAN CB . -29.90 10.21 -23.65
C3 MAN CB . -30.49 8.85 -23.19
C4 MAN CB . -32.00 8.75 -23.46
C5 MAN CB . -32.28 9.08 -24.93
C6 MAN CB . -33.76 8.97 -25.29
O2 MAN CB . -30.25 11.16 -22.63
O3 MAN CB . -30.23 8.61 -21.81
O4 MAN CB . -32.47 7.43 -23.18
O5 MAN CB . -31.84 10.43 -25.18
O6 MAN CB . -34.23 10.27 -25.63
C1 NAG DB . 56.22 -19.74 -11.24
C2 NAG DB . 56.15 -18.57 -12.23
C3 NAG DB . 55.79 -19.09 -13.62
C4 NAG DB . 56.74 -20.21 -14.04
C5 NAG DB . 56.78 -21.30 -12.98
C6 NAG DB . 57.78 -22.39 -13.28
C7 NAG DB . 55.57 -16.45 -11.15
C8 NAG DB . 54.46 -15.51 -10.78
N2 NAG DB . 55.21 -17.56 -11.80
O3 NAG DB . 55.85 -18.02 -14.55
O4 NAG DB . 56.33 -20.77 -15.28
O5 NAG DB . 57.15 -20.74 -11.71
O6 NAG DB . 59.12 -21.94 -13.12
O7 NAG DB . 56.74 -16.21 -10.86
CA CA EB . -0.82 -15.88 -14.11
CA CA FB . -3.56 -18.08 -12.12
CA CA GB . -10.02 -15.78 -11.15
CA CA HB . -48.85 -1.66 -20.66
CA CA IB . -48.55 0.46 -24.11
CA CA JB . -54.20 3.48 -27.38
CA CA KB . -87.01 30.25 -31.09
CA CA LB . -88.33 30.19 -26.70
CA CA MB . -92.99 34.70 -24.16
C1 MAN NB . -16.37 -7.34 -7.04
C2 MAN NB . -16.33 -5.81 -7.30
C3 MAN NB . -14.92 -5.25 -7.09
C4 MAN NB . -14.34 -5.71 -5.74
C5 MAN NB . -14.39 -7.24 -5.65
C6 MAN NB . -13.91 -7.76 -4.31
O2 MAN NB . -17.17 -5.10 -6.38
O3 MAN NB . -14.88 -3.84 -7.20
O4 MAN NB . -13.00 -5.27 -5.60
O5 MAN NB . -15.76 -7.72 -5.83
O6 MAN NB . -14.34 -9.10 -4.18
C1 MAN OB . -18.14 -3.56 -11.89
C2 MAN OB . -19.21 -2.91 -11.01
C3 MAN OB . -19.54 -1.50 -11.55
C4 MAN OB . -18.26 -0.68 -11.78
C5 MAN OB . -17.27 -1.46 -12.68
C6 MAN OB . -15.93 -0.78 -12.83
O2 MAN OB . -18.73 -2.75 -9.65
O3 MAN OB . -20.46 -0.80 -10.72
O4 MAN OB . -18.60 0.56 -12.41
O5 MAN OB . -17.02 -2.75 -12.08
O6 MAN OB . -15.08 -1.17 -11.76
C1 MAN PB . -65.29 25.70 -27.05
C2 MAN PB . -65.48 24.73 -25.87
C3 MAN PB . -66.33 25.39 -24.79
C4 MAN PB . -65.74 26.76 -24.41
C5 MAN PB . -65.70 27.64 -25.67
C6 MAN PB . -65.11 29.02 -25.41
O2 MAN PB . -64.23 24.42 -25.24
O3 MAN PB . -66.44 24.56 -23.64
O4 MAN PB . -66.54 27.36 -23.42
O5 MAN PB . -64.89 26.99 -26.67
O6 MAN PB . -65.27 29.81 -26.59
C1 MAN QB . -97.36 45.16 -24.16
C2 MAN QB . -97.20 45.95 -25.48
C3 MAN QB . -95.71 46.11 -25.84
C4 MAN QB . -94.90 46.60 -24.63
C5 MAN QB . -95.12 45.63 -23.45
C6 MAN QB . -94.38 46.03 -22.19
O2 MAN QB . -97.70 47.30 -25.36
O3 MAN QB . -95.54 46.99 -26.95
O4 MAN QB . -93.52 46.67 -24.95
O5 MAN QB . -96.52 45.59 -23.13
O6 MAN QB . -94.50 44.97 -21.24
C1 MAN RB . -102.80 46.91 -29.12
C2 MAN RB . -103.21 46.69 -30.61
C3 MAN RB . -101.98 46.78 -31.51
C4 MAN RB . -101.16 48.06 -31.21
C5 MAN RB . -100.78 48.09 -29.72
C6 MAN RB . -100.01 49.34 -29.33
O2 MAN RB . -104.12 47.70 -31.06
O3 MAN RB . -102.33 46.73 -32.89
O4 MAN RB . -99.98 48.07 -32.01
O5 MAN RB . -101.99 48.04 -28.93
O6 MAN RB . -99.44 49.14 -28.03
C1 MAN SB . 18.84 -18.28 -2.76
C2 MAN SB . 18.86 -16.88 -3.39
C3 MAN SB . 19.97 -16.82 -4.43
C4 MAN SB . 21.31 -17.25 -3.83
C5 MAN SB . 21.19 -18.65 -3.18
C6 MAN SB . 22.44 -19.05 -2.41
O2 MAN SB . 19.20 -15.88 -2.42
O3 MAN SB . 20.07 -15.52 -4.99
O4 MAN SB . 22.31 -17.30 -4.85
O5 MAN SB . 20.09 -18.66 -2.24
O6 MAN SB . 23.54 -19.01 -3.31
C1 NAG TB . -29.20 4.75 -17.82
C2 NAG TB . -30.45 5.64 -17.76
C3 NAG TB . -30.20 6.94 -18.52
C4 NAG TB . -28.95 7.63 -18.00
C5 NAG TB . -27.76 6.68 -18.07
C6 NAG TB . -26.50 7.25 -17.46
C7 NAG TB . -32.67 4.63 -17.55
C8 NAG TB . -33.79 3.92 -18.27
N2 NAG TB . -31.61 4.95 -18.29
O3 NAG TB . -31.32 7.80 -18.39
O4 NAG TB . -28.67 8.80 -18.77
O5 NAG TB . -28.05 5.48 -17.33
O6 NAG TB . -26.46 7.07 -16.04
O7 NAG TB . -32.73 4.90 -16.35
#